data_5LS9
#
_entry.id   5LS9
#
_cell.length_a   185.797
_cell.length_b   190.650
_cell.length_c   176.537
_cell.angle_alpha   90.000
_cell.angle_beta   90.000
_cell.angle_gamma   90.000
#
_symmetry.space_group_name_H-M   'C 2 2 21'
#
loop_
_entity.id
_entity.type
_entity.pdbx_description
1 polymer 'Ferritin, putative'
2 non-polymer 'MAGNESIUM ION'
3 water water
#
_entity_poly.entity_id   1
_entity_poly.type   'polypeptide(L)'
_entity_poly.pdbx_seq_one_letter_code
;MASISEKMVEALNRQINAEIYSAYLYLSMASYFDSIGLKGFSNWMRVQWQEELCHAMKMFDFVSERGGRIFLQDIKKPDS
EWESPLAAFEHVYEHEVNVTKRIHELVEMAMQEKDFATYNFLQWYVAEQVEEEASALDIVEKLRLIGEDKRALLFLDKEL
SLRQFTPPAEEEK
;
_entity_poly.pdbx_strand_id   A,B,C,D,E,F,G,H,I,J,K,L
#
loop_
_chem_comp.id
_chem_comp.type
_chem_comp.name
_chem_comp.formula
MG non-polymer 'MAGNESIUM ION' 'Mg 2'
#
# COMPACT_ATOMS: atom_id res chain seq x y z
N SER A 3 -42.09 35.37 -12.56
CA SER A 3 -41.06 34.39 -12.09
C SER A 3 -41.62 33.56 -10.93
N ILE A 4 -40.76 33.05 -10.03
CA ILE A 4 -41.20 32.09 -8.98
C ILE A 4 -42.17 32.71 -7.98
N SER A 5 -43.22 31.97 -7.65
CA SER A 5 -44.27 32.46 -6.76
C SER A 5 -43.86 32.43 -5.28
N GLU A 6 -44.54 33.23 -4.46
CA GLU A 6 -44.34 33.22 -3.01
C GLU A 6 -44.77 31.88 -2.42
N LYS A 7 -45.86 31.32 -2.95
CA LYS A 7 -46.43 30.08 -2.41
C LYS A 7 -45.49 28.88 -2.60
N MET A 8 -44.80 28.83 -3.74
CA MET A 8 -43.79 27.81 -4.00
C MET A 8 -42.61 27.92 -3.04
N VAL A 9 -42.03 29.12 -2.94
CA VAL A 9 -40.83 29.35 -2.12
C VAL A 9 -41.04 28.86 -0.66
N GLU A 10 -42.26 29.01 -0.15
CA GLU A 10 -42.64 28.47 1.15
C GLU A 10 -42.82 26.94 1.09
N ALA A 11 -43.49 26.46 0.04
CA ALA A 11 -43.72 25.02 -0.12
C ALA A 11 -42.43 24.20 -0.32
N LEU A 12 -41.40 24.80 -0.91
CA LEU A 12 -40.11 24.12 -1.14
C LEU A 12 -39.25 24.11 0.11
N ASN A 13 -39.29 25.21 0.87
CA ASN A 13 -38.57 25.27 2.15
C ASN A 13 -39.09 24.25 3.15
N ARG A 14 -40.33 23.80 2.99
CA ARG A 14 -40.83 22.66 3.74
C ARG A 14 -40.11 21.37 3.30
N GLN A 15 -40.11 21.10 1.99
CA GLN A 15 -39.53 19.85 1.46
C GLN A 15 -38.02 19.75 1.72
N ILE A 16 -37.34 20.89 1.80
CA ILE A 16 -35.92 20.92 2.21
C ILE A 16 -35.84 20.34 3.61
N ASN A 17 -36.53 20.99 4.54
CA ASN A 17 -36.65 20.51 5.91
C ASN A 17 -37.08 19.04 5.94
N ALA A 18 -38.11 18.70 5.16
CA ALA A 18 -38.60 17.33 5.10
C ALA A 18 -37.51 16.36 4.65
N GLU A 19 -36.73 16.76 3.63
CA GLU A 19 -35.59 15.96 3.18
C GLU A 19 -34.49 15.94 4.25
N ILE A 20 -34.29 17.05 4.96
CA ILE A 20 -33.32 17.08 6.06
C ILE A 20 -33.78 16.19 7.21
N TYR A 21 -35.09 16.07 7.42
CA TYR A 21 -35.61 15.16 8.45
C TYR A 21 -35.42 13.70 8.01
N SER A 22 -35.65 13.42 6.73
CA SER A 22 -35.41 12.08 6.20
C SER A 22 -33.96 11.65 6.41
N ALA A 23 -33.03 12.59 6.36
CA ALA A 23 -31.64 12.30 6.64
C ALA A 23 -31.48 11.93 8.11
N TYR A 24 -31.89 12.84 8.99
CA TYR A 24 -31.72 12.70 10.44
C TYR A 24 -32.33 11.40 10.94
N LEU A 25 -33.50 11.05 10.38
CA LEU A 25 -34.13 9.74 10.65
C LEU A 25 -33.11 8.65 10.37
N TYR A 26 -32.70 8.58 9.12
CA TYR A 26 -31.83 7.53 8.63
C TYR A 26 -30.47 7.52 9.31
N LEU A 27 -30.05 8.65 9.87
CA LEU A 27 -28.84 8.65 10.68
C LEU A 27 -29.10 7.96 12.02
N SER A 28 -30.29 8.19 12.58
CA SER A 28 -30.69 7.60 13.87
C SER A 28 -31.03 6.11 13.74
N MET A 29 -31.33 5.66 12.53
CA MET A 29 -31.49 4.22 12.28
C MET A 29 -30.16 3.48 12.21
N ALA A 30 -29.09 4.21 11.91
CA ALA A 30 -27.73 3.66 11.95
C ALA A 30 -27.37 3.39 13.41
N SER A 31 -27.29 4.46 14.21
CA SER A 31 -27.11 4.36 15.67
C SER A 31 -27.77 3.12 16.27
N TYR A 32 -29.02 2.87 15.86
CA TYR A 32 -29.77 1.68 16.29
C TYR A 32 -29.08 0.38 15.87
N PHE A 33 -28.90 0.22 14.56
CA PHE A 33 -28.23 -0.95 14.00
C PHE A 33 -26.80 -1.12 14.61
N ASP A 34 -26.10 0.00 14.79
CA ASP A 34 -24.83 0.02 15.54
C ASP A 34 -25.00 -0.67 16.90
N SER A 35 -26.00 -0.25 17.67
CA SER A 35 -26.22 -0.80 19.01
C SER A 35 -26.62 -2.30 19.06
N ILE A 36 -27.04 -2.88 17.94
CA ILE A 36 -27.26 -4.33 17.87
C ILE A 36 -26.27 -5.03 16.94
N GLY A 37 -25.07 -4.46 16.80
CA GLY A 37 -23.95 -5.16 16.17
C GLY A 37 -23.96 -5.33 14.66
N LEU A 38 -25.00 -4.87 13.96
CA LEU A 38 -25.04 -4.96 12.50
C LEU A 38 -24.34 -3.76 11.84
N LYS A 39 -23.27 -4.01 11.10
CA LYS A 39 -22.49 -2.95 10.46
C LYS A 39 -22.94 -2.70 9.04
N GLY A 40 -23.46 -3.74 8.40
CA GLY A 40 -23.97 -3.60 7.03
C GLY A 40 -25.23 -2.77 7.01
N PHE A 41 -26.16 -3.09 7.89
CA PHE A 41 -27.39 -2.32 8.02
C PHE A 41 -27.07 -0.89 8.44
N SER A 42 -26.19 -0.73 9.43
CA SER A 42 -25.75 0.62 9.84
C SER A 42 -25.25 1.42 8.63
N ASN A 43 -24.30 0.83 7.89
CA ASN A 43 -23.69 1.46 6.71
C ASN A 43 -24.71 1.95 5.69
N TRP A 44 -25.69 1.11 5.37
CA TRP A 44 -26.74 1.42 4.39
C TRP A 44 -27.43 2.73 4.73
N MET A 45 -27.73 2.91 6.02
CA MET A 45 -28.33 4.13 6.53
C MET A 45 -27.34 5.29 6.49
N ARG A 46 -26.10 5.02 6.87
CA ARG A 46 -25.04 6.04 6.84
C ARG A 46 -24.88 6.59 5.43
N VAL A 47 -24.97 5.72 4.43
CA VAL A 47 -24.95 6.15 3.03
C VAL A 47 -26.18 6.97 2.72
N GLN A 48 -27.35 6.38 2.98
CA GLN A 48 -28.64 7.06 2.78
C GLN A 48 -28.69 8.43 3.48
N TRP A 49 -28.15 8.50 4.69
CA TRP A 49 -28.10 9.75 5.48
C TRP A 49 -27.51 10.88 4.66
N GLN A 50 -26.41 10.59 3.97
CA GLN A 50 -25.80 11.52 3.04
C GLN A 50 -26.71 11.77 1.86
N GLU A 51 -27.18 10.69 1.23
CA GLU A 51 -27.92 10.81 -0.04
C GLU A 51 -29.17 11.72 0.02
N GLU A 52 -29.97 11.57 1.06
CA GLU A 52 -31.15 12.44 1.24
C GLU A 52 -30.71 13.87 1.62
N LEU A 53 -29.61 13.98 2.37
CA LEU A 53 -28.98 15.28 2.61
C LEU A 53 -28.52 15.87 1.28
N CYS A 54 -28.09 15.00 0.36
CA CYS A 54 -27.69 15.40 -1.01
C CYS A 54 -28.90 15.94 -1.78
N HIS A 55 -30.03 15.24 -1.67
CA HIS A 55 -31.28 15.69 -2.26
C HIS A 55 -31.71 17.05 -1.72
N ALA A 56 -31.45 17.27 -0.43
CA ALA A 56 -31.75 18.55 0.19
C ALA A 56 -30.95 19.68 -0.44
N MET A 57 -29.62 19.55 -0.44
CA MET A 57 -28.77 20.61 -0.97
C MET A 57 -28.96 20.82 -2.49
N LYS A 58 -29.42 19.80 -3.20
CA LYS A 58 -29.80 19.96 -4.60
C LYS A 58 -30.90 21.00 -4.69
N MET A 59 -31.87 20.89 -3.79
CA MET A 59 -33.07 21.75 -3.81
C MET A 59 -32.78 23.14 -3.26
N PHE A 60 -31.98 23.20 -2.20
CA PHE A 60 -31.50 24.46 -1.67
C PHE A 60 -30.96 25.33 -2.80
N ASP A 61 -30.18 24.73 -3.68
CA ASP A 61 -29.58 25.44 -4.82
C ASP A 61 -30.59 25.92 -5.85
N PHE A 62 -31.59 25.10 -6.17
CA PHE A 62 -32.63 25.49 -7.15
C PHE A 62 -33.43 26.73 -6.72
N VAL A 63 -33.74 26.83 -5.44
CA VAL A 63 -34.45 27.99 -4.88
C VAL A 63 -33.60 29.27 -5.02
N SER A 64 -32.44 29.27 -4.37
CA SER A 64 -31.42 30.33 -4.50
C SER A 64 -31.14 30.79 -5.93
N GLU A 65 -31.22 29.84 -6.86
CA GLU A 65 -31.04 30.11 -8.30
C GLU A 65 -32.26 30.85 -8.85
N ARG A 66 -33.46 30.36 -8.52
CA ARG A 66 -34.73 30.92 -9.01
C ARG A 66 -35.10 32.27 -8.38
N GLY A 67 -34.32 32.71 -7.39
CA GLY A 67 -34.55 33.99 -6.75
C GLY A 67 -35.52 33.87 -5.59
N GLY A 68 -35.21 32.96 -4.66
CA GLY A 68 -35.98 32.78 -3.42
C GLY A 68 -35.06 32.69 -2.22
N ARG A 69 -35.56 33.11 -1.07
CA ARG A 69 -34.80 33.06 0.18
C ARG A 69 -35.11 31.77 0.93
N ILE A 70 -34.07 31.08 1.41
CA ILE A 70 -34.24 29.83 2.13
C ILE A 70 -34.28 30.09 3.63
N PHE A 71 -35.23 29.46 4.32
CA PHE A 71 -35.34 29.57 5.77
C PHE A 71 -35.42 28.19 6.42
N LEU A 72 -34.51 27.96 7.37
CA LEU A 72 -34.31 26.65 7.99
C LEU A 72 -34.93 26.58 9.37
N GLN A 73 -35.98 25.78 9.51
CA GLN A 73 -36.66 25.58 10.79
C GLN A 73 -35.88 24.62 11.71
N ASP A 74 -36.33 24.50 12.95
CA ASP A 74 -35.81 23.49 13.87
C ASP A 74 -36.17 22.08 13.41
N ILE A 75 -35.30 21.10 13.66
CA ILE A 75 -35.54 19.72 13.19
C ILE A 75 -36.08 18.87 14.34
N LYS A 76 -37.11 18.06 14.05
CA LYS A 76 -37.74 17.21 15.08
C LYS A 76 -36.77 16.13 15.57
N LYS A 77 -36.87 15.79 16.86
CA LYS A 77 -36.15 14.64 17.38
C LYS A 77 -36.73 13.39 16.72
N PRO A 78 -35.88 12.53 16.12
CA PRO A 78 -36.39 11.35 15.43
C PRO A 78 -36.54 10.17 16.38
N ASP A 79 -37.25 9.15 15.91
CA ASP A 79 -37.33 7.88 16.64
C ASP A 79 -35.92 7.35 16.93
N SER A 80 -35.73 6.74 18.09
CA SER A 80 -34.44 6.17 18.50
C SER A 80 -34.41 4.64 18.44
N GLU A 81 -35.59 4.01 18.57
CA GLU A 81 -35.68 2.57 18.74
C GLU A 81 -36.76 1.91 17.87
N TRP A 82 -36.59 0.61 17.67
CA TRP A 82 -37.52 -0.22 16.92
C TRP A 82 -37.52 -1.58 17.58
N GLU A 83 -38.41 -2.46 17.13
CA GLU A 83 -38.52 -3.83 17.64
C GLU A 83 -37.40 -4.71 17.10
N SER A 84 -37.16 -4.58 15.80
CA SER A 84 -36.25 -5.46 15.08
C SER A 84 -35.68 -4.75 13.86
N PRO A 85 -34.94 -5.49 13.02
CA PRO A 85 -34.62 -5.05 11.67
C PRO A 85 -35.83 -4.86 10.77
N LEU A 86 -36.77 -5.80 10.78
CA LEU A 86 -37.94 -5.74 9.88
C LEU A 86 -38.80 -4.49 10.15
N ALA A 87 -39.00 -4.18 11.43
CA ALA A 87 -39.78 -2.99 11.85
C ALA A 87 -39.09 -1.65 11.52
N ALA A 88 -37.77 -1.64 11.61
CA ALA A 88 -36.96 -0.52 11.11
C ALA A 88 -37.22 -0.25 9.63
N PHE A 89 -37.12 -1.29 8.80
CA PHE A 89 -37.23 -1.13 7.32
C PHE A 89 -38.64 -1.10 6.74
N GLU A 90 -39.63 -1.50 7.55
CA GLU A 90 -41.03 -1.20 7.26
C GLU A 90 -41.30 0.30 7.50
N HIS A 91 -40.62 0.88 8.49
CA HIS A 91 -40.70 2.32 8.76
C HIS A 91 -40.06 3.11 7.61
N VAL A 92 -38.95 2.61 7.06
CA VAL A 92 -38.28 3.28 5.94
C VAL A 92 -39.15 3.28 4.70
N TYR A 93 -39.73 2.12 4.36
CA TYR A 93 -40.62 2.03 3.21
C TYR A 93 -41.87 2.93 3.37
N GLU A 94 -42.45 2.93 4.58
CA GLU A 94 -43.63 3.77 4.88
C GLU A 94 -43.31 5.27 4.93
N HIS A 95 -42.09 5.63 5.32
CA HIS A 95 -41.68 7.04 5.33
C HIS A 95 -41.47 7.58 3.91
N GLU A 96 -40.81 6.82 3.05
CA GLU A 96 -40.54 7.27 1.67
C GLU A 96 -41.83 7.39 0.83
N VAL A 97 -42.79 6.50 1.07
CA VAL A 97 -44.09 6.55 0.36
C VAL A 97 -44.83 7.85 0.71
N ASN A 98 -44.74 8.27 1.97
CA ASN A 98 -45.31 9.57 2.41
C ASN A 98 -44.53 10.72 1.78
N VAL A 99 -43.20 10.59 1.75
CA VAL A 99 -42.35 11.59 1.10
C VAL A 99 -42.62 11.68 -0.41
N THR A 100 -42.92 10.55 -1.04
CA THR A 100 -43.17 10.52 -2.49
C THR A 100 -44.47 11.23 -2.85
N LYS A 101 -45.50 11.02 -2.03
CA LYS A 101 -46.77 11.76 -2.14
C LYS A 101 -46.56 13.25 -1.88
N ARG A 102 -45.78 13.56 -0.85
CA ARG A 102 -45.37 14.95 -0.54
C ARG A 102 -44.76 15.70 -1.74
N ILE A 103 -44.18 14.96 -2.68
CA ILE A 103 -43.59 15.55 -3.91
C ILE A 103 -44.59 15.61 -5.07
N HIS A 104 -45.43 14.59 -5.23
CA HIS A 104 -46.53 14.67 -6.19
C HIS A 104 -47.37 15.93 -5.93
N GLU A 105 -47.54 16.29 -4.65
CA GLU A 105 -48.21 17.54 -4.26
C GLU A 105 -47.57 18.79 -4.84
N LEU A 106 -46.24 18.84 -4.79
CA LEU A 106 -45.47 19.91 -5.43
C LEU A 106 -45.51 19.79 -6.97
N VAL A 107 -45.48 18.58 -7.51
CA VAL A 107 -45.56 18.39 -8.98
C VAL A 107 -46.87 18.91 -9.57
N GLU A 108 -47.96 18.76 -8.82
CA GLU A 108 -49.27 19.29 -9.20
C GLU A 108 -49.37 20.79 -8.97
N MET A 109 -48.95 21.23 -7.79
CA MET A 109 -49.02 22.65 -7.42
C MET A 109 -48.22 23.48 -8.41
N ALA A 110 -47.14 22.91 -8.94
CA ALA A 110 -46.37 23.55 -10.00
C ALA A 110 -47.25 23.74 -11.23
N MET A 111 -47.83 22.65 -11.74
CA MET A 111 -48.68 22.71 -12.92
C MET A 111 -49.72 23.83 -12.80
N GLN A 112 -50.31 23.94 -11.61
CA GLN A 112 -51.33 24.96 -11.30
C GLN A 112 -50.83 26.39 -11.53
N GLU A 113 -49.68 26.71 -10.94
CA GLU A 113 -49.10 28.04 -11.08
C GLU A 113 -48.35 28.18 -12.41
N LYS A 114 -48.51 27.18 -13.29
CA LYS A 114 -47.88 27.17 -14.61
C LYS A 114 -46.39 27.44 -14.53
N ASP A 115 -45.79 26.84 -13.50
CA ASP A 115 -44.38 27.02 -13.17
C ASP A 115 -43.66 25.81 -13.77
N PHE A 116 -43.41 25.89 -15.08
CA PHE A 116 -42.87 24.76 -15.82
C PHE A 116 -41.40 24.48 -15.46
N ALA A 117 -40.65 25.53 -15.10
CA ALA A 117 -39.27 25.38 -14.60
C ALA A 117 -39.14 24.47 -13.37
N THR A 118 -40.10 24.58 -12.44
CA THR A 118 -40.14 23.72 -11.25
C THR A 118 -40.57 22.29 -11.62
N TYR A 119 -41.74 22.18 -12.25
CA TYR A 119 -42.27 20.90 -12.72
C TYR A 119 -41.12 20.03 -13.25
N ASN A 120 -40.36 20.63 -14.17
CA ASN A 120 -39.15 20.06 -14.77
C ASN A 120 -38.10 19.64 -13.74
N PHE A 121 -37.68 20.58 -12.91
CA PHE A 121 -36.73 20.30 -11.84
C PHE A 121 -37.18 19.13 -10.95
N LEU A 122 -38.47 19.06 -10.64
CA LEU A 122 -39.00 18.01 -9.76
C LEU A 122 -39.10 16.63 -10.43
N GLN A 123 -39.12 16.59 -11.77
CA GLN A 123 -39.19 15.29 -12.49
C GLN A 123 -38.05 14.32 -12.09
N TRP A 124 -36.91 14.86 -11.65
CA TRP A 124 -35.80 14.04 -11.16
C TRP A 124 -36.17 13.29 -9.87
N TYR A 125 -36.90 13.95 -8.97
CA TYR A 125 -37.34 13.35 -7.70
C TYR A 125 -38.39 12.28 -7.97
N VAL A 126 -39.27 12.56 -8.92
CA VAL A 126 -40.31 11.62 -9.31
C VAL A 126 -39.67 10.29 -9.76
N ALA A 127 -38.58 10.38 -10.54
CA ALA A 127 -37.79 9.19 -10.88
C ALA A 127 -37.12 8.63 -9.62
N GLU A 128 -36.26 9.44 -9.01
CA GLU A 128 -35.48 9.04 -7.84
C GLU A 128 -36.29 8.21 -6.87
N GLN A 129 -37.48 8.71 -6.50
CA GLN A 129 -38.28 8.07 -5.47
C GLN A 129 -38.80 6.69 -5.90
N VAL A 130 -38.80 6.43 -7.20
CA VAL A 130 -39.06 5.09 -7.72
C VAL A 130 -38.01 4.10 -7.22
N GLU A 131 -36.75 4.55 -7.13
CA GLU A 131 -35.63 3.70 -6.69
C GLU A 131 -35.52 3.59 -5.18
N GLU A 132 -36.02 4.59 -4.48
CA GLU A 132 -36.07 4.54 -3.02
C GLU A 132 -37.07 3.47 -2.59
N GLU A 133 -38.29 3.55 -3.13
CA GLU A 133 -39.38 2.66 -2.73
C GLU A 133 -39.12 1.20 -3.10
N ALA A 134 -38.40 1.01 -4.20
CA ALA A 134 -38.10 -0.34 -4.69
C ALA A 134 -36.97 -0.96 -3.89
N SER A 135 -36.02 -0.13 -3.50
CA SER A 135 -34.90 -0.59 -2.70
C SER A 135 -35.41 -1.06 -1.35
N ALA A 136 -36.19 -0.21 -0.69
CA ALA A 136 -36.73 -0.54 0.65
C ALA A 136 -37.64 -1.77 0.61
N LEU A 137 -38.54 -1.83 -0.37
CA LEU A 137 -39.46 -2.96 -0.51
C LEU A 137 -38.70 -4.24 -0.89
N ASP A 138 -37.60 -4.11 -1.63
CA ASP A 138 -36.74 -5.25 -1.93
C ASP A 138 -36.13 -5.81 -0.65
N ILE A 139 -35.76 -4.93 0.27
CA ILE A 139 -35.23 -5.34 1.58
C ILE A 139 -36.33 -5.83 2.52
N VAL A 140 -37.47 -5.14 2.54
CA VAL A 140 -38.58 -5.53 3.41
C VAL A 140 -39.04 -6.95 3.13
N GLU A 141 -39.26 -7.26 1.85
CA GLU A 141 -39.66 -8.62 1.44
C GLU A 141 -38.58 -9.66 1.76
N LYS A 142 -37.32 -9.24 1.72
CA LYS A 142 -36.21 -10.11 2.10
C LYS A 142 -36.16 -10.36 3.62
N LEU A 143 -36.56 -9.38 4.41
CA LEU A 143 -36.61 -9.57 5.86
C LEU A 143 -37.82 -10.37 6.32
N ARG A 144 -38.85 -10.47 5.48
CA ARG A 144 -39.98 -11.35 5.77
C ARG A 144 -39.65 -12.80 5.47
N LEU A 145 -39.22 -13.04 4.24
CA LEU A 145 -38.85 -14.38 3.75
C LEU A 145 -37.74 -15.05 4.60
N ILE A 146 -36.82 -14.23 5.10
CA ILE A 146 -35.76 -14.67 6.01
C ILE A 146 -36.37 -15.24 7.29
N GLY A 147 -37.22 -14.43 7.91
CA GLY A 147 -37.90 -14.80 9.16
C GLY A 147 -36.96 -14.54 10.32
N GLU A 148 -36.77 -15.56 11.16
CA GLU A 148 -35.86 -15.49 12.32
C GLU A 148 -34.50 -16.17 12.03
N ASP A 149 -34.19 -16.37 10.74
CA ASP A 149 -32.98 -17.08 10.33
C ASP A 149 -31.78 -16.14 10.44
N LYS A 150 -31.38 -15.88 11.69
CA LYS A 150 -30.28 -14.96 12.00
C LYS A 150 -28.94 -15.23 11.26
N ARG A 151 -28.82 -16.36 10.58
CA ARG A 151 -27.70 -16.56 9.65
C ARG A 151 -28.00 -16.05 8.24
N ALA A 152 -29.27 -16.02 7.87
CA ALA A 152 -29.68 -15.31 6.67
C ALA A 152 -29.57 -13.82 6.92
N LEU A 153 -29.90 -13.43 8.14
CA LEU A 153 -29.82 -12.04 8.55
C LEU A 153 -28.39 -11.50 8.36
N LEU A 154 -27.39 -12.27 8.78
CA LEU A 154 -25.97 -11.84 8.72
C LEU A 154 -25.37 -11.87 7.31
N PHE A 155 -25.91 -12.74 6.46
CA PHE A 155 -25.60 -12.75 5.03
C PHE A 155 -26.04 -11.44 4.39
N LEU A 156 -27.33 -11.14 4.58
CA LEU A 156 -27.94 -9.90 4.09
C LEU A 156 -27.30 -8.67 4.74
N ASP A 157 -26.77 -8.81 5.95
CA ASP A 157 -25.98 -7.74 6.57
C ASP A 157 -24.76 -7.35 5.70
N LYS A 158 -23.88 -8.31 5.47
CA LYS A 158 -22.70 -8.12 4.59
C LYS A 158 -23.05 -7.51 3.23
N GLU A 159 -24.14 -8.00 2.62
CA GLU A 159 -24.61 -7.52 1.32
C GLU A 159 -24.91 -6.02 1.30
N LEU A 160 -25.33 -5.47 2.44
CA LEU A 160 -25.59 -4.04 2.57
C LEU A 160 -24.37 -3.22 3.04
N SER A 161 -23.26 -3.90 3.35
CA SER A 161 -22.00 -3.23 3.72
C SER A 161 -21.14 -2.95 2.49
N LEU A 162 -21.66 -3.26 1.30
CA LEU A 162 -20.99 -2.96 0.03
C LEU A 162 -21.62 -1.75 -0.69
N ARG A 163 -22.50 -1.01 -0.02
CA ARG A 163 -23.04 0.24 -0.58
C ARG A 163 -22.01 1.34 -0.37
N GLN A 164 -22.02 2.32 -1.26
CA GLN A 164 -21.10 3.44 -1.19
C GLN A 164 -21.77 4.70 -1.77
N PHE A 165 -21.45 5.83 -1.16
CA PHE A 165 -21.97 7.13 -1.60
C PHE A 165 -20.99 7.75 -2.57
N THR A 166 -21.44 7.99 -3.81
CA THR A 166 -20.69 8.84 -4.75
C THR A 166 -21.51 9.02 -6.02
N SER B 3 -12.56 1.22 30.86
CA SER B 3 -13.72 1.30 29.94
C SER B 3 -14.35 2.70 29.97
N ILE B 4 -15.36 2.92 29.11
CA ILE B 4 -16.05 4.21 29.04
C ILE B 4 -17.13 4.30 30.13
N SER B 5 -17.30 5.49 30.69
CA SER B 5 -18.23 5.75 31.79
C SER B 5 -19.56 6.29 31.29
N GLU B 6 -20.60 6.13 32.11
CA GLU B 6 -21.93 6.66 31.78
C GLU B 6 -21.93 8.18 31.60
N LYS B 7 -21.18 8.87 32.45
CA LYS B 7 -21.11 10.33 32.41
C LYS B 7 -20.38 10.83 31.15
N MET B 8 -19.33 10.12 30.75
CA MET B 8 -18.57 10.52 29.56
C MET B 8 -19.40 10.36 28.28
N VAL B 9 -20.26 9.34 28.21
CA VAL B 9 -21.14 9.12 27.04
C VAL B 9 -22.26 10.18 26.97
N GLU B 10 -22.72 10.64 28.13
CA GLU B 10 -23.71 11.71 28.21
C GLU B 10 -23.12 13.02 27.65
N ALA B 11 -21.88 13.31 28.02
CA ALA B 11 -21.21 14.55 27.64
C ALA B 11 -20.78 14.63 26.18
N LEU B 12 -20.65 13.47 25.53
CA LEU B 12 -20.26 13.42 24.11
C LEU B 12 -21.46 13.53 23.15
N ASN B 13 -22.60 12.94 23.51
CA ASN B 13 -23.86 13.18 22.80
C ASN B 13 -24.17 14.69 22.71
N ARG B 14 -23.83 15.41 23.80
CA ARG B 14 -23.94 16.86 23.85
C ARG B 14 -23.03 17.56 22.84
N GLN B 15 -21.81 17.07 22.71
CA GLN B 15 -20.85 17.60 21.74
C GLN B 15 -21.19 17.17 20.32
N ILE B 16 -21.68 15.94 20.15
CA ILE B 16 -22.20 15.48 18.86
C ILE B 16 -23.37 16.36 18.42
N ASN B 17 -24.25 16.69 19.37
CA ASN B 17 -25.42 17.50 19.02
C ASN B 17 -25.15 19.01 18.90
N ALA B 18 -24.11 19.50 19.56
CA ALA B 18 -23.64 20.89 19.43
C ALA B 18 -22.80 21.11 18.17
N GLU B 19 -22.04 20.09 17.73
CA GLU B 19 -21.29 20.16 16.48
C GLU B 19 -22.23 20.24 15.28
N ILE B 20 -23.40 19.60 15.40
CA ILE B 20 -24.40 19.60 14.32
C ILE B 20 -25.09 20.96 14.24
N TYR B 21 -25.46 21.52 15.39
CA TYR B 21 -26.03 22.88 15.42
C TYR B 21 -25.05 23.91 14.84
N SER B 22 -23.75 23.70 15.05
CA SER B 22 -22.73 24.55 14.43
C SER B 22 -22.79 24.42 12.90
N ALA B 23 -22.91 23.18 12.42
CA ALA B 23 -23.03 22.94 10.99
C ALA B 23 -24.31 23.56 10.42
N TYR B 24 -25.43 23.38 11.11
CA TYR B 24 -26.72 23.96 10.70
C TYR B 24 -26.69 25.50 10.74
N LEU B 25 -25.96 26.06 11.70
CA LEU B 25 -25.78 27.51 11.76
C LEU B 25 -25.00 28.00 10.53
N TYR B 26 -23.86 27.38 10.26
CA TYR B 26 -23.03 27.75 9.09
C TYR B 26 -23.80 27.62 7.78
N LEU B 27 -24.69 26.62 7.70
CA LEU B 27 -25.52 26.47 6.50
C LEU B 27 -26.46 27.66 6.36
N SER B 28 -27.08 28.07 7.47
CA SER B 28 -28.01 29.19 7.43
C SER B 28 -27.29 30.52 7.15
N MET B 29 -25.98 30.57 7.42
CA MET B 29 -25.14 31.70 6.98
C MET B 29 -24.84 31.67 5.48
N ALA B 30 -24.75 30.47 4.90
CA ALA B 30 -24.63 30.30 3.45
C ALA B 30 -25.87 30.80 2.70
N SER B 31 -27.03 30.68 3.33
CA SER B 31 -28.28 31.22 2.79
C SER B 31 -28.31 32.75 2.87
N TYR B 32 -27.78 33.30 3.96
CA TYR B 32 -27.67 34.77 4.13
C TYR B 32 -26.72 35.38 3.10
N PHE B 33 -25.57 34.75 2.90
CA PHE B 33 -24.59 35.25 1.94
C PHE B 33 -25.05 35.10 0.48
N ASP B 34 -25.89 34.10 0.23
CA ASP B 34 -26.52 33.92 -1.06
C ASP B 34 -27.54 35.04 -1.35
N SER B 35 -28.28 35.43 -0.31
CA SER B 35 -29.37 36.40 -0.45
C SER B 35 -28.90 37.86 -0.60
N ILE B 36 -27.59 38.10 -0.44
CA ILE B 36 -26.97 39.39 -0.79
C ILE B 36 -25.89 39.23 -1.88
N GLY B 37 -25.96 38.13 -2.62
CA GLY B 37 -25.21 37.97 -3.87
C GLY B 37 -23.76 37.50 -3.81
N LEU B 38 -23.24 37.26 -2.59
CA LEU B 38 -21.82 36.89 -2.41
C LEU B 38 -21.59 35.37 -2.54
N LYS B 39 -21.17 34.93 -3.73
CA LYS B 39 -21.05 33.50 -4.07
C LYS B 39 -19.79 32.82 -3.52
N GLY B 40 -18.75 33.61 -3.26
CA GLY B 40 -17.54 33.13 -2.60
C GLY B 40 -17.74 32.88 -1.11
N PHE B 41 -18.49 33.77 -0.45
CA PHE B 41 -18.80 33.61 0.97
C PHE B 41 -19.71 32.39 1.20
N SER B 42 -20.73 32.22 0.35
CA SER B 42 -21.63 31.06 0.43
C SER B 42 -20.88 29.74 0.33
N ASN B 43 -19.97 29.67 -0.63
CA ASN B 43 -19.06 28.53 -0.74
C ASN B 43 -18.41 28.25 0.59
N TRP B 44 -17.67 29.24 1.12
CA TRP B 44 -16.91 29.10 2.37
C TRP B 44 -17.73 28.54 3.51
N MET B 45 -19.01 28.89 3.55
CA MET B 45 -19.93 28.42 4.58
C MET B 45 -20.38 26.99 4.30
N ARG B 46 -20.66 26.68 3.05
CA ARG B 46 -21.05 25.32 2.67
C ARG B 46 -19.95 24.31 3.00
N VAL B 47 -18.71 24.67 2.70
CA VAL B 47 -17.56 23.83 2.99
C VAL B 47 -17.52 23.58 4.49
N GLN B 48 -17.59 24.68 5.26
CA GLN B 48 -17.60 24.60 6.72
C GLN B 48 -18.74 23.70 7.20
N TRP B 49 -19.94 23.91 6.66
CA TRP B 49 -21.12 23.05 6.97
C TRP B 49 -20.77 21.58 6.85
N GLN B 50 -20.09 21.23 5.77
CA GLN B 50 -19.71 19.84 5.52
C GLN B 50 -18.67 19.39 6.51
N GLU B 51 -17.59 20.14 6.64
CA GLU B 51 -16.53 19.78 7.57
C GLU B 51 -17.09 19.49 8.97
N GLU B 52 -17.73 20.47 9.60
CA GLU B 52 -18.29 20.31 10.96
C GLU B 52 -19.11 19.02 11.07
N LEU B 53 -19.89 18.72 10.04
CA LEU B 53 -20.63 17.45 9.96
C LEU B 53 -19.70 16.23 10.02
N CYS B 54 -18.48 16.34 9.50
CA CYS B 54 -17.49 15.25 9.56
C CYS B 54 -16.74 15.20 10.89
N HIS B 55 -16.65 16.34 11.57
CA HIS B 55 -16.21 16.37 12.97
C HIS B 55 -17.21 15.64 13.85
N ALA B 56 -18.48 15.68 13.46
CA ALA B 56 -19.54 14.99 14.18
C ALA B 56 -19.46 13.47 13.98
N MET B 57 -19.41 13.07 12.71
CA MET B 57 -19.38 11.67 12.35
C MET B 57 -18.13 10.96 12.85
N LYS B 58 -17.02 11.69 12.95
CA LYS B 58 -15.79 11.13 13.53
C LYS B 58 -16.05 10.69 14.97
N MET B 59 -16.69 11.58 15.73
CA MET B 59 -17.07 11.35 17.12
C MET B 59 -18.25 10.36 17.24
N PHE B 60 -19.24 10.50 16.38
CA PHE B 60 -20.33 9.51 16.22
C PHE B 60 -19.83 8.06 16.10
N ASP B 61 -18.71 7.87 15.40
CA ASP B 61 -18.09 6.55 15.21
C ASP B 61 -17.13 6.14 16.32
N PHE B 62 -16.63 7.11 17.08
CA PHE B 62 -15.85 6.81 18.28
C PHE B 62 -16.71 6.27 19.42
N VAL B 63 -17.83 6.94 19.69
CA VAL B 63 -18.76 6.50 20.73
C VAL B 63 -19.28 5.10 20.39
N SER B 64 -19.70 4.88 19.15
CA SER B 64 -20.16 3.56 18.71
C SER B 64 -19.05 2.52 18.85
N GLU B 65 -17.81 2.92 18.57
CA GLU B 65 -16.65 2.02 18.68
C GLU B 65 -16.30 1.59 20.11
N ARG B 66 -16.45 2.52 21.07
CA ARG B 66 -16.27 2.23 22.50
C ARG B 66 -17.55 1.59 23.10
N GLY B 67 -18.53 1.31 22.26
CA GLY B 67 -19.73 0.61 22.69
C GLY B 67 -20.92 1.47 23.09
N GLY B 68 -20.66 2.70 23.54
CA GLY B 68 -21.72 3.63 23.96
C GLY B 68 -22.71 3.99 22.86
N ARG B 69 -23.92 4.36 23.26
CA ARG B 69 -25.02 4.60 22.33
C ARG B 69 -25.05 6.05 21.88
N ILE B 70 -25.75 6.34 20.78
CA ILE B 70 -25.97 7.72 20.31
C ILE B 70 -27.45 8.08 20.27
N PHE B 71 -27.89 8.91 21.21
CA PHE B 71 -29.25 9.46 21.15
C PHE B 71 -29.23 10.85 20.53
N LEU B 72 -30.00 11.01 19.45
CA LEU B 72 -30.04 12.27 18.69
C LEU B 72 -31.26 13.11 19.07
N GLN B 73 -30.98 14.30 19.61
CA GLN B 73 -32.02 15.24 20.03
C GLN B 73 -32.47 16.12 18.85
N ASP B 74 -33.49 16.92 19.08
CA ASP B 74 -33.93 17.93 18.11
C ASP B 74 -32.89 19.06 18.03
N ILE B 75 -32.89 19.79 16.92
CA ILE B 75 -31.93 20.90 16.72
C ILE B 75 -32.63 22.26 16.63
N LYS B 76 -32.14 23.22 17.43
CA LYS B 76 -32.67 24.59 17.48
C LYS B 76 -32.55 25.31 16.14
N LYS B 77 -33.53 26.18 15.84
CA LYS B 77 -33.41 27.08 14.69
C LYS B 77 -32.26 28.06 14.94
N PRO B 78 -31.33 28.16 13.99
CA PRO B 78 -30.22 29.10 14.10
C PRO B 78 -30.62 30.49 13.61
N ASP B 79 -29.77 31.47 13.85
CA ASP B 79 -30.00 32.82 13.35
C ASP B 79 -30.16 32.80 11.83
N SER B 80 -31.07 33.62 11.32
CA SER B 80 -31.33 33.69 9.89
C SER B 80 -30.69 34.92 9.26
N GLU B 81 -30.85 36.06 9.92
CA GLU B 81 -30.42 37.35 9.38
C GLU B 81 -29.30 37.98 10.19
N TRP B 82 -28.49 38.80 9.51
CA TRP B 82 -27.39 39.53 10.13
C TRP B 82 -27.30 40.96 9.57
N GLU B 83 -26.51 41.80 10.24
CA GLU B 83 -26.28 43.19 9.81
C GLU B 83 -25.45 43.24 8.53
N SER B 84 -24.25 42.69 8.59
CA SER B 84 -23.25 42.81 7.52
C SER B 84 -22.39 41.53 7.42
N PRO B 85 -21.49 41.46 6.43
CA PRO B 85 -20.48 40.39 6.42
C PRO B 85 -19.58 40.39 7.66
N LEU B 86 -19.23 41.58 8.16
CA LEU B 86 -18.42 41.71 9.37
C LEU B 86 -19.14 41.13 10.59
N ALA B 87 -20.41 41.51 10.77
CA ALA B 87 -21.22 41.04 11.89
C ALA B 87 -21.48 39.53 11.81
N ALA B 88 -21.61 39.03 10.58
CA ALA B 88 -21.78 37.59 10.35
C ALA B 88 -20.54 36.81 10.76
N PHE B 89 -19.36 37.40 10.61
CA PHE B 89 -18.10 36.76 11.01
C PHE B 89 -17.67 37.09 12.45
N GLU B 90 -18.19 38.16 13.03
CA GLU B 90 -18.00 38.38 14.46
C GLU B 90 -18.82 37.33 15.25
N HIS B 91 -20.01 36.97 14.74
CA HIS B 91 -20.87 35.93 15.34
C HIS B 91 -20.23 34.53 15.27
N VAL B 92 -19.50 34.27 14.17
CA VAL B 92 -18.79 32.99 13.99
C VAL B 92 -17.63 32.84 14.97
N TYR B 93 -16.84 33.90 15.10
CA TYR B 93 -15.65 33.87 15.92
C TYR B 93 -15.99 33.68 17.41
N GLU B 94 -16.97 34.43 17.88
CA GLU B 94 -17.50 34.23 19.24
C GLU B 94 -17.97 32.79 19.42
N HIS B 95 -18.68 32.28 18.41
CA HIS B 95 -19.29 30.95 18.46
C HIS B 95 -18.29 29.81 18.53
N GLU B 96 -17.23 29.88 17.75
CA GLU B 96 -16.19 28.84 17.77
C GLU B 96 -15.36 28.90 19.06
N VAL B 97 -15.31 30.08 19.70
CA VAL B 97 -14.62 30.25 20.99
C VAL B 97 -15.46 29.72 22.16
N ASN B 98 -16.78 29.69 21.99
CA ASN B 98 -17.68 28.97 22.89
C ASN B 98 -17.45 27.47 22.82
N VAL B 99 -17.51 26.93 21.60
CA VAL B 99 -17.33 25.51 21.37
C VAL B 99 -15.93 25.04 21.78
N THR B 100 -14.91 25.88 21.61
CA THR B 100 -13.55 25.54 22.04
C THR B 100 -13.51 25.31 23.56
N LYS B 101 -13.91 26.33 24.31
CA LYS B 101 -14.01 26.25 25.77
C LYS B 101 -14.76 24.99 26.20
N ARG B 102 -15.79 24.68 25.43
CA ARG B 102 -16.60 23.47 25.59
C ARG B 102 -15.80 22.16 25.38
N ILE B 103 -14.96 22.12 24.36
CA ILE B 103 -13.99 21.02 24.18
C ILE B 103 -13.06 20.96 25.39
N HIS B 104 -12.54 22.13 25.80
CA HIS B 104 -11.59 22.24 26.92
C HIS B 104 -12.15 21.77 28.26
N GLU B 105 -13.46 21.82 28.42
CA GLU B 105 -14.13 21.25 29.59
C GLU B 105 -14.19 19.70 29.48
N LEU B 106 -14.56 19.18 28.29
CA LEU B 106 -14.54 17.71 28.05
C LEU B 106 -13.17 17.09 28.24
N VAL B 107 -12.15 17.69 27.61
CA VAL B 107 -10.77 17.25 27.76
C VAL B 107 -10.47 17.00 29.22
N GLU B 108 -10.84 17.96 30.06
CA GLU B 108 -10.74 17.80 31.52
C GLU B 108 -11.52 16.59 32.01
N MET B 109 -12.78 16.47 31.57
CA MET B 109 -13.62 15.34 31.96
C MET B 109 -12.93 14.01 31.71
N ALA B 110 -12.07 13.98 30.69
CA ALA B 110 -11.27 12.81 30.33
C ALA B 110 -10.05 12.59 31.23
N MET B 111 -9.41 13.68 31.65
CA MET B 111 -8.33 13.62 32.63
C MET B 111 -8.87 13.19 34.00
N GLN B 112 -9.88 13.92 34.48
CA GLN B 112 -10.55 13.61 35.75
C GLN B 112 -10.76 12.12 35.92
N GLU B 113 -11.52 11.53 35.00
CA GLU B 113 -11.97 10.14 35.10
C GLU B 113 -10.95 9.09 34.66
N LYS B 114 -9.80 9.53 34.17
CA LYS B 114 -8.76 8.62 33.68
C LYS B 114 -9.30 7.76 32.54
N ASP B 115 -9.99 8.43 31.61
CA ASP B 115 -10.53 7.84 30.39
C ASP B 115 -9.64 8.31 29.23
N PHE B 116 -8.40 7.85 29.24
CA PHE B 116 -7.35 8.34 28.34
C PHE B 116 -7.67 8.12 26.86
N ALA B 117 -8.28 6.98 26.55
CA ALA B 117 -8.67 6.67 25.17
C ALA B 117 -9.59 7.72 24.58
N THR B 118 -10.24 8.50 25.44
CA THR B 118 -11.01 9.66 24.99
C THR B 118 -10.11 10.91 25.00
N TYR B 119 -9.45 11.19 26.12
CA TYR B 119 -8.55 12.35 26.19
C TYR B 119 -7.69 12.44 24.93
N ASN B 120 -7.09 11.30 24.54
CA ASN B 120 -6.30 11.20 23.30
C ASN B 120 -7.10 11.67 22.10
N PHE B 121 -8.22 10.98 21.85
CA PHE B 121 -9.10 11.26 20.71
C PHE B 121 -9.35 12.75 20.55
N LEU B 122 -9.68 13.42 21.67
CA LEU B 122 -10.05 14.83 21.66
C LEU B 122 -8.90 15.79 21.32
N GLN B 123 -7.64 15.39 21.51
CA GLN B 123 -6.51 16.26 21.16
C GLN B 123 -6.61 16.76 19.71
N TRP B 124 -7.17 15.94 18.82
CA TRP B 124 -7.41 16.34 17.42
C TRP B 124 -8.32 17.57 17.29
N TYR B 125 -9.31 17.67 18.18
CA TYR B 125 -10.18 18.86 18.26
C TYR B 125 -9.45 20.05 18.90
N VAL B 126 -8.57 19.77 19.86
CA VAL B 126 -7.76 20.80 20.52
C VAL B 126 -6.85 21.52 19.52
N ALA B 127 -6.29 20.78 18.58
CA ALA B 127 -5.46 21.36 17.52
C ALA B 127 -6.32 22.04 16.44
N GLU B 128 -7.45 21.41 16.10
CA GLU B 128 -8.37 21.93 15.08
C GLU B 128 -8.95 23.31 15.42
N GLN B 129 -9.45 23.46 16.65
CA GLN B 129 -10.11 24.71 17.09
C GLN B 129 -9.22 25.94 16.98
N VAL B 130 -7.90 25.74 17.12
CA VAL B 130 -6.94 26.80 16.87
C VAL B 130 -7.13 27.33 15.45
N GLU B 131 -7.21 26.42 14.49
CA GLU B 131 -7.42 26.79 13.08
C GLU B 131 -8.86 27.23 12.76
N GLU B 132 -9.84 26.76 13.53
CA GLU B 132 -11.21 27.26 13.42
C GLU B 132 -11.33 28.69 13.93
N GLU B 133 -10.68 28.97 15.06
CA GLU B 133 -10.68 30.31 15.67
C GLU B 133 -9.80 31.29 14.90
N ALA B 134 -8.64 30.83 14.43
CA ALA B 134 -7.68 31.68 13.72
C ALA B 134 -8.16 32.06 12.32
N SER B 135 -8.71 31.09 11.60
CA SER B 135 -9.18 31.33 10.22
C SER B 135 -10.39 32.27 10.22
N ALA B 136 -11.21 32.16 11.26
CA ALA B 136 -12.33 33.10 11.46
C ALA B 136 -11.82 34.49 11.85
N LEU B 137 -10.85 34.56 12.77
CA LEU B 137 -10.29 35.83 13.26
C LEU B 137 -9.47 36.60 12.21
N ASP B 138 -8.78 35.88 11.33
CA ASP B 138 -8.05 36.52 10.24
C ASP B 138 -9.03 37.22 9.29
N ILE B 139 -10.21 36.62 9.11
CA ILE B 139 -11.27 37.19 8.27
C ILE B 139 -11.94 38.37 8.98
N VAL B 140 -12.30 38.19 10.24
CA VAL B 140 -12.95 39.25 11.02
C VAL B 140 -12.15 40.55 11.00
N GLU B 141 -10.83 40.43 11.15
CA GLU B 141 -9.96 41.60 11.08
C GLU B 141 -9.96 42.25 9.69
N LYS B 142 -10.04 41.43 8.63
CA LYS B 142 -9.98 41.95 7.24
C LYS B 142 -11.22 42.76 6.84
N LEU B 143 -12.39 42.37 7.31
CA LEU B 143 -13.64 43.07 6.99
C LEU B 143 -13.79 44.43 7.70
N ARG B 144 -13.06 44.61 8.81
CA ARG B 144 -12.97 45.91 9.48
C ARG B 144 -12.07 46.84 8.66
N LEU B 145 -10.87 46.35 8.32
CA LEU B 145 -9.91 47.06 7.44
C LEU B 145 -10.54 47.39 6.08
N ILE B 146 -11.33 46.46 5.53
CA ILE B 146 -12.05 46.70 4.29
C ILE B 146 -13.22 47.64 4.57
N GLY B 147 -14.20 47.16 5.33
CA GLY B 147 -15.36 47.94 5.71
C GLY B 147 -16.33 48.16 4.56
N GLU B 148 -16.44 49.41 4.11
CA GLU B 148 -17.45 49.82 3.13
C GLU B 148 -16.97 49.84 1.68
N ASP B 149 -15.66 49.70 1.47
CA ASP B 149 -15.07 49.57 0.13
C ASP B 149 -15.57 48.27 -0.52
N LYS B 150 -16.55 48.39 -1.41
CA LYS B 150 -17.25 47.22 -1.98
C LYS B 150 -16.33 46.40 -2.87
N ARG B 151 -15.42 47.09 -3.54
CA ARG B 151 -14.36 46.50 -4.32
C ARG B 151 -13.60 45.41 -3.56
N ALA B 152 -13.04 45.79 -2.41
CA ALA B 152 -12.24 44.89 -1.57
C ALA B 152 -13.11 43.85 -0.84
N LEU B 153 -14.40 44.14 -0.68
CA LEU B 153 -15.38 43.14 -0.24
C LEU B 153 -15.49 42.03 -1.27
N LEU B 154 -15.60 42.43 -2.54
CA LEU B 154 -15.67 41.48 -3.64
C LEU B 154 -14.33 40.77 -3.93
N PHE B 155 -13.20 41.43 -3.67
CA PHE B 155 -11.90 40.76 -3.79
C PHE B 155 -11.78 39.63 -2.76
N LEU B 156 -12.11 39.94 -1.52
CA LEU B 156 -12.12 38.94 -0.45
C LEU B 156 -13.14 37.85 -0.73
N ASP B 157 -14.30 38.22 -1.29
CA ASP B 157 -15.30 37.24 -1.71
C ASP B 157 -14.69 36.21 -2.65
N LYS B 158 -14.09 36.67 -3.74
CA LYS B 158 -13.53 35.74 -4.73
C LYS B 158 -12.60 34.75 -4.07
N GLU B 159 -11.68 35.26 -3.23
CA GLU B 159 -10.72 34.42 -2.51
C GLU B 159 -11.36 33.24 -1.76
N LEU B 160 -12.51 33.49 -1.13
CA LEU B 160 -13.20 32.45 -0.36
C LEU B 160 -13.78 31.34 -1.25
N SER B 161 -14.12 31.70 -2.49
CA SER B 161 -14.73 30.80 -3.46
C SER B 161 -13.88 29.57 -3.81
N LEU B 162 -12.58 29.64 -3.52
CA LEU B 162 -11.65 28.55 -3.83
C LEU B 162 -11.58 27.43 -2.79
N ARG B 163 -12.14 27.64 -1.59
CA ARG B 163 -12.05 26.63 -0.51
C ARG B 163 -12.74 25.32 -0.89
N GLN B 164 -12.14 24.21 -0.48
CA GLN B 164 -12.58 22.89 -0.94
C GLN B 164 -12.20 21.77 0.03
N PHE B 165 -13.14 20.87 0.31
CA PHE B 165 -12.86 19.63 1.06
C PHE B 165 -13.76 18.51 0.55
N SER C 3 -4.78 54.70 -36.71
CA SER C 3 -4.67 55.26 -38.09
C SER C 3 -5.89 54.93 -38.98
N ILE C 4 -6.45 53.73 -38.84
CA ILE C 4 -7.53 53.25 -39.71
C ILE C 4 -8.59 54.31 -40.06
N SER C 5 -8.62 54.73 -41.33
CA SER C 5 -9.57 55.71 -41.82
C SER C 5 -10.99 55.20 -41.71
N GLU C 6 -11.94 56.11 -41.55
CA GLU C 6 -13.35 55.71 -41.47
C GLU C 6 -13.82 54.97 -42.72
N LYS C 7 -13.31 55.39 -43.88
CA LYS C 7 -13.66 54.75 -45.16
C LYS C 7 -13.51 53.22 -45.10
N MET C 8 -12.40 52.74 -44.56
CA MET C 8 -12.19 51.29 -44.40
C MET C 8 -13.17 50.71 -43.38
N VAL C 9 -13.26 51.31 -42.20
CA VAL C 9 -14.13 50.78 -41.14
C VAL C 9 -15.56 50.60 -41.63
N GLU C 10 -16.02 51.49 -42.51
CA GLU C 10 -17.33 51.35 -43.18
C GLU C 10 -17.33 50.15 -44.14
N ALA C 11 -16.36 50.16 -45.07
CA ALA C 11 -16.28 49.16 -46.13
C ALA C 11 -16.18 47.76 -45.57
N LEU C 12 -15.45 47.63 -44.45
CA LEU C 12 -15.25 46.35 -43.78
C LEU C 12 -16.53 45.86 -43.09
N ASN C 13 -17.19 46.75 -42.37
CA ASN C 13 -18.49 46.44 -41.75
C ASN C 13 -19.51 45.92 -42.80
N ARG C 14 -19.42 46.44 -44.03
CA ARG C 14 -20.26 45.94 -45.12
C ARG C 14 -19.85 44.53 -45.48
N GLN C 15 -18.55 44.26 -45.52
CA GLN C 15 -18.07 42.92 -45.83
C GLN C 15 -18.54 41.91 -44.79
N ILE C 16 -18.29 42.24 -43.52
CA ILE C 16 -18.78 41.44 -42.39
C ILE C 16 -20.26 41.09 -42.62
N ASN C 17 -21.06 42.12 -42.86
CA ASN C 17 -22.49 41.94 -42.99
C ASN C 17 -22.87 41.13 -44.24
N ALA C 18 -22.07 41.25 -45.29
CA ALA C 18 -22.24 40.43 -46.47
C ALA C 18 -21.81 38.99 -46.16
N GLU C 19 -20.69 38.84 -45.47
CA GLU C 19 -20.17 37.51 -45.10
C GLU C 19 -21.18 36.75 -44.24
N ILE C 20 -21.83 37.44 -43.29
CA ILE C 20 -22.85 36.79 -42.46
C ILE C 20 -24.07 36.35 -43.30
N TYR C 21 -24.43 37.14 -44.31
CA TYR C 21 -25.47 36.74 -45.25
C TYR C 21 -25.04 35.50 -46.06
N SER C 22 -23.74 35.42 -46.37
CA SER C 22 -23.21 34.23 -47.03
C SER C 22 -23.57 33.00 -46.19
N ALA C 23 -23.26 33.06 -44.90
CA ALA C 23 -23.54 31.96 -43.99
C ALA C 23 -25.03 31.64 -43.99
N TYR C 24 -25.84 32.67 -43.75
CA TYR C 24 -27.30 32.51 -43.67
C TYR C 24 -27.93 31.88 -44.92
N LEU C 25 -27.33 32.15 -46.09
CA LEU C 25 -27.73 31.52 -47.36
C LEU C 25 -27.50 30.00 -47.41
N TYR C 26 -26.35 29.55 -46.94
CA TYR C 26 -26.03 28.12 -46.98
C TYR C 26 -26.88 27.39 -45.93
N LEU C 27 -27.07 28.02 -44.78
CA LEU C 27 -27.93 27.44 -43.77
C LEU C 27 -29.29 27.16 -44.42
N SER C 28 -29.77 28.11 -45.23
CA SER C 28 -31.02 27.93 -46.00
C SER C 28 -30.92 26.79 -47.02
N MET C 29 -29.76 26.65 -47.66
CA MET C 29 -29.52 25.50 -48.56
C MET C 29 -29.48 24.18 -47.79
N ALA C 30 -28.87 24.18 -46.61
CA ALA C 30 -28.84 22.99 -45.75
C ALA C 30 -30.26 22.51 -45.47
N SER C 31 -31.18 23.45 -45.26
CA SER C 31 -32.60 23.13 -45.11
C SER C 31 -33.12 22.51 -46.40
N TYR C 32 -32.94 23.23 -47.50
CA TYR C 32 -33.37 22.73 -48.80
C TYR C 32 -32.91 21.28 -48.97
N PHE C 33 -31.62 21.04 -48.76
CA PHE C 33 -31.04 19.70 -48.91
C PHE C 33 -31.51 18.74 -47.82
N ASP C 34 -31.94 19.30 -46.69
CA ASP C 34 -32.65 18.52 -45.68
C ASP C 34 -33.96 18.01 -46.29
N SER C 35 -34.79 18.93 -46.82
CA SER C 35 -36.13 18.58 -47.32
C SER C 35 -36.11 17.41 -48.29
N ILE C 36 -35.38 17.56 -49.39
CA ILE C 36 -35.26 16.50 -50.42
C ILE C 36 -34.35 15.32 -50.01
N GLY C 37 -33.80 15.38 -48.79
CA GLY C 37 -33.22 14.21 -48.12
C GLY C 37 -31.78 13.87 -48.44
N LEU C 38 -30.98 14.87 -48.84
CA LEU C 38 -29.58 14.65 -49.23
C LEU C 38 -28.60 14.99 -48.09
N LYS C 39 -28.35 14.00 -47.24
CA LYS C 39 -27.79 14.22 -45.89
C LYS C 39 -26.34 14.66 -45.87
N GLY C 40 -25.60 14.34 -46.92
CA GLY C 40 -24.24 14.82 -47.08
C GLY C 40 -24.20 16.21 -47.68
N PHE C 41 -25.10 16.46 -48.64
CA PHE C 41 -25.22 17.79 -49.24
C PHE C 41 -25.57 18.83 -48.17
N SER C 42 -26.51 18.48 -47.30
CA SER C 42 -26.87 19.32 -46.17
C SER C 42 -25.68 19.50 -45.22
N ASN C 43 -24.99 18.41 -44.92
CA ASN C 43 -23.75 18.44 -44.13
C ASN C 43 -22.79 19.46 -44.71
N TRP C 44 -22.52 19.35 -46.01
CA TRP C 44 -21.56 20.22 -46.68
C TRP C 44 -21.92 21.67 -46.38
N MET C 45 -23.20 22.00 -46.54
CA MET C 45 -23.68 23.36 -46.30
C MET C 45 -23.49 23.76 -44.85
N ARG C 46 -23.90 22.91 -43.92
CA ARG C 46 -23.75 23.21 -42.49
C ARG C 46 -22.31 23.52 -42.10
N VAL C 47 -21.34 22.93 -42.81
CA VAL C 47 -19.93 23.22 -42.60
C VAL C 47 -19.54 24.59 -43.19
N GLN C 48 -20.13 24.95 -44.32
CA GLN C 48 -19.84 26.23 -44.97
C GLN C 48 -20.50 27.41 -44.24
N TRP C 49 -21.70 27.19 -43.72
CA TRP C 49 -22.38 28.11 -42.78
C TRP C 49 -21.42 28.47 -41.67
N GLN C 50 -20.95 27.44 -40.96
CA GLN C 50 -19.95 27.57 -39.88
C GLN C 50 -18.68 28.24 -40.39
N GLU C 51 -18.11 27.74 -41.48
CA GLU C 51 -16.83 28.31 -41.96
C GLU C 51 -16.96 29.78 -42.32
N GLU C 52 -17.84 30.08 -43.28
CA GLU C 52 -18.18 31.47 -43.59
C GLU C 52 -18.50 32.30 -42.35
N LEU C 53 -19.15 31.68 -41.36
CA LEU C 53 -19.45 32.39 -40.13
C LEU C 53 -18.16 32.90 -39.50
N CYS C 54 -17.17 32.02 -39.35
CA CYS C 54 -15.91 32.40 -38.72
C CYS C 54 -15.09 33.37 -39.57
N HIS C 55 -15.23 33.33 -40.90
CA HIS C 55 -14.59 34.32 -41.76
C HIS C 55 -15.03 35.72 -41.35
N ALA C 56 -16.26 35.83 -40.84
CA ALA C 56 -16.78 37.13 -40.37
C ALA C 56 -16.19 37.55 -39.01
N MET C 57 -16.00 36.58 -38.11
CA MET C 57 -15.41 36.87 -36.80
C MET C 57 -13.91 37.15 -36.89
N LYS C 58 -13.26 36.64 -37.92
CA LYS C 58 -11.84 36.98 -38.14
C LYS C 58 -11.74 38.49 -38.33
N MET C 59 -12.55 39.00 -39.27
CA MET C 59 -12.64 40.43 -39.58
C MET C 59 -13.06 41.25 -38.37
N PHE C 60 -14.14 40.80 -37.72
CA PHE C 60 -14.63 41.42 -36.48
C PHE C 60 -13.46 41.73 -35.56
N ASP C 61 -12.63 40.72 -35.27
CA ASP C 61 -11.53 40.87 -34.31
C ASP C 61 -10.48 41.83 -34.82
N PHE C 62 -10.21 41.77 -36.11
CA PHE C 62 -9.26 42.67 -36.71
C PHE C 62 -9.72 44.11 -36.49
N VAL C 63 -10.89 44.45 -37.04
CA VAL C 63 -11.42 45.82 -36.95
C VAL C 63 -11.37 46.29 -35.50
N SER C 64 -11.95 45.48 -34.61
CA SER C 64 -11.96 45.79 -33.19
C SER C 64 -10.54 45.94 -32.64
N GLU C 65 -9.65 45.03 -33.03
CA GLU C 65 -8.24 45.09 -32.62
C GLU C 65 -7.55 46.39 -33.10
N ARG C 66 -8.10 47.00 -34.16
CA ARG C 66 -7.53 48.20 -34.81
C ARG C 66 -8.24 49.55 -34.52
N GLY C 67 -9.20 49.54 -33.59
CA GLY C 67 -9.85 50.77 -33.10
C GLY C 67 -11.19 51.13 -33.73
N GLY C 68 -11.53 50.48 -34.85
CA GLY C 68 -12.76 50.80 -35.57
C GLY C 68 -13.98 50.32 -34.81
N ARG C 69 -15.13 50.93 -35.11
CA ARG C 69 -16.39 50.57 -34.45
C ARG C 69 -17.26 49.71 -35.37
N ILE C 70 -17.68 48.57 -34.85
CA ILE C 70 -18.41 47.58 -35.64
C ILE C 70 -19.89 47.71 -35.31
N PHE C 71 -20.72 47.95 -36.33
CA PHE C 71 -22.16 47.98 -36.19
C PHE C 71 -22.76 46.87 -37.03
N LEU C 72 -23.71 46.15 -36.45
CA LEU C 72 -24.37 45.04 -37.16
C LEU C 72 -25.69 45.47 -37.78
N GLN C 73 -25.74 45.43 -39.11
CA GLN C 73 -26.93 45.78 -39.87
C GLN C 73 -27.91 44.63 -39.95
N ASP C 74 -29.01 44.90 -40.66
CA ASP C 74 -30.09 43.96 -40.92
C ASP C 74 -29.66 42.88 -41.95
N ILE C 75 -29.96 41.61 -41.67
CA ILE C 75 -29.66 40.51 -42.59
C ILE C 75 -30.89 40.22 -43.43
N LYS C 76 -30.71 40.14 -44.75
CA LYS C 76 -31.81 39.87 -45.69
C LYS C 76 -32.24 38.40 -45.67
N LYS C 77 -33.52 38.15 -45.92
CA LYS C 77 -34.02 36.78 -46.07
C LYS C 77 -33.33 36.13 -47.28
N PRO C 78 -32.95 34.83 -47.16
CA PRO C 78 -32.34 34.15 -48.29
C PRO C 78 -33.34 33.40 -49.16
N ASP C 79 -32.96 33.21 -50.41
CA ASP C 79 -33.73 32.37 -51.32
C ASP C 79 -33.73 30.97 -50.71
N SER C 80 -34.91 30.37 -50.53
CA SER C 80 -35.00 29.11 -49.79
C SER C 80 -35.46 27.91 -50.60
N GLU C 81 -35.66 28.07 -51.90
CA GLU C 81 -36.03 26.95 -52.76
C GLU C 81 -35.34 27.04 -54.11
N TRP C 82 -34.85 25.90 -54.59
CA TRP C 82 -34.16 25.80 -55.87
C TRP C 82 -34.71 24.65 -56.69
N GLU C 83 -34.38 24.69 -57.97
CA GLU C 83 -34.91 23.74 -58.94
C GLU C 83 -34.29 22.37 -58.70
N SER C 84 -33.01 22.37 -58.33
CA SER C 84 -32.21 21.15 -58.28
C SER C 84 -30.89 21.33 -57.54
N PRO C 85 -30.25 20.22 -57.14
CA PRO C 85 -28.85 20.21 -56.65
C PRO C 85 -27.85 20.95 -57.55
N LEU C 86 -28.06 20.90 -58.86
CA LEU C 86 -27.18 21.58 -59.81
C LEU C 86 -27.44 23.09 -59.82
N ALA C 87 -28.73 23.47 -59.82
CA ALA C 87 -29.14 24.86 -59.75
C ALA C 87 -28.79 25.46 -58.39
N ALA C 88 -28.85 24.62 -57.36
CA ALA C 88 -28.35 25.02 -56.06
C ALA C 88 -26.91 25.45 -56.24
N PHE C 89 -26.07 24.51 -56.66
CA PHE C 89 -24.62 24.75 -56.71
C PHE C 89 -24.15 25.76 -57.75
N GLU C 90 -25.00 26.13 -58.71
CA GLU C 90 -24.64 27.22 -59.61
C GLU C 90 -24.84 28.58 -58.93
N HIS C 91 -25.84 28.69 -58.05
CA HIS C 91 -26.03 29.90 -57.24
C HIS C 91 -24.87 30.15 -56.26
N VAL C 92 -24.31 29.05 -55.73
CA VAL C 92 -23.14 29.09 -54.85
C VAL C 92 -21.93 29.62 -55.62
N TYR C 93 -21.70 29.11 -56.83
CA TYR C 93 -20.56 29.54 -57.60
C TYR C 93 -20.64 31.02 -57.91
N GLU C 94 -21.72 31.41 -58.57
CA GLU C 94 -21.97 32.81 -58.89
C GLU C 94 -22.00 33.72 -57.66
N HIS C 95 -22.47 33.23 -56.52
CA HIS C 95 -22.41 34.05 -55.30
C HIS C 95 -20.97 34.27 -54.86
N GLU C 96 -20.17 33.22 -54.89
CA GLU C 96 -18.78 33.31 -54.49
C GLU C 96 -17.95 34.09 -55.50
N VAL C 97 -18.38 34.12 -56.76
CA VAL C 97 -17.74 34.96 -57.79
C VAL C 97 -18.01 36.44 -57.49
N ASN C 98 -19.23 36.73 -57.02
CA ASN C 98 -19.60 38.07 -56.51
C ASN C 98 -18.83 38.50 -55.25
N VAL C 99 -18.58 37.56 -54.33
CA VAL C 99 -17.77 37.82 -53.13
C VAL C 99 -16.29 37.98 -53.49
N THR C 100 -15.76 37.08 -54.31
CA THR C 100 -14.36 37.19 -54.77
C THR C 100 -14.12 38.61 -55.26
N LYS C 101 -14.99 39.08 -56.15
CA LYS C 101 -14.83 40.38 -56.76
C LYS C 101 -15.03 41.52 -55.74
N ARG C 102 -16.03 41.36 -54.89
CA ARG C 102 -16.30 42.29 -53.80
C ARG C 102 -15.08 42.50 -52.89
N ILE C 103 -14.27 41.46 -52.68
CA ILE C 103 -13.02 41.53 -51.89
C ILE C 103 -11.91 42.36 -52.58
N HIS C 104 -11.65 42.06 -53.85
CA HIS C 104 -10.64 42.78 -54.65
C HIS C 104 -10.88 44.28 -54.75
N GLU C 105 -12.13 44.71 -54.54
CA GLU C 105 -12.46 46.12 -54.47
C GLU C 105 -11.98 46.71 -53.15
N LEU C 106 -12.01 45.91 -52.08
CA LEU C 106 -11.49 46.33 -50.76
C LEU C 106 -9.99 46.52 -50.79
N VAL C 107 -9.30 45.49 -51.27
CA VAL C 107 -7.85 45.51 -51.38
C VAL C 107 -7.40 46.74 -52.18
N GLU C 108 -8.08 47.07 -53.28
CA GLU C 108 -7.74 48.29 -54.01
C GLU C 108 -7.91 49.53 -53.12
N MET C 109 -9.05 49.63 -52.45
CA MET C 109 -9.26 50.71 -51.50
C MET C 109 -8.12 50.77 -50.47
N ALA C 110 -7.71 49.62 -49.97
CA ALA C 110 -6.72 49.52 -48.90
C ALA C 110 -5.33 50.04 -49.29
N MET C 111 -5.04 50.03 -50.59
CA MET C 111 -3.82 50.63 -51.13
C MET C 111 -3.95 52.12 -51.34
N GLN C 112 -5.13 52.56 -51.78
CA GLN C 112 -5.43 53.96 -52.02
C GLN C 112 -5.36 54.75 -50.74
N GLU C 113 -5.84 54.11 -49.67
CA GLU C 113 -5.74 54.67 -48.34
C GLU C 113 -4.35 54.45 -47.73
N LYS C 114 -3.43 53.90 -48.53
CA LYS C 114 -2.16 53.37 -48.02
C LYS C 114 -2.39 52.77 -46.63
N ASP C 115 -3.40 51.91 -46.56
CA ASP C 115 -3.70 51.21 -45.33
C ASP C 115 -3.11 49.84 -45.50
N PHE C 116 -1.81 49.77 -45.31
CA PHE C 116 -1.07 48.55 -45.60
C PHE C 116 -1.50 47.40 -44.69
N ALA C 117 -1.82 47.74 -43.44
CA ALA C 117 -2.23 46.75 -42.43
C ALA C 117 -3.40 45.93 -42.91
N THR C 118 -4.31 46.60 -43.60
CA THR C 118 -5.52 45.97 -44.07
C THR C 118 -5.27 45.21 -45.37
N TYR C 119 -4.38 45.73 -46.22
CA TYR C 119 -3.98 45.01 -47.43
C TYR C 119 -3.49 43.61 -47.04
N ASN C 120 -2.50 43.53 -46.17
CA ASN C 120 -1.93 42.25 -45.75
C ASN C 120 -2.92 41.34 -45.05
N PHE C 121 -3.79 41.95 -44.27
CA PHE C 121 -4.84 41.19 -43.59
C PHE C 121 -5.82 40.53 -44.58
N LEU C 122 -6.05 41.18 -45.71
CA LEU C 122 -7.00 40.72 -46.72
C LEU C 122 -6.47 39.66 -47.69
N GLN C 123 -5.15 39.46 -47.72
CA GLN C 123 -4.56 38.46 -48.62
C GLN C 123 -5.08 37.04 -48.33
N TRP C 124 -5.39 36.76 -47.07
CA TRP C 124 -5.95 35.47 -46.65
C TRP C 124 -7.33 35.23 -47.27
N TYR C 125 -8.11 36.30 -47.39
CA TYR C 125 -9.44 36.25 -48.01
C TYR C 125 -9.36 36.07 -49.53
N VAL C 126 -8.27 36.57 -50.13
CA VAL C 126 -8.00 36.36 -51.55
C VAL C 126 -7.75 34.88 -51.80
N ALA C 127 -6.78 34.32 -51.08
CA ALA C 127 -6.43 32.90 -51.19
C ALA C 127 -7.66 32.02 -50.98
N GLU C 128 -8.34 32.20 -49.86
CA GLU C 128 -9.51 31.40 -49.50
C GLU C 128 -10.69 31.55 -50.48
N GLN C 129 -10.63 32.50 -51.41
CA GLN C 129 -11.70 32.61 -52.41
C GLN C 129 -11.36 31.78 -53.62
N VAL C 130 -10.07 31.71 -53.96
CA VAL C 130 -9.61 30.76 -54.98
C VAL C 130 -10.05 29.32 -54.64
N GLU C 131 -9.97 28.96 -53.37
CA GLU C 131 -10.33 27.62 -52.91
C GLU C 131 -11.85 27.37 -52.80
N GLU C 132 -12.63 28.42 -52.52
CA GLU C 132 -14.10 28.27 -52.49
C GLU C 132 -14.70 28.32 -53.90
N GLU C 133 -14.05 29.09 -54.79
CA GLU C 133 -14.47 29.17 -56.19
C GLU C 133 -14.29 27.82 -56.88
N ALA C 134 -13.13 27.20 -56.62
CA ALA C 134 -12.78 25.91 -57.21
C ALA C 134 -13.38 24.71 -56.47
N SER C 135 -13.63 24.83 -55.17
CA SER C 135 -14.36 23.78 -54.44
C SER C 135 -15.84 23.76 -54.90
N ALA C 136 -16.36 24.92 -55.30
CA ALA C 136 -17.71 24.99 -55.85
C ALA C 136 -17.76 24.41 -57.27
N LEU C 137 -16.80 24.80 -58.11
CA LEU C 137 -16.78 24.41 -59.53
C LEU C 137 -16.44 22.93 -59.75
N ASP C 138 -15.74 22.34 -58.80
CA ASP C 138 -15.48 20.90 -58.83
C ASP C 138 -16.82 20.18 -58.76
N ILE C 139 -17.73 20.72 -57.96
CA ILE C 139 -19.02 20.11 -57.66
C ILE C 139 -20.12 20.52 -58.63
N VAL C 140 -20.10 21.75 -59.11
CA VAL C 140 -21.06 22.14 -60.15
C VAL C 140 -20.83 21.25 -61.35
N GLU C 141 -19.60 21.23 -61.85
CA GLU C 141 -19.23 20.39 -63.00
C GLU C 141 -19.66 18.94 -62.83
N LYS C 142 -19.30 18.35 -61.68
CA LYS C 142 -19.67 16.95 -61.38
C LYS C 142 -21.18 16.69 -61.46
N LEU C 143 -22.00 17.60 -60.93
CA LEU C 143 -23.46 17.42 -60.94
C LEU C 143 -24.06 17.47 -62.35
N ARG C 144 -23.42 18.19 -63.26
CA ARG C 144 -23.82 18.20 -64.67
C ARG C 144 -23.46 16.87 -65.29
N LEU C 145 -22.18 16.51 -65.14
CA LEU C 145 -21.61 15.26 -65.68
C LEU C 145 -22.43 14.07 -65.20
N ILE C 146 -22.69 14.02 -63.90
CA ILE C 146 -23.58 13.04 -63.28
C ILE C 146 -24.98 13.12 -63.89
N GLY C 147 -25.49 14.34 -64.00
CA GLY C 147 -26.79 14.58 -64.62
C GLY C 147 -27.91 14.09 -63.75
N GLU C 148 -28.69 13.15 -64.27
CA GLU C 148 -29.89 12.67 -63.59
C GLU C 148 -29.69 11.28 -63.03
N ASP C 149 -28.52 10.70 -63.27
CA ASP C 149 -28.16 9.41 -62.69
C ASP C 149 -28.40 9.49 -61.18
N LYS C 150 -29.46 8.84 -60.69
CA LYS C 150 -29.79 8.90 -59.28
C LYS C 150 -28.66 8.39 -58.41
N ARG C 151 -28.12 7.23 -58.79
CA ARG C 151 -27.08 6.60 -57.98
C ARG C 151 -25.87 7.49 -57.74
N ALA C 152 -25.28 7.99 -58.82
CA ALA C 152 -24.12 8.87 -58.75
C ALA C 152 -24.37 9.99 -57.76
N LEU C 153 -25.54 10.61 -57.84
CA LEU C 153 -25.95 11.65 -56.91
C LEU C 153 -25.78 11.16 -55.48
N LEU C 154 -26.37 10.00 -55.17
CA LEU C 154 -26.27 9.43 -53.82
C LEU C 154 -24.82 9.09 -53.46
N PHE C 155 -24.02 8.67 -54.44
CA PHE C 155 -22.58 8.49 -54.21
C PHE C 155 -21.95 9.82 -53.78
N LEU C 156 -22.15 10.85 -54.60
CA LEU C 156 -21.60 12.18 -54.35
C LEU C 156 -22.07 12.72 -52.99
N ASP C 157 -23.33 12.47 -52.64
CA ASP C 157 -23.85 12.75 -51.30
C ASP C 157 -22.95 12.16 -50.23
N LYS C 158 -22.69 10.87 -50.31
CA LYS C 158 -21.85 10.20 -49.32
C LYS C 158 -20.45 10.78 -49.22
N GLU C 159 -19.91 11.29 -50.33
CA GLU C 159 -18.62 11.99 -50.29
C GLU C 159 -18.74 13.25 -49.42
N LEU C 160 -19.76 14.05 -49.71
CA LEU C 160 -19.97 15.35 -49.07
C LEU C 160 -20.21 15.28 -47.56
N SER C 161 -20.69 14.13 -47.09
CA SER C 161 -20.92 13.91 -45.66
C SER C 161 -19.63 13.73 -44.85
N LEU C 162 -18.49 13.61 -45.53
CA LEU C 162 -17.18 13.50 -44.85
C LEU C 162 -16.48 14.85 -44.60
N ARG C 163 -17.08 15.96 -45.02
CA ARG C 163 -16.48 17.27 -44.74
C ARG C 163 -16.68 17.66 -43.28
N GLN C 164 -15.60 18.14 -42.65
CA GLN C 164 -15.60 18.46 -41.22
C GLN C 164 -15.29 19.94 -40.91
N PHE C 165 -14.49 20.60 -41.74
CA PHE C 165 -14.21 22.03 -41.57
C PHE C 165 -13.41 22.57 -42.76
N SER D 3 -47.28 13.70 -38.80
CA SER D 3 -47.97 13.92 -37.49
C SER D 3 -47.82 15.35 -36.95
N ILE D 4 -46.59 15.90 -36.93
CA ILE D 4 -46.38 17.27 -36.43
C ILE D 4 -47.29 18.27 -37.17
N SER D 5 -47.99 19.10 -36.40
CA SER D 5 -48.99 19.98 -36.98
C SER D 5 -48.32 21.10 -37.76
N GLU D 6 -49.12 21.77 -38.59
CA GLU D 6 -48.67 22.90 -39.37
C GLU D 6 -48.52 24.15 -38.51
N LYS D 7 -49.34 24.24 -37.47
CA LYS D 7 -49.29 25.36 -36.54
C LYS D 7 -47.97 25.37 -35.75
N MET D 8 -47.56 24.18 -35.29
CA MET D 8 -46.29 23.98 -34.56
C MET D 8 -45.12 24.45 -35.41
N VAL D 9 -45.00 23.84 -36.59
CA VAL D 9 -43.95 24.17 -37.56
C VAL D 9 -43.83 25.68 -37.80
N GLU D 10 -44.97 26.37 -37.82
CA GLU D 10 -45.01 27.84 -37.94
C GLU D 10 -44.53 28.49 -36.63
N ALA D 11 -45.07 28.02 -35.52
CA ALA D 11 -44.77 28.56 -34.20
C ALA D 11 -43.30 28.39 -33.81
N LEU D 12 -42.71 27.29 -34.27
CA LEU D 12 -41.30 26.97 -33.98
C LEU D 12 -40.36 27.81 -34.86
N ASN D 13 -40.52 27.72 -36.18
CA ASN D 13 -39.77 28.57 -37.14
C ASN D 13 -39.60 30.00 -36.65
N ARG D 14 -40.58 30.47 -35.87
CA ARG D 14 -40.51 31.78 -35.25
C ARG D 14 -39.52 31.83 -34.09
N GLN D 15 -39.40 30.74 -33.35
CA GLN D 15 -38.47 30.68 -32.21
C GLN D 15 -37.04 30.40 -32.65
N ILE D 16 -36.86 29.60 -33.70
CA ILE D 16 -35.56 29.48 -34.35
C ILE D 16 -35.10 30.88 -34.78
N ASN D 17 -35.98 31.58 -35.49
CA ASN D 17 -35.73 32.95 -35.93
C ASN D 17 -35.42 33.88 -34.74
N ALA D 18 -36.21 33.76 -33.67
CA ALA D 18 -36.01 34.55 -32.45
C ALA D 18 -34.69 34.24 -31.76
N GLU D 19 -34.32 32.96 -31.73
CA GLU D 19 -33.08 32.54 -31.08
C GLU D 19 -31.85 33.08 -31.84
N ILE D 20 -31.94 33.17 -33.17
CA ILE D 20 -30.85 33.76 -33.95
C ILE D 20 -30.71 35.26 -33.68
N TYR D 21 -31.82 35.99 -33.63
CA TYR D 21 -31.76 37.40 -33.22
C TYR D 21 -31.20 37.48 -31.79
N SER D 22 -31.71 36.64 -30.89
CA SER D 22 -31.20 36.62 -29.52
C SER D 22 -29.67 36.50 -29.53
N ALA D 23 -29.14 35.76 -30.50
CA ALA D 23 -27.69 35.61 -30.70
C ALA D 23 -27.03 36.85 -31.31
N TYR D 24 -27.62 37.36 -32.39
CA TYR D 24 -27.14 38.58 -33.06
C TYR D 24 -27.08 39.77 -32.10
N LEU D 25 -28.10 39.88 -31.25
CA LEU D 25 -28.18 40.93 -30.23
C LEU D 25 -26.98 40.88 -29.31
N TYR D 26 -26.62 39.67 -28.88
CA TYR D 26 -25.44 39.47 -28.06
C TYR D 26 -24.16 39.77 -28.81
N LEU D 27 -24.13 39.47 -30.10
CA LEU D 27 -22.98 39.79 -30.92
C LEU D 27 -22.69 41.29 -30.90
N SER D 28 -23.72 42.14 -31.06
CA SER D 28 -23.47 43.58 -31.12
C SER D 28 -22.95 44.12 -29.77
N MET D 29 -23.45 43.58 -28.66
CA MET D 29 -22.98 44.00 -27.35
C MET D 29 -21.49 43.78 -27.27
N ALA D 30 -21.01 42.70 -27.88
CA ALA D 30 -19.57 42.47 -27.94
C ALA D 30 -18.83 43.65 -28.54
N SER D 31 -19.24 44.07 -29.74
CA SER D 31 -18.66 45.26 -30.37
C SER D 31 -18.76 46.47 -29.45
N TYR D 32 -19.91 46.63 -28.78
CA TYR D 32 -20.12 47.71 -27.82
C TYR D 32 -19.04 47.66 -26.75
N PHE D 33 -18.93 46.52 -26.08
CA PHE D 33 -17.99 46.37 -24.97
C PHE D 33 -16.53 46.52 -25.40
N ASP D 34 -16.24 46.32 -26.69
CA ASP D 34 -14.88 46.50 -27.23
C ASP D 34 -14.52 47.98 -27.35
N SER D 35 -15.51 48.77 -27.80
CA SER D 35 -15.34 50.22 -27.98
C SER D 35 -15.12 50.95 -26.64
N ILE D 36 -15.85 50.54 -25.61
CA ILE D 36 -15.57 51.03 -24.26
C ILE D 36 -14.60 50.14 -23.48
N GLY D 37 -13.81 49.33 -24.19
CA GLY D 37 -12.59 48.76 -23.66
C GLY D 37 -12.69 47.65 -22.64
N LEU D 38 -13.79 46.90 -22.63
CA LEU D 38 -14.02 45.82 -21.66
C LEU D 38 -14.02 44.44 -22.34
N LYS D 39 -12.84 43.81 -22.35
CA LYS D 39 -12.60 42.62 -23.18
C LYS D 39 -13.39 41.41 -22.67
N GLY D 40 -13.49 41.29 -21.34
CA GLY D 40 -14.13 40.15 -20.68
C GLY D 40 -15.64 40.23 -20.75
N PHE D 41 -16.16 41.45 -20.75
CA PHE D 41 -17.58 41.65 -20.98
C PHE D 41 -17.89 41.25 -22.44
N SER D 42 -17.01 41.65 -23.37
CA SER D 42 -17.15 41.23 -24.77
C SER D 42 -17.07 39.72 -24.96
N ASN D 43 -16.09 39.08 -24.31
CA ASN D 43 -15.97 37.60 -24.36
C ASN D 43 -17.27 36.91 -23.98
N TRP D 44 -17.75 37.22 -22.78
CA TRP D 44 -19.06 36.77 -22.30
C TRP D 44 -20.06 36.84 -23.45
N MET D 45 -20.14 38.00 -24.11
CA MET D 45 -21.10 38.15 -25.18
C MET D 45 -20.75 37.18 -26.29
N ARG D 46 -19.49 37.16 -26.72
CA ARG D 46 -19.04 36.25 -27.80
C ARG D 46 -19.50 34.82 -27.54
N VAL D 47 -19.20 34.31 -26.35
CA VAL D 47 -19.61 32.93 -25.99
C VAL D 47 -21.13 32.76 -25.92
N GLN D 48 -21.82 33.79 -25.44
CA GLN D 48 -23.28 33.79 -25.40
C GLN D 48 -23.91 33.75 -26.78
N TRP D 49 -23.36 34.54 -27.69
CA TRP D 49 -23.75 34.53 -29.13
C TRP D 49 -23.60 33.13 -29.72
N GLN D 50 -22.46 32.51 -29.46
CA GLN D 50 -22.19 31.14 -29.89
C GLN D 50 -23.19 30.18 -29.25
N GLU D 51 -23.38 30.29 -27.94
CA GLU D 51 -24.27 29.36 -27.23
C GLU D 51 -25.72 29.39 -27.74
N GLU D 52 -26.32 30.59 -27.78
CA GLU D 52 -27.69 30.74 -28.30
C GLU D 52 -27.78 30.24 -29.75
N LEU D 53 -26.72 30.41 -30.53
CA LEU D 53 -26.74 29.92 -31.91
C LEU D 53 -26.89 28.39 -31.97
N CYS D 54 -26.40 27.69 -30.95
CA CYS D 54 -26.56 26.24 -30.85
C CYS D 54 -27.97 25.85 -30.43
N HIS D 55 -28.61 26.67 -29.60
CA HIS D 55 -30.02 26.49 -29.28
C HIS D 55 -30.78 26.45 -30.60
N ALA D 56 -30.48 27.41 -31.46
CA ALA D 56 -31.19 27.54 -32.73
C ALA D 56 -31.00 26.29 -33.57
N MET D 57 -29.78 25.76 -33.58
CA MET D 57 -29.51 24.54 -34.34
C MET D 57 -30.23 23.34 -33.72
N LYS D 58 -30.15 23.19 -32.41
CA LYS D 58 -30.88 22.11 -31.76
C LYS D 58 -32.28 22.01 -32.35
N MET D 59 -32.98 23.15 -32.33
CA MET D 59 -34.38 23.26 -32.78
C MET D 59 -34.49 23.15 -34.30
N PHE D 60 -33.50 23.67 -35.01
CA PHE D 60 -33.37 23.48 -36.46
C PHE D 60 -33.48 22.00 -36.87
N ASP D 61 -32.72 21.15 -36.18
CA ASP D 61 -32.64 19.70 -36.49
C ASP D 61 -33.89 18.93 -36.07
N PHE D 62 -34.46 19.32 -34.93
CA PHE D 62 -35.72 18.76 -34.43
C PHE D 62 -36.83 18.94 -35.46
N VAL D 63 -36.99 20.17 -35.93
CA VAL D 63 -38.00 20.48 -36.95
C VAL D 63 -37.77 19.63 -38.21
N SER D 64 -36.50 19.38 -38.55
CA SER D 64 -36.16 18.57 -39.74
C SER D 64 -36.38 17.07 -39.53
N GLU D 65 -36.04 16.58 -38.34
CA GLU D 65 -36.25 15.17 -37.97
C GLU D 65 -37.75 14.84 -37.86
N ARG D 66 -38.49 15.73 -37.22
CA ARG D 66 -39.94 15.61 -37.09
C ARG D 66 -40.67 15.69 -38.43
N GLY D 67 -40.03 16.31 -39.43
CA GLY D 67 -40.59 16.39 -40.78
C GLY D 67 -40.67 17.81 -41.30
N GLY D 68 -41.12 18.75 -40.46
CA GLY D 68 -41.38 20.13 -40.87
C GLY D 68 -40.23 20.80 -41.62
N ARG D 69 -40.57 21.75 -42.49
CA ARG D 69 -39.60 22.41 -43.37
C ARG D 69 -39.21 23.76 -42.80
N ILE D 70 -37.91 24.06 -42.79
CA ILE D 70 -37.42 25.27 -42.13
C ILE D 70 -37.20 26.40 -43.13
N PHE D 71 -38.08 27.40 -43.06
CA PHE D 71 -37.92 28.64 -43.83
C PHE D 71 -37.41 29.76 -42.91
N LEU D 72 -36.33 30.39 -43.36
CA LEU D 72 -35.64 31.42 -42.59
C LEU D 72 -36.14 32.81 -42.97
N GLN D 73 -36.43 33.65 -41.97
CA GLN D 73 -36.85 35.02 -42.22
C GLN D 73 -35.65 35.94 -42.08
N ASP D 74 -35.82 37.19 -42.50
CA ASP D 74 -34.75 38.16 -42.43
C ASP D 74 -34.54 38.54 -40.96
N ILE D 75 -33.38 39.11 -40.65
CA ILE D 75 -32.93 39.35 -39.28
C ILE D 75 -32.86 40.86 -39.05
N LYS D 76 -33.42 41.33 -37.92
CA LYS D 76 -33.51 42.78 -37.66
C LYS D 76 -32.22 43.36 -37.10
N LYS D 77 -32.03 44.66 -37.28
CA LYS D 77 -30.82 45.33 -36.79
C LYS D 77 -30.89 45.57 -35.26
N PRO D 78 -29.98 44.96 -34.48
CA PRO D 78 -29.98 45.07 -33.02
C PRO D 78 -29.52 46.41 -32.45
N ASP D 79 -29.96 46.71 -31.23
CA ASP D 79 -29.56 47.96 -30.57
C ASP D 79 -28.04 47.92 -30.46
N SER D 80 -27.36 49.00 -30.85
CA SER D 80 -25.89 48.99 -30.85
C SER D 80 -25.26 49.78 -29.70
N GLU D 81 -26.05 50.54 -28.96
CA GLU D 81 -25.52 51.40 -27.89
C GLU D 81 -26.28 51.26 -26.56
N TRP D 82 -25.56 51.42 -25.46
CA TRP D 82 -26.16 51.41 -24.14
C TRP D 82 -25.40 52.39 -23.25
N GLU D 83 -26.09 52.96 -22.27
CA GLU D 83 -25.57 54.07 -21.47
C GLU D 83 -24.47 53.64 -20.50
N SER D 84 -24.51 52.40 -20.05
CA SER D 84 -23.46 51.83 -19.21
C SER D 84 -23.50 50.31 -19.30
N PRO D 85 -22.44 49.63 -18.83
CA PRO D 85 -22.47 48.17 -18.75
C PRO D 85 -23.69 47.68 -17.96
N LEU D 86 -23.91 48.29 -16.79
CA LEU D 86 -25.09 48.01 -15.96
C LEU D 86 -26.36 48.03 -16.79
N ALA D 87 -26.52 49.07 -17.60
CA ALA D 87 -27.70 49.16 -18.46
C ALA D 87 -27.75 47.94 -19.33
N ALA D 88 -26.67 47.72 -20.07
CA ALA D 88 -26.58 46.62 -21.01
C ALA D 88 -27.21 45.34 -20.46
N PHE D 89 -26.69 44.87 -19.33
CA PHE D 89 -27.12 43.57 -18.77
C PHE D 89 -28.56 43.56 -18.27
N GLU D 90 -29.07 44.72 -17.86
CA GLU D 90 -30.49 44.87 -17.52
C GLU D 90 -31.35 44.61 -18.76
N HIS D 91 -30.87 45.08 -19.92
CA HIS D 91 -31.51 44.77 -21.21
C HIS D 91 -31.41 43.29 -21.57
N VAL D 92 -30.33 42.62 -21.13
CA VAL D 92 -30.13 41.18 -21.37
C VAL D 92 -31.12 40.34 -20.58
N TYR D 93 -31.16 40.56 -19.26
CA TYR D 93 -32.11 39.89 -18.38
C TYR D 93 -33.52 39.99 -18.96
N GLU D 94 -34.00 41.22 -19.14
CA GLU D 94 -35.34 41.50 -19.67
C GLU D 94 -35.61 40.72 -20.95
N HIS D 95 -34.59 40.65 -21.80
CA HIS D 95 -34.68 39.96 -23.06
C HIS D 95 -34.85 38.45 -22.88
N GLU D 96 -34.06 37.86 -21.99
CA GLU D 96 -34.16 36.42 -21.75
C GLU D 96 -35.45 36.09 -20.98
N VAL D 97 -35.90 36.99 -20.11
CA VAL D 97 -37.20 36.84 -19.45
C VAL D 97 -38.31 36.85 -20.50
N ASN D 98 -38.14 37.71 -21.50
CA ASN D 98 -39.03 37.76 -22.66
C ASN D 98 -39.02 36.44 -23.46
N VAL D 99 -37.82 35.91 -23.68
CA VAL D 99 -37.66 34.63 -24.39
C VAL D 99 -38.23 33.48 -23.54
N THR D 100 -38.13 33.60 -22.22
CA THR D 100 -38.70 32.60 -21.32
C THR D 100 -40.21 32.51 -21.51
N LYS D 101 -40.84 33.67 -21.64
CA LYS D 101 -42.28 33.75 -21.91
C LYS D 101 -42.65 33.05 -23.23
N ARG D 102 -42.03 33.47 -24.33
CA ARG D 102 -42.31 32.87 -25.66
C ARG D 102 -42.23 31.34 -25.64
N ILE D 103 -41.26 30.80 -24.89
CA ILE D 103 -41.07 29.35 -24.76
C ILE D 103 -42.18 28.70 -23.93
N HIS D 104 -42.41 29.19 -22.71
CA HIS D 104 -43.49 28.68 -21.86
C HIS D 104 -44.80 28.64 -22.64
N GLU D 105 -45.00 29.60 -23.55
CA GLU D 105 -46.14 29.57 -24.46
C GLU D 105 -46.09 28.35 -25.36
N LEU D 106 -44.98 28.18 -26.07
CA LEU D 106 -44.81 27.02 -26.95
C LEU D 106 -45.01 25.71 -26.19
N VAL D 107 -44.64 25.71 -24.91
CA VAL D 107 -44.86 24.56 -24.04
C VAL D 107 -46.35 24.23 -23.95
N GLU D 108 -47.17 25.23 -23.66
CA GLU D 108 -48.62 25.03 -23.53
C GLU D 108 -49.31 24.70 -24.85
N MET D 109 -48.71 25.17 -25.94
CA MET D 109 -49.20 24.90 -27.30
C MET D 109 -48.96 23.44 -27.69
N ALA D 110 -47.93 22.84 -27.10
CA ALA D 110 -47.61 21.43 -27.30
C ALA D 110 -48.56 20.55 -26.50
N MET D 111 -48.99 21.06 -25.36
CA MET D 111 -50.01 20.40 -24.54
C MET D 111 -51.34 20.43 -25.27
N GLN D 112 -51.76 21.64 -25.64
CA GLN D 112 -53.09 21.87 -26.21
C GLN D 112 -53.27 21.37 -27.64
N GLU D 113 -52.18 20.94 -28.27
CA GLU D 113 -52.29 20.14 -29.50
C GLU D 113 -52.08 18.65 -29.22
N LYS D 114 -51.73 18.32 -27.99
CA LYS D 114 -51.27 16.98 -27.62
C LYS D 114 -50.18 16.46 -28.58
N ASP D 115 -49.15 17.30 -28.72
CA ASP D 115 -47.95 16.97 -29.47
C ASP D 115 -46.89 16.71 -28.42
N PHE D 116 -46.85 15.48 -27.91
CA PHE D 116 -46.02 15.16 -26.76
C PHE D 116 -44.54 15.26 -27.09
N ALA D 117 -44.15 14.70 -28.23
CA ALA D 117 -42.76 14.77 -28.71
C ALA D 117 -42.20 16.17 -28.55
N THR D 118 -42.89 17.16 -29.10
CA THR D 118 -42.48 18.55 -28.98
C THR D 118 -42.43 19.01 -27.53
N TYR D 119 -43.37 18.54 -26.70
CA TYR D 119 -43.42 18.95 -25.29
C TYR D 119 -42.09 18.63 -24.64
N ASN D 120 -41.72 17.37 -24.71
CA ASN D 120 -40.51 16.88 -24.07
C ASN D 120 -39.24 17.52 -24.60
N PHE D 121 -39.18 17.68 -25.91
CA PHE D 121 -38.08 18.39 -26.54
C PHE D 121 -37.86 19.70 -25.81
N LEU D 122 -38.92 20.51 -25.71
CA LEU D 122 -38.86 21.84 -25.07
C LEU D 122 -38.54 21.91 -23.58
N GLN D 123 -38.50 20.78 -22.87
CA GLN D 123 -38.18 20.79 -21.44
C GLN D 123 -36.73 21.23 -21.19
N TRP D 124 -35.86 20.94 -22.14
CA TRP D 124 -34.47 21.40 -22.10
C TRP D 124 -34.43 22.92 -21.96
N TYR D 125 -35.19 23.62 -22.82
CA TYR D 125 -35.18 25.08 -22.85
C TYR D 125 -35.88 25.66 -21.61
N VAL D 126 -36.83 24.90 -21.06
CA VAL D 126 -37.45 25.27 -19.79
C VAL D 126 -36.39 25.30 -18.69
N ALA D 127 -35.55 24.27 -18.66
CA ALA D 127 -34.43 24.21 -17.72
C ALA D 127 -33.35 25.25 -18.05
N GLU D 128 -32.94 25.27 -19.32
CA GLU D 128 -31.85 26.12 -19.79
C GLU D 128 -32.02 27.55 -19.34
N GLN D 129 -33.23 28.05 -19.53
CA GLN D 129 -33.57 29.43 -19.23
C GLN D 129 -33.47 29.74 -17.75
N VAL D 130 -33.53 28.72 -16.89
CA VAL D 130 -33.38 28.93 -15.46
C VAL D 130 -31.98 29.47 -15.15
N GLU D 131 -31.01 29.12 -15.99
CA GLU D 131 -29.63 29.63 -15.84
C GLU D 131 -29.42 30.99 -16.49
N GLU D 132 -30.03 31.18 -17.66
CA GLU D 132 -29.88 32.45 -18.42
C GLU D 132 -30.41 33.65 -17.66
N GLU D 133 -31.61 33.47 -17.09
CA GLU D 133 -32.18 34.41 -16.15
C GLU D 133 -31.20 34.60 -14.99
N ALA D 134 -30.88 33.52 -14.29
CA ALA D 134 -30.08 33.59 -13.06
C ALA D 134 -28.65 34.13 -13.23
N SER D 135 -27.96 33.69 -14.29
CA SER D 135 -26.59 34.16 -14.57
C SER D 135 -26.55 35.65 -14.95
N ALA D 136 -27.62 36.13 -15.58
CA ALA D 136 -27.69 37.51 -16.05
C ALA D 136 -28.12 38.45 -14.95
N LEU D 137 -28.97 37.97 -14.05
CA LEU D 137 -29.42 38.75 -12.89
C LEU D 137 -28.27 38.91 -11.90
N ASP D 138 -27.56 37.81 -11.61
CA ASP D 138 -26.37 37.86 -10.74
C ASP D 138 -25.40 38.94 -11.24
N ILE D 139 -25.25 39.03 -12.55
CA ILE D 139 -24.33 39.98 -13.14
C ILE D 139 -24.90 41.40 -13.15
N VAL D 140 -26.23 41.54 -13.19
CA VAL D 140 -26.85 42.84 -12.93
C VAL D 140 -26.59 43.28 -11.49
N GLU D 141 -27.18 42.55 -10.55
CA GLU D 141 -27.03 42.86 -9.13
C GLU D 141 -25.63 43.39 -8.81
N LYS D 142 -24.62 42.63 -9.24
CA LYS D 142 -23.21 42.94 -8.98
C LYS D 142 -22.84 44.37 -9.42
N LEU D 143 -23.28 44.74 -10.61
CA LEU D 143 -22.97 46.04 -11.18
C LEU D 143 -23.60 47.20 -10.39
N ARG D 144 -24.84 46.99 -9.94
CA ARG D 144 -25.52 47.95 -9.06
C ARG D 144 -24.77 48.11 -7.74
N LEU D 145 -24.34 46.98 -7.20
CA LEU D 145 -23.55 46.97 -5.98
C LEU D 145 -22.18 47.65 -6.15
N ILE D 146 -21.60 47.51 -7.34
CA ILE D 146 -20.30 48.12 -7.69
C ILE D 146 -20.44 49.61 -8.01
N GLY D 147 -21.23 49.91 -9.04
CA GLY D 147 -21.44 51.28 -9.48
C GLY D 147 -20.23 51.92 -10.16
N GLU D 148 -19.93 53.14 -9.75
CA GLU D 148 -18.96 53.98 -10.47
C GLU D 148 -17.49 53.71 -10.02
N ASP D 149 -17.32 52.83 -9.03
CA ASP D 149 -16.00 52.33 -8.65
C ASP D 149 -15.49 51.53 -9.84
N LYS D 150 -14.76 52.19 -10.72
CA LYS D 150 -14.35 51.56 -11.99
C LYS D 150 -13.31 50.46 -11.81
N ARG D 151 -12.58 50.52 -10.70
CA ARG D 151 -11.67 49.45 -10.33
C ARG D 151 -12.44 48.14 -10.13
N ALA D 152 -13.56 48.21 -9.42
CA ALA D 152 -14.41 47.04 -9.19
C ALA D 152 -15.12 46.58 -10.45
N LEU D 153 -15.20 47.46 -11.45
CA LEU D 153 -15.70 47.07 -12.76
C LEU D 153 -14.73 46.10 -13.43
N LEU D 154 -13.44 46.46 -13.42
CA LEU D 154 -12.41 45.67 -14.08
C LEU D 154 -12.22 44.33 -13.41
N PHE D 155 -12.34 44.32 -12.09
CA PHE D 155 -12.25 43.10 -11.33
C PHE D 155 -13.26 42.04 -11.81
N LEU D 156 -14.45 42.51 -12.21
CA LEU D 156 -15.51 41.66 -12.75
C LEU D 156 -15.33 41.38 -14.24
N ASP D 157 -14.81 42.38 -14.97
CA ASP D 157 -14.42 42.21 -16.37
C ASP D 157 -13.51 40.99 -16.57
N LYS D 158 -12.53 40.84 -15.67
CA LYS D 158 -11.61 39.71 -15.72
C LYS D 158 -12.33 38.40 -15.42
N GLU D 159 -13.22 38.42 -14.44
CA GLU D 159 -14.05 37.26 -14.10
C GLU D 159 -14.84 36.77 -15.30
N LEU D 160 -15.42 37.69 -16.07
CA LEU D 160 -16.22 37.32 -17.25
C LEU D 160 -15.34 36.99 -18.47
N SER D 161 -14.04 37.33 -18.37
CA SER D 161 -13.04 36.97 -19.39
C SER D 161 -12.75 35.48 -19.42
N LEU D 162 -13.17 34.75 -18.38
CA LEU D 162 -12.90 33.33 -18.24
C LEU D 162 -13.93 32.42 -18.90
N ARG D 163 -15.17 32.88 -19.00
CA ARG D 163 -16.25 32.02 -19.52
C ARG D 163 -15.84 31.38 -20.83
N GLN D 164 -16.08 30.07 -20.97
CA GLN D 164 -15.54 29.31 -22.08
C GLN D 164 -16.56 28.36 -22.68
N PHE D 165 -16.52 28.19 -24.00
CA PHE D 165 -17.33 27.22 -24.69
C PHE D 165 -16.50 25.96 -24.88
N SER E 3 -47.76 1.03 -5.03
CA SER E 3 -48.03 2.43 -5.48
C SER E 3 -48.66 2.49 -6.88
N ILE E 4 -48.16 1.67 -7.81
CA ILE E 4 -48.72 1.56 -9.17
C ILE E 4 -50.12 0.92 -9.17
N SER E 5 -50.95 1.29 -10.14
CA SER E 5 -52.31 0.74 -10.25
C SER E 5 -52.32 -0.55 -11.07
N GLU E 6 -53.46 -1.23 -11.03
CA GLU E 6 -53.67 -2.48 -11.77
C GLU E 6 -54.15 -2.20 -13.19
N LYS E 7 -54.71 -1.01 -13.40
CA LYS E 7 -55.05 -0.54 -14.73
C LYS E 7 -53.77 -0.24 -15.50
N MET E 8 -52.82 0.38 -14.81
CA MET E 8 -51.53 0.77 -15.41
C MET E 8 -50.66 -0.45 -15.69
N VAL E 9 -50.54 -1.34 -14.71
CA VAL E 9 -49.79 -2.59 -14.90
C VAL E 9 -50.34 -3.31 -16.13
N GLU E 10 -51.66 -3.38 -16.23
CA GLU E 10 -52.34 -4.09 -17.33
C GLU E 10 -52.05 -3.49 -18.71
N ALA E 11 -52.12 -2.16 -18.79
CA ALA E 11 -51.88 -1.46 -20.07
C ALA E 11 -50.41 -1.57 -20.48
N LEU E 12 -49.51 -1.70 -19.51
CA LEU E 12 -48.08 -1.85 -19.81
C LEU E 12 -47.76 -3.21 -20.42
N ASN E 13 -48.28 -4.28 -19.83
CA ASN E 13 -48.00 -5.64 -20.32
C ASN E 13 -48.38 -5.86 -21.79
N ARG E 14 -49.34 -5.10 -22.28
CA ARG E 14 -49.72 -5.11 -23.69
C ARG E 14 -48.72 -4.36 -24.55
N GLN E 15 -48.12 -3.32 -23.99
CA GLN E 15 -47.08 -2.55 -24.69
C GLN E 15 -45.76 -3.31 -24.74
N ILE E 16 -45.42 -3.97 -23.64
CA ILE E 16 -44.33 -4.95 -23.64
C ILE E 16 -44.61 -5.98 -24.73
N ASN E 17 -45.76 -6.67 -24.63
CA ASN E 17 -46.17 -7.60 -25.69
C ASN E 17 -46.00 -6.94 -27.06
N ALA E 18 -46.52 -5.73 -27.17
CA ALA E 18 -46.53 -5.01 -28.43
C ALA E 18 -45.13 -4.67 -28.95
N GLU E 19 -44.19 -4.45 -28.05
CA GLU E 19 -42.79 -4.23 -28.45
C GLU E 19 -42.19 -5.55 -28.95
N ILE E 20 -42.49 -6.66 -28.29
CA ILE E 20 -41.90 -7.94 -28.68
C ILE E 20 -42.39 -8.37 -30.06
N TYR E 21 -43.67 -8.11 -30.36
CA TYR E 21 -44.19 -8.38 -31.70
C TYR E 21 -43.46 -7.49 -32.73
N SER E 22 -43.24 -6.22 -32.39
CA SER E 22 -42.45 -5.33 -33.25
C SER E 22 -41.09 -5.95 -33.55
N ALA E 23 -40.49 -6.54 -32.52
CA ALA E 23 -39.23 -7.23 -32.67
C ALA E 23 -39.36 -8.42 -33.61
N TYR E 24 -40.35 -9.27 -33.34
CA TYR E 24 -40.60 -10.45 -34.19
C TYR E 24 -40.91 -10.02 -35.64
N LEU E 25 -41.76 -9.00 -35.79
CA LEU E 25 -42.11 -8.46 -37.11
C LEU E 25 -40.86 -8.13 -37.90
N TYR E 26 -40.02 -7.27 -37.32
CA TYR E 26 -38.75 -6.88 -37.93
C TYR E 26 -37.90 -8.09 -38.24
N LEU E 27 -37.79 -8.99 -37.26
CA LEU E 27 -37.02 -10.21 -37.45
C LEU E 27 -37.56 -10.94 -38.68
N SER E 28 -38.88 -10.96 -38.83
CA SER E 28 -39.49 -11.55 -40.01
C SER E 28 -39.18 -10.81 -41.32
N MET E 29 -38.92 -9.50 -41.24
CA MET E 29 -38.49 -8.74 -42.42
C MET E 29 -37.08 -9.14 -42.81
N ALA E 30 -36.20 -9.30 -41.82
CA ALA E 30 -34.83 -9.73 -42.07
C ALA E 30 -34.83 -11.03 -42.85
N SER E 31 -35.75 -11.93 -42.50
CA SER E 31 -35.94 -13.16 -43.24
C SER E 31 -36.29 -12.86 -44.69
N TYR E 32 -37.27 -11.99 -44.91
CA TYR E 32 -37.71 -11.60 -46.28
C TYR E 32 -36.62 -10.96 -47.12
N PHE E 33 -35.90 -10.00 -46.53
CA PHE E 33 -34.84 -9.29 -47.22
C PHE E 33 -33.66 -10.21 -47.53
N ASP E 34 -33.45 -11.21 -46.67
CA ASP E 34 -32.50 -12.31 -46.94
C ASP E 34 -32.79 -12.97 -48.28
N SER E 35 -34.02 -13.43 -48.42
CA SER E 35 -34.47 -14.23 -49.57
C SER E 35 -34.25 -13.55 -50.93
N ILE E 36 -34.67 -12.28 -51.05
CA ILE E 36 -34.49 -11.54 -52.30
C ILE E 36 -33.05 -11.04 -52.48
N GLY E 37 -32.15 -11.40 -51.57
CA GLY E 37 -30.73 -11.20 -51.76
C GLY E 37 -30.28 -9.79 -51.46
N LEU E 38 -30.55 -9.33 -50.25
CA LEU E 38 -30.07 -8.05 -49.77
C LEU E 38 -29.57 -8.27 -48.36
N LYS E 39 -28.26 -8.14 -48.17
CA LYS E 39 -27.66 -8.32 -46.85
C LYS E 39 -27.79 -7.09 -45.96
N GLY E 40 -27.69 -5.91 -46.58
CA GLY E 40 -27.73 -4.63 -45.87
C GLY E 40 -29.09 -4.27 -45.29
N PHE E 41 -30.17 -4.67 -45.98
CA PHE E 41 -31.51 -4.51 -45.41
C PHE E 41 -31.77 -5.58 -44.36
N SER E 42 -31.17 -6.76 -44.54
CA SER E 42 -31.18 -7.79 -43.51
C SER E 42 -30.41 -7.34 -42.27
N ASN E 43 -29.27 -6.67 -42.46
CA ASN E 43 -28.53 -6.07 -41.34
C ASN E 43 -29.33 -5.00 -40.65
N TRP E 44 -30.02 -4.16 -41.41
CA TRP E 44 -30.81 -3.09 -40.80
C TRP E 44 -31.91 -3.67 -39.96
N MET E 45 -32.58 -4.70 -40.47
CA MET E 45 -33.66 -5.34 -39.74
C MET E 45 -33.19 -6.09 -38.49
N ARG E 46 -32.18 -6.96 -38.64
CA ARG E 46 -31.62 -7.69 -37.49
C ARG E 46 -31.21 -6.77 -36.35
N VAL E 47 -30.82 -5.53 -36.66
CA VAL E 47 -30.39 -4.57 -35.63
C VAL E 47 -31.59 -3.97 -34.89
N GLN E 48 -32.59 -3.52 -35.66
CA GLN E 48 -33.84 -3.00 -35.09
C GLN E 48 -34.55 -4.05 -34.22
N TRP E 49 -34.52 -5.31 -34.69
CA TRP E 49 -34.90 -6.50 -33.90
C TRP E 49 -34.32 -6.49 -32.48
N GLN E 50 -33.02 -6.30 -32.37
CA GLN E 50 -32.35 -6.26 -31.07
C GLN E 50 -32.70 -5.04 -30.24
N GLU E 51 -32.96 -3.91 -30.91
CA GLU E 51 -33.24 -2.65 -30.21
C GLU E 51 -34.65 -2.64 -29.61
N GLU E 52 -35.65 -3.01 -30.41
CA GLU E 52 -37.06 -3.09 -29.96
C GLU E 52 -37.15 -4.06 -28.80
N LEU E 53 -36.49 -5.20 -28.97
CA LEU E 53 -36.41 -6.19 -27.91
C LEU E 53 -35.88 -5.56 -26.61
N CYS E 54 -34.85 -4.73 -26.69
CA CYS E 54 -34.33 -4.02 -25.50
C CYS E 54 -35.28 -2.97 -24.89
N HIS E 55 -36.05 -2.29 -25.76
CA HIS E 55 -37.06 -1.33 -25.30
C HIS E 55 -38.08 -1.97 -24.34
N ALA E 56 -38.51 -3.18 -24.68
CA ALA E 56 -39.43 -3.96 -23.86
C ALA E 56 -38.83 -4.23 -22.49
N MET E 57 -37.61 -4.78 -22.49
CA MET E 57 -36.92 -5.09 -21.23
C MET E 57 -36.83 -3.88 -20.31
N LYS E 58 -36.56 -2.70 -20.89
CA LYS E 58 -36.49 -1.47 -20.10
C LYS E 58 -37.78 -1.26 -19.33
N MET E 59 -38.90 -1.55 -19.99
CA MET E 59 -40.24 -1.46 -19.39
C MET E 59 -40.53 -2.63 -18.45
N PHE E 60 -40.09 -3.84 -18.83
CA PHE E 60 -40.15 -5.02 -17.97
C PHE E 60 -39.56 -4.73 -16.58
N ASP E 61 -38.33 -4.25 -16.57
CA ASP E 61 -37.61 -3.95 -15.33
C ASP E 61 -38.30 -2.83 -14.54
N PHE E 62 -38.86 -1.86 -15.25
CA PHE E 62 -39.64 -0.78 -14.62
C PHE E 62 -40.92 -1.31 -13.94
N VAL E 63 -41.60 -2.24 -14.59
CA VAL E 63 -42.80 -2.84 -14.01
C VAL E 63 -42.45 -3.65 -12.75
N SER E 64 -41.38 -4.45 -12.85
CA SER E 64 -40.88 -5.27 -11.73
C SER E 64 -40.27 -4.42 -10.61
N GLU E 65 -39.69 -3.27 -10.97
CA GLU E 65 -39.22 -2.26 -10.02
C GLU E 65 -40.40 -1.59 -9.28
N ARG E 66 -41.58 -1.57 -9.90
CA ARG E 66 -42.78 -0.91 -9.36
C ARG E 66 -43.70 -1.83 -8.54
N GLY E 67 -43.40 -3.11 -8.50
CA GLY E 67 -44.18 -4.07 -7.72
C GLY E 67 -44.94 -5.02 -8.62
N GLY E 68 -45.42 -4.51 -9.75
CA GLY E 68 -46.27 -5.27 -10.65
C GLY E 68 -45.69 -6.59 -11.12
N ARG E 69 -46.58 -7.49 -11.51
CA ARG E 69 -46.20 -8.83 -11.95
C ARG E 69 -46.41 -8.94 -13.46
N ILE E 70 -45.38 -9.40 -14.16
CA ILE E 70 -45.33 -9.41 -15.60
C ILE E 70 -45.74 -10.77 -16.12
N PHE E 71 -46.84 -10.81 -16.87
CA PHE E 71 -47.22 -12.00 -17.60
C PHE E 71 -46.97 -11.75 -19.07
N LEU E 72 -46.78 -12.83 -19.80
CA LEU E 72 -46.49 -12.75 -21.22
C LEU E 72 -47.56 -13.52 -21.95
N GLN E 73 -48.07 -12.95 -23.04
CA GLN E 73 -49.12 -13.58 -23.85
C GLN E 73 -48.55 -14.16 -25.14
N ASP E 74 -49.37 -14.90 -25.88
CA ASP E 74 -48.93 -15.53 -27.14
C ASP E 74 -48.69 -14.47 -28.21
N ILE E 75 -47.71 -14.70 -29.08
CA ILE E 75 -47.31 -13.70 -30.06
C ILE E 75 -47.73 -14.09 -31.47
N LYS E 76 -48.43 -13.17 -32.13
CA LYS E 76 -49.03 -13.41 -33.43
C LYS E 76 -47.99 -13.69 -34.51
N LYS E 77 -48.40 -14.43 -35.53
CA LYS E 77 -47.56 -14.65 -36.70
C LYS E 77 -47.40 -13.35 -37.49
N PRO E 78 -46.15 -12.88 -37.67
CA PRO E 78 -45.93 -11.67 -38.45
C PRO E 78 -45.94 -11.97 -39.96
N ASP E 79 -46.29 -10.96 -40.75
CA ASP E 79 -46.30 -11.08 -42.22
C ASP E 79 -44.98 -11.67 -42.66
N SER E 80 -44.99 -12.39 -43.78
CA SER E 80 -43.78 -13.03 -44.29
C SER E 80 -43.37 -12.56 -45.68
N GLU E 81 -44.28 -11.94 -46.42
CA GLU E 81 -44.04 -11.58 -47.83
C GLU E 81 -44.42 -10.13 -48.09
N TRP E 82 -43.63 -9.44 -48.92
CA TRP E 82 -43.91 -8.06 -49.36
C TRP E 82 -43.52 -7.84 -50.81
N GLU E 83 -44.23 -6.95 -51.49
CA GLU E 83 -44.05 -6.74 -52.92
C GLU E 83 -42.64 -6.31 -53.27
N SER E 84 -42.14 -5.30 -52.55
CA SER E 84 -40.84 -4.68 -52.83
C SER E 84 -40.16 -4.16 -51.55
N PRO E 85 -38.85 -3.88 -51.63
CA PRO E 85 -38.16 -3.19 -50.54
C PRO E 85 -38.81 -1.86 -50.16
N LEU E 86 -39.45 -1.21 -51.11
CA LEU E 86 -40.21 0.02 -50.87
C LEU E 86 -41.40 -0.25 -49.94
N ALA E 87 -42.27 -1.17 -50.35
CA ALA E 87 -43.47 -1.51 -49.58
C ALA E 87 -43.10 -2.10 -48.23
N ALA E 88 -41.99 -2.83 -48.21
CA ALA E 88 -41.47 -3.45 -46.99
C ALA E 88 -40.86 -2.44 -46.00
N PHE E 89 -40.70 -1.19 -46.41
CA PHE E 89 -40.41 -0.11 -45.46
C PHE E 89 -41.64 0.75 -45.11
N GLU E 90 -42.61 0.84 -46.03
CA GLU E 90 -43.86 1.57 -45.78
C GLU E 90 -44.75 0.87 -44.72
N HIS E 91 -44.59 -0.44 -44.58
CA HIS E 91 -45.20 -1.17 -43.47
C HIS E 91 -44.50 -0.78 -42.15
N VAL E 92 -43.20 -0.56 -42.18
CA VAL E 92 -42.43 -0.17 -40.98
C VAL E 92 -42.82 1.23 -40.51
N TYR E 93 -42.93 2.16 -41.46
CA TYR E 93 -43.37 3.49 -41.12
C TYR E 93 -44.74 3.40 -40.45
N GLU E 94 -45.68 2.78 -41.15
CA GLU E 94 -47.05 2.69 -40.66
C GLU E 94 -47.16 2.04 -39.29
N HIS E 95 -46.29 1.06 -39.00
CA HIS E 95 -46.35 0.40 -37.71
C HIS E 95 -45.68 1.22 -36.59
N GLU E 96 -44.53 1.82 -36.89
CA GLU E 96 -43.87 2.70 -35.93
C GLU E 96 -44.65 4.01 -35.73
N VAL E 97 -45.47 4.37 -36.70
CA VAL E 97 -46.46 5.42 -36.48
C VAL E 97 -47.51 4.95 -35.46
N ASN E 98 -48.02 3.72 -35.66
CA ASN E 98 -49.00 3.12 -34.75
C ASN E 98 -48.51 2.87 -33.31
N VAL E 99 -47.22 2.60 -33.17
CA VAL E 99 -46.62 2.35 -31.85
C VAL E 99 -46.35 3.64 -31.11
N THR E 100 -46.00 4.70 -31.84
CA THR E 100 -45.92 6.03 -31.24
C THR E 100 -47.29 6.37 -30.65
N LYS E 101 -48.30 6.29 -31.50
CA LYS E 101 -49.69 6.48 -31.10
C LYS E 101 -50.03 5.69 -29.83
N ARG E 102 -49.72 4.40 -29.86
CA ARG E 102 -49.90 3.47 -28.75
C ARG E 102 -49.28 3.95 -27.43
N ILE E 103 -48.12 4.60 -27.53
CA ILE E 103 -47.45 5.15 -26.36
C ILE E 103 -48.20 6.37 -25.87
N HIS E 104 -48.49 7.30 -26.79
CA HIS E 104 -49.13 8.57 -26.43
C HIS E 104 -50.39 8.35 -25.61
N GLU E 105 -51.09 7.26 -25.90
CA GLU E 105 -52.21 6.81 -25.07
C GLU E 105 -51.72 6.55 -23.62
N LEU E 106 -50.69 5.71 -23.49
CA LEU E 106 -50.12 5.37 -22.19
C LEU E 106 -49.56 6.58 -21.46
N VAL E 107 -49.15 7.60 -22.20
CA VAL E 107 -48.75 8.87 -21.60
C VAL E 107 -49.96 9.59 -21.00
N GLU E 108 -51.10 9.52 -21.68
CA GLU E 108 -52.33 10.14 -21.20
C GLU E 108 -52.89 9.41 -19.99
N MET E 109 -52.80 8.10 -20.01
CA MET E 109 -53.32 7.27 -18.93
C MET E 109 -52.70 7.67 -17.60
N ALA E 110 -51.39 7.88 -17.64
CA ALA E 110 -50.61 8.22 -16.46
C ALA E 110 -50.92 9.63 -15.93
N MET E 111 -51.24 10.55 -16.82
CA MET E 111 -51.61 11.91 -16.43
C MET E 111 -52.91 11.93 -15.60
N GLN E 112 -53.88 11.12 -16.01
CA GLN E 112 -55.17 11.02 -15.30
C GLN E 112 -55.01 10.39 -13.92
N GLU E 113 -54.39 9.22 -13.89
CA GLU E 113 -54.14 8.49 -12.63
C GLU E 113 -53.13 9.19 -11.69
N LYS E 114 -52.47 10.23 -12.19
CA LYS E 114 -51.43 10.96 -11.45
C LYS E 114 -50.31 10.04 -11.00
N ASP E 115 -50.04 9.05 -11.86
CA ASP E 115 -48.90 8.17 -11.75
C ASP E 115 -47.79 8.92 -12.47
N PHE E 116 -47.23 9.91 -11.78
CA PHE E 116 -46.17 10.72 -12.34
C PHE E 116 -44.89 9.91 -12.54
N ALA E 117 -44.72 8.85 -11.75
CA ALA E 117 -43.59 7.96 -11.93
C ALA E 117 -43.58 7.32 -13.31
N THR E 118 -44.72 6.80 -13.76
CA THR E 118 -44.80 6.22 -15.10
C THR E 118 -44.69 7.29 -16.19
N TYR E 119 -45.46 8.37 -16.04
CA TYR E 119 -45.42 9.47 -17.00
C TYR E 119 -43.97 9.90 -17.24
N ASN E 120 -43.27 10.14 -16.13
CA ASN E 120 -41.86 10.53 -16.10
C ASN E 120 -40.90 9.49 -16.71
N PHE E 121 -41.28 8.21 -16.62
CA PHE E 121 -40.51 7.13 -17.25
C PHE E 121 -40.73 7.08 -18.76
N LEU E 122 -41.97 7.29 -19.19
CA LEU E 122 -42.35 7.13 -20.59
C LEU E 122 -41.79 8.19 -21.56
N GLN E 123 -41.20 9.25 -21.02
CA GLN E 123 -40.65 10.35 -21.84
C GLN E 123 -39.43 9.91 -22.66
N TRP E 124 -38.72 8.89 -22.19
CA TRP E 124 -37.71 8.21 -22.99
C TRP E 124 -38.29 7.76 -24.34
N TYR E 125 -39.46 7.11 -24.27
CA TYR E 125 -40.11 6.51 -25.44
C TYR E 125 -40.73 7.58 -26.36
N VAL E 126 -41.23 8.64 -25.74
CA VAL E 126 -41.72 9.77 -26.51
C VAL E 126 -40.58 10.36 -27.33
N ALA E 127 -39.46 10.63 -26.65
CA ALA E 127 -38.26 11.22 -27.26
C ALA E 127 -37.52 10.23 -28.16
N GLU E 128 -37.65 8.94 -27.88
CA GLU E 128 -37.08 7.90 -28.72
C GLU E 128 -37.87 7.83 -30.02
N GLN E 129 -39.16 7.50 -29.92
CA GLN E 129 -40.01 7.19 -31.09
C GLN E 129 -39.92 8.19 -32.26
N VAL E 130 -39.46 9.41 -31.98
CA VAL E 130 -39.11 10.38 -33.03
C VAL E 130 -38.14 9.76 -34.04
N GLU E 131 -36.99 9.29 -33.52
CA GLU E 131 -35.90 8.69 -34.31
C GLU E 131 -36.34 7.42 -35.05
N GLU E 132 -37.33 6.74 -34.48
CA GLU E 132 -37.89 5.55 -35.08
C GLU E 132 -38.78 5.85 -36.29
N GLU E 133 -39.59 6.92 -36.19
CA GLU E 133 -40.41 7.37 -37.30
C GLU E 133 -39.55 8.02 -38.36
N ALA E 134 -38.57 8.79 -37.91
CA ALA E 134 -37.71 9.53 -38.83
C ALA E 134 -36.81 8.61 -39.65
N SER E 135 -36.06 7.73 -38.98
CA SER E 135 -35.19 6.78 -39.69
C SER E 135 -35.98 5.98 -40.72
N ALA E 136 -37.18 5.56 -40.31
CA ALA E 136 -38.10 4.81 -41.15
C ALA E 136 -38.55 5.60 -42.37
N LEU E 137 -38.99 6.84 -42.12
CA LEU E 137 -39.43 7.74 -43.18
C LEU E 137 -38.27 8.15 -44.09
N ASP E 138 -37.15 8.54 -43.49
CA ASP E 138 -35.94 8.90 -44.23
C ASP E 138 -35.58 7.82 -45.27
N ILE E 139 -35.69 6.55 -44.87
CA ILE E 139 -35.45 5.44 -45.80
C ILE E 139 -36.60 5.27 -46.79
N VAL E 140 -37.84 5.31 -46.28
CA VAL E 140 -39.05 5.24 -47.11
C VAL E 140 -38.99 6.24 -48.28
N GLU E 141 -38.60 7.48 -47.96
CA GLU E 141 -38.51 8.54 -48.96
C GLU E 141 -37.46 8.27 -50.02
N LYS E 142 -36.34 7.68 -49.60
CA LYS E 142 -35.23 7.39 -50.51
C LYS E 142 -35.56 6.31 -51.55
N LEU E 143 -36.41 5.36 -51.15
CA LEU E 143 -36.80 4.25 -52.04
C LEU E 143 -37.80 4.67 -53.14
N ARG E 144 -38.50 5.78 -52.93
CA ARG E 144 -39.33 6.39 -53.98
C ARG E 144 -38.43 7.12 -54.99
N LEU E 145 -37.47 7.87 -54.48
CA LEU E 145 -36.54 8.64 -55.30
C LEU E 145 -35.71 7.74 -56.23
N ILE E 146 -35.22 6.63 -55.70
CA ILE E 146 -34.48 5.65 -56.49
C ILE E 146 -35.43 5.02 -57.51
N GLY E 147 -36.49 4.40 -57.00
CA GLY E 147 -37.47 3.71 -57.84
C GLY E 147 -36.91 2.43 -58.42
N GLU E 148 -36.75 2.40 -59.75
CA GLU E 148 -36.35 1.19 -60.48
C GLU E 148 -34.87 1.20 -60.86
N ASP E 149 -34.04 1.95 -60.12
CA ASP E 149 -32.59 1.89 -60.33
C ASP E 149 -31.96 0.93 -59.32
N LYS E 150 -31.80 -0.32 -59.75
CA LYS E 150 -31.25 -1.35 -58.89
C LYS E 150 -29.82 -1.05 -58.42
N ARG E 151 -29.02 -0.43 -59.28
CA ARG E 151 -27.68 0.00 -58.89
C ARG E 151 -27.70 0.93 -57.67
N ALA E 152 -28.73 1.77 -57.58
CA ALA E 152 -28.91 2.67 -56.44
C ALA E 152 -29.48 1.92 -55.22
N LEU E 153 -30.29 0.90 -55.47
CA LEU E 153 -30.82 0.05 -54.40
C LEU E 153 -29.71 -0.66 -53.67
N LEU E 154 -28.68 -1.06 -54.40
CA LEU E 154 -27.56 -1.80 -53.85
C LEU E 154 -26.52 -0.89 -53.22
N PHE E 155 -26.62 0.40 -53.52
CA PHE E 155 -25.80 1.41 -52.83
C PHE E 155 -26.39 1.69 -51.47
N LEU E 156 -27.70 1.93 -51.47
CA LEU E 156 -28.44 2.12 -50.24
C LEU E 156 -28.38 0.86 -49.36
N ASP E 157 -28.48 -0.31 -49.98
CA ASP E 157 -28.27 -1.58 -49.29
C ASP E 157 -26.96 -1.55 -48.51
N LYS E 158 -25.88 -1.18 -49.20
CA LYS E 158 -24.56 -1.18 -48.58
C LYS E 158 -24.51 -0.21 -47.42
N GLU E 159 -25.01 1.01 -47.61
CA GLU E 159 -24.99 2.04 -46.55
C GLU E 159 -25.80 1.62 -45.31
N LEU E 160 -26.76 0.72 -45.48
CA LEU E 160 -27.50 0.15 -44.36
C LEU E 160 -26.82 -1.08 -43.74
N SER E 161 -25.72 -1.53 -44.35
CA SER E 161 -24.95 -2.63 -43.78
C SER E 161 -24.06 -2.16 -42.61
N LEU E 162 -23.84 -0.86 -42.48
CA LEU E 162 -22.95 -0.32 -41.43
C LEU E 162 -23.60 -0.08 -40.07
N ARG E 163 -24.89 -0.43 -39.92
CA ARG E 163 -25.62 -0.24 -38.67
C ARG E 163 -25.15 -1.26 -37.61
N GLN E 164 -24.90 -0.78 -36.37
CA GLN E 164 -24.37 -1.66 -35.28
C GLN E 164 -25.11 -1.55 -33.95
N PHE E 165 -24.86 -2.52 -33.07
CA PHE E 165 -25.46 -2.62 -31.73
C PHE E 165 -26.98 -2.83 -31.80
N SER F 3 -28.78 -27.73 -53.04
CA SER F 3 -28.39 -29.04 -52.44
C SER F 3 -29.25 -29.44 -51.23
N ILE F 4 -29.40 -28.52 -50.27
CA ILE F 4 -30.17 -28.78 -49.02
C ILE F 4 -31.60 -29.23 -49.33
N SER F 5 -32.07 -30.25 -48.61
CA SER F 5 -33.39 -30.83 -48.84
C SER F 5 -34.50 -30.03 -48.14
N GLU F 6 -35.68 -29.98 -48.77
CA GLU F 6 -36.82 -29.19 -48.28
C GLU F 6 -37.38 -29.67 -46.93
N LYS F 7 -37.22 -30.96 -46.65
CA LYS F 7 -37.63 -31.55 -45.39
C LYS F 7 -36.77 -31.01 -44.24
N MET F 8 -35.49 -30.78 -44.55
CA MET F 8 -34.54 -30.25 -43.58
C MET F 8 -34.79 -28.77 -43.28
N VAL F 9 -35.12 -28.01 -44.31
CA VAL F 9 -35.51 -26.60 -44.16
C VAL F 9 -36.69 -26.46 -43.18
N GLU F 10 -37.73 -27.27 -43.38
CA GLU F 10 -38.92 -27.29 -42.52
C GLU F 10 -38.59 -27.73 -41.08
N ALA F 11 -37.82 -28.80 -40.94
CA ALA F 11 -37.44 -29.32 -39.62
C ALA F 11 -36.64 -28.31 -38.80
N LEU F 12 -35.81 -27.51 -39.48
CA LEU F 12 -34.98 -26.49 -38.82
C LEU F 12 -35.80 -25.24 -38.46
N ASN F 13 -36.75 -24.86 -39.30
CA ASN F 13 -37.72 -23.82 -38.95
C ASN F 13 -38.52 -24.15 -37.70
N ARG F 14 -38.79 -25.44 -37.51
CA ARG F 14 -39.43 -25.92 -36.29
C ARG F 14 -38.49 -25.74 -35.12
N GLN F 15 -37.23 -26.17 -35.27
CA GLN F 15 -36.25 -26.07 -34.20
C GLN F 15 -36.05 -24.58 -33.83
N ILE F 16 -35.76 -23.75 -34.83
CA ILE F 16 -35.70 -22.30 -34.62
C ILE F 16 -36.88 -21.80 -33.77
N ASN F 17 -38.09 -22.21 -34.13
CA ASN F 17 -39.28 -21.82 -33.36
C ASN F 17 -39.29 -22.41 -31.95
N ALA F 18 -38.85 -23.66 -31.83
CA ALA F 18 -38.71 -24.33 -30.53
C ALA F 18 -37.66 -23.62 -29.66
N GLU F 19 -36.54 -23.29 -30.28
CA GLU F 19 -35.49 -22.51 -29.63
C GLU F 19 -36.06 -21.15 -29.20
N ILE F 20 -36.87 -20.53 -30.06
CA ILE F 20 -37.48 -19.24 -29.73
C ILE F 20 -38.54 -19.37 -28.62
N TYR F 21 -39.27 -20.49 -28.59
CA TYR F 21 -40.16 -20.74 -27.46
C TYR F 21 -39.36 -20.97 -26.17
N SER F 22 -38.27 -21.73 -26.27
CA SER F 22 -37.38 -21.96 -25.12
C SER F 22 -36.93 -20.62 -24.52
N ALA F 23 -36.58 -19.66 -25.37
CA ALA F 23 -36.25 -18.31 -24.92
C ALA F 23 -37.43 -17.65 -24.21
N TYR F 24 -38.57 -17.64 -24.88
CA TYR F 24 -39.78 -17.06 -24.30
C TYR F 24 -40.12 -17.71 -22.94
N LEU F 25 -39.85 -19.02 -22.80
CA LEU F 25 -40.06 -19.72 -21.52
C LEU F 25 -39.17 -19.17 -20.42
N TYR F 26 -37.87 -19.05 -20.71
CA TYR F 26 -36.90 -18.62 -19.69
C TYR F 26 -37.10 -17.17 -19.32
N LEU F 27 -37.57 -16.37 -20.27
CA LEU F 27 -38.00 -15.02 -19.97
C LEU F 27 -39.11 -15.05 -18.91
N SER F 28 -40.13 -15.88 -19.13
CA SER F 28 -41.24 -16.04 -18.18
C SER F 28 -40.80 -16.55 -16.80
N MET F 29 -39.71 -17.31 -16.74
CA MET F 29 -39.16 -17.74 -15.44
C MET F 29 -38.50 -16.56 -14.73
N ALA F 30 -37.79 -15.72 -15.48
CA ALA F 30 -37.17 -14.50 -14.94
C ALA F 30 -38.20 -13.63 -14.23
N SER F 31 -39.36 -13.46 -14.86
CA SER F 31 -40.46 -12.71 -14.26
C SER F 31 -40.96 -13.40 -12.99
N TYR F 32 -41.09 -14.73 -13.06
CA TYR F 32 -41.51 -15.52 -11.91
C TYR F 32 -40.59 -15.27 -10.72
N PHE F 33 -39.28 -15.42 -10.94
CA PHE F 33 -38.28 -15.24 -9.89
C PHE F 33 -38.17 -13.78 -9.44
N ASP F 34 -38.50 -12.85 -10.34
CA ASP F 34 -38.53 -11.40 -10.05
C ASP F 34 -39.59 -11.01 -9.01
N SER F 35 -40.79 -11.58 -9.14
CA SER F 35 -41.91 -11.28 -8.24
C SER F 35 -41.65 -11.78 -6.81
N ILE F 36 -41.04 -12.96 -6.69
CA ILE F 36 -40.70 -13.53 -5.36
C ILE F 36 -39.33 -13.06 -4.80
N GLY F 37 -38.73 -12.04 -5.40
CA GLY F 37 -37.56 -11.36 -4.82
C GLY F 37 -36.20 -11.99 -5.03
N LEU F 38 -36.09 -12.96 -5.93
CA LEU F 38 -34.81 -13.64 -6.18
C LEU F 38 -34.06 -13.04 -7.37
N LYS F 39 -33.10 -12.16 -7.08
CA LYS F 39 -32.42 -11.35 -8.11
C LYS F 39 -31.34 -12.10 -8.89
N GLY F 40 -30.72 -13.09 -8.25
CA GLY F 40 -29.72 -13.93 -8.90
C GLY F 40 -30.35 -14.97 -9.81
N PHE F 41 -31.44 -15.57 -9.36
CA PHE F 41 -32.19 -16.52 -10.18
C PHE F 41 -32.74 -15.81 -11.41
N SER F 42 -33.30 -14.61 -11.18
CA SER F 42 -33.82 -13.78 -12.27
C SER F 42 -32.76 -13.48 -13.32
N ASN F 43 -31.57 -13.12 -12.87
CA ASN F 43 -30.44 -12.85 -13.77
C ASN F 43 -30.09 -14.07 -14.63
N TRP F 44 -30.07 -15.25 -14.01
CA TRP F 44 -29.72 -16.51 -14.68
C TRP F 44 -30.63 -16.84 -15.86
N MET F 45 -31.93 -16.68 -15.65
CA MET F 45 -32.90 -16.93 -16.72
C MET F 45 -32.79 -15.89 -17.86
N ARG F 46 -32.61 -14.62 -17.51
CA ARG F 46 -32.40 -13.56 -18.51
C ARG F 46 -31.22 -13.88 -19.42
N VAL F 47 -30.14 -14.39 -18.85
CA VAL F 47 -28.98 -14.77 -19.64
C VAL F 47 -29.31 -15.99 -20.49
N GLN F 48 -29.99 -16.97 -19.90
CA GLN F 48 -30.41 -18.16 -20.63
C GLN F 48 -31.37 -17.80 -21.77
N TRP F 49 -32.13 -16.72 -21.54
CA TRP F 49 -33.06 -16.14 -22.53
C TRP F 49 -32.30 -15.59 -23.73
N GLN F 50 -31.31 -14.75 -23.46
CA GLN F 50 -30.44 -14.24 -24.52
C GLN F 50 -29.73 -15.40 -25.23
N GLU F 51 -29.13 -16.29 -24.44
CA GLU F 51 -28.31 -17.36 -25.01
C GLU F 51 -29.08 -18.29 -25.93
N GLU F 52 -30.30 -18.66 -25.54
CA GLU F 52 -31.17 -19.47 -26.41
C GLU F 52 -31.60 -18.65 -27.62
N LEU F 53 -31.77 -17.35 -27.42
CA LEU F 53 -32.05 -16.40 -28.50
C LEU F 53 -30.89 -16.34 -29.52
N CYS F 54 -29.65 -16.51 -29.04
CA CYS F 54 -28.49 -16.58 -29.94
C CYS F 54 -28.48 -17.87 -30.75
N HIS F 55 -28.80 -18.99 -30.08
CA HIS F 55 -28.85 -20.32 -30.70
C HIS F 55 -29.79 -20.33 -31.89
N ALA F 56 -30.95 -19.69 -31.71
CA ALA F 56 -31.90 -19.48 -32.80
C ALA F 56 -31.25 -18.74 -33.98
N MET F 57 -30.58 -17.63 -33.69
CA MET F 57 -29.93 -16.84 -34.74
C MET F 57 -28.79 -17.58 -35.45
N LYS F 58 -28.08 -18.41 -34.72
CA LYS F 58 -27.04 -19.25 -35.31
C LYS F 58 -27.66 -20.17 -36.38
N MET F 59 -28.84 -20.69 -36.07
CA MET F 59 -29.58 -21.55 -36.98
C MET F 59 -30.24 -20.71 -38.08
N PHE F 60 -30.86 -19.60 -37.68
CA PHE F 60 -31.48 -18.65 -38.60
C PHE F 60 -30.53 -18.41 -39.75
N ASP F 61 -29.32 -17.96 -39.41
CA ASP F 61 -28.31 -17.63 -40.41
C ASP F 61 -27.97 -18.83 -41.27
N PHE F 62 -27.83 -19.99 -40.62
CA PHE F 62 -27.44 -21.21 -41.32
C PHE F 62 -28.40 -21.53 -42.46
N VAL F 63 -29.68 -21.61 -42.14
CA VAL F 63 -30.73 -21.89 -43.14
C VAL F 63 -30.57 -21.01 -44.38
N SER F 64 -30.42 -19.71 -44.17
CA SER F 64 -30.30 -18.75 -45.27
C SER F 64 -28.95 -18.87 -46.00
N GLU F 65 -27.90 -19.34 -45.33
CA GLU F 65 -26.61 -19.54 -45.98
C GLU F 65 -26.71 -20.65 -47.04
N ARG F 66 -27.44 -21.71 -46.68
CA ARG F 66 -27.54 -22.91 -47.53
C ARG F 66 -28.54 -22.79 -48.70
N GLY F 67 -29.24 -21.66 -48.81
CA GLY F 67 -30.21 -21.44 -49.87
C GLY F 67 -31.63 -21.80 -49.47
N GLY F 68 -31.92 -21.74 -48.17
CA GLY F 68 -33.25 -22.05 -47.65
C GLY F 68 -33.93 -20.84 -47.06
N ARG F 69 -35.27 -20.80 -47.16
CA ARG F 69 -36.05 -19.67 -46.62
C ARG F 69 -36.54 -19.98 -45.20
N ILE F 70 -36.73 -18.93 -44.40
CA ILE F 70 -37.11 -19.03 -43.01
C ILE F 70 -38.47 -18.38 -42.79
N PHE F 71 -39.46 -19.16 -42.35
CA PHE F 71 -40.78 -18.64 -42.01
C PHE F 71 -40.99 -18.73 -40.50
N LEU F 72 -41.47 -17.64 -39.89
CA LEU F 72 -41.57 -17.52 -38.44
C LEU F 72 -42.99 -17.67 -37.92
N GLN F 73 -43.30 -18.85 -37.38
CA GLN F 73 -44.63 -19.15 -36.83
C GLN F 73 -44.91 -18.36 -35.56
N ASP F 74 -46.13 -18.49 -35.08
CA ASP F 74 -46.57 -17.87 -33.83
C ASP F 74 -45.97 -18.57 -32.60
N ILE F 75 -45.69 -17.79 -31.55
CA ILE F 75 -45.13 -18.31 -30.30
C ILE F 75 -46.21 -18.51 -29.24
N LYS F 76 -46.19 -19.68 -28.61
CA LYS F 76 -47.23 -20.07 -27.64
C LYS F 76 -47.01 -19.42 -26.28
N LYS F 77 -48.11 -19.15 -25.57
CA LYS F 77 -48.01 -18.57 -24.23
C LYS F 77 -47.35 -19.55 -23.25
N PRO F 78 -46.29 -19.10 -22.57
CA PRO F 78 -45.60 -19.99 -21.65
C PRO F 78 -46.33 -20.13 -20.30
N ASP F 79 -45.86 -21.09 -19.49
CA ASP F 79 -46.38 -21.23 -18.14
C ASP F 79 -46.00 -20.02 -17.33
N SER F 80 -46.98 -19.47 -16.63
CA SER F 80 -46.79 -18.25 -15.86
C SER F 80 -46.33 -18.59 -14.43
N GLU F 81 -46.77 -19.73 -13.91
CA GLU F 81 -46.53 -20.10 -12.51
C GLU F 81 -45.84 -21.43 -12.26
N TRP F 82 -45.25 -21.53 -11.06
CA TRP F 82 -44.55 -22.72 -10.58
C TRP F 82 -44.61 -22.78 -9.04
N GLU F 83 -44.68 -24.00 -8.52
CA GLU F 83 -44.76 -24.23 -7.07
C GLU F 83 -43.61 -23.61 -6.31
N SER F 84 -42.39 -23.78 -6.85
CA SER F 84 -41.15 -23.42 -6.16
C SER F 84 -39.96 -23.27 -7.11
N PRO F 85 -38.94 -22.51 -6.69
CA PRO F 85 -37.68 -22.47 -7.42
C PRO F 85 -37.16 -23.87 -7.82
N LEU F 86 -37.39 -24.86 -6.95
CA LEU F 86 -37.01 -26.24 -7.24
C LEU F 86 -37.83 -26.85 -8.38
N ALA F 87 -39.15 -26.75 -8.29
CA ALA F 87 -40.05 -27.23 -9.35
C ALA F 87 -39.83 -26.47 -10.67
N ALA F 88 -39.56 -25.17 -10.56
CA ALA F 88 -39.22 -24.35 -11.71
C ALA F 88 -38.05 -24.95 -12.46
N PHE F 89 -36.96 -25.22 -11.75
CA PHE F 89 -35.74 -25.77 -12.36
C PHE F 89 -35.85 -27.22 -12.78
N GLU F 90 -36.81 -27.96 -12.22
CA GLU F 90 -37.10 -29.32 -12.69
C GLU F 90 -37.86 -29.31 -14.02
N HIS F 91 -38.51 -28.19 -14.35
CA HIS F 91 -39.11 -28.02 -15.67
C HIS F 91 -38.04 -27.68 -16.72
N VAL F 92 -37.08 -26.86 -16.32
CA VAL F 92 -35.95 -26.49 -17.19
C VAL F 92 -35.24 -27.76 -17.69
N TYR F 93 -34.91 -28.65 -16.76
CA TYR F 93 -34.25 -29.91 -17.12
C TYR F 93 -35.12 -30.70 -18.12
N GLU F 94 -36.31 -31.11 -17.70
CA GLU F 94 -37.20 -31.93 -18.55
C GLU F 94 -37.64 -31.23 -19.85
N HIS F 95 -37.61 -29.89 -19.87
CA HIS F 95 -37.77 -29.13 -21.11
C HIS F 95 -36.50 -29.27 -21.94
N GLU F 96 -35.33 -29.07 -21.31
CA GLU F 96 -34.06 -29.13 -22.03
C GLU F 96 -33.73 -30.53 -22.51
N VAL F 97 -34.11 -31.55 -21.74
CA VAL F 97 -33.92 -32.94 -22.18
C VAL F 97 -34.76 -33.18 -23.45
N ASN F 98 -35.98 -32.64 -23.46
CA ASN F 98 -36.88 -32.68 -24.62
C ASN F 98 -36.23 -32.07 -25.89
N VAL F 99 -35.54 -30.95 -25.69
CA VAL F 99 -34.77 -30.26 -26.73
C VAL F 99 -33.56 -31.08 -27.20
N THR F 100 -32.93 -31.81 -26.27
CA THR F 100 -31.79 -32.67 -26.59
C THR F 100 -32.22 -33.82 -27.51
N LYS F 101 -33.27 -34.55 -27.14
CA LYS F 101 -33.80 -35.63 -27.99
C LYS F 101 -34.33 -35.12 -29.32
N ARG F 102 -34.88 -33.91 -29.32
CA ARG F 102 -35.31 -33.25 -30.55
C ARG F 102 -34.11 -33.02 -31.47
N ILE F 103 -32.97 -32.64 -30.91
CA ILE F 103 -31.78 -32.41 -31.71
C ILE F 103 -31.19 -33.72 -32.26
N HIS F 104 -31.20 -34.79 -31.47
CA HIS F 104 -30.69 -36.08 -31.96
C HIS F 104 -31.56 -36.67 -33.07
N GLU F 105 -32.80 -36.21 -33.18
CA GLU F 105 -33.67 -36.57 -34.30
C GLU F 105 -33.18 -35.91 -35.61
N LEU F 106 -32.73 -34.65 -35.52
CA LEU F 106 -32.18 -33.92 -36.67
C LEU F 106 -30.81 -34.46 -37.12
N VAL F 107 -29.96 -34.77 -36.13
CA VAL F 107 -28.61 -35.28 -36.39
C VAL F 107 -28.68 -36.61 -37.15
N GLU F 108 -29.59 -37.49 -36.75
CA GLU F 108 -29.85 -38.73 -37.52
C GLU F 108 -30.42 -38.48 -38.92
N MET F 109 -31.34 -37.52 -39.02
CA MET F 109 -31.95 -37.13 -40.30
C MET F 109 -30.90 -36.68 -41.29
N ALA F 110 -30.03 -35.80 -40.83
CA ALA F 110 -28.96 -35.25 -41.66
C ALA F 110 -28.17 -36.35 -42.35
N MET F 111 -27.95 -37.46 -41.64
CA MET F 111 -27.13 -38.57 -42.13
C MET F 111 -27.89 -39.48 -43.10
N GLN F 112 -29.19 -39.66 -42.86
CA GLN F 112 -30.06 -40.42 -43.78
C GLN F 112 -30.17 -39.74 -45.16
N GLU F 113 -30.15 -38.41 -45.15
CA GLU F 113 -30.19 -37.61 -46.36
C GLU F 113 -28.78 -37.28 -46.84
N LYS F 114 -27.78 -37.79 -46.11
CA LYS F 114 -26.36 -37.57 -46.40
C LYS F 114 -25.96 -36.09 -46.43
N ASP F 115 -26.70 -35.26 -45.70
CA ASP F 115 -26.42 -33.83 -45.62
C ASP F 115 -25.29 -33.62 -44.62
N PHE F 116 -24.06 -33.78 -45.11
CA PHE F 116 -22.87 -33.67 -44.28
C PHE F 116 -22.66 -32.25 -43.79
N ALA F 117 -22.86 -31.28 -44.68
CA ALA F 117 -22.69 -29.88 -44.30
C ALA F 117 -23.41 -29.56 -43.00
N THR F 118 -24.69 -29.91 -42.95
CA THR F 118 -25.55 -29.68 -41.79
C THR F 118 -25.11 -30.51 -40.58
N TYR F 119 -24.90 -31.81 -40.78
CA TYR F 119 -24.47 -32.71 -39.69
C TYR F 119 -23.35 -32.11 -38.85
N ASN F 120 -22.32 -31.59 -39.53
CA ASN F 120 -21.19 -30.93 -38.86
C ASN F 120 -21.59 -29.72 -38.03
N PHE F 121 -22.38 -28.82 -38.64
CA PHE F 121 -22.89 -27.63 -37.97
C PHE F 121 -23.66 -27.99 -36.70
N LEU F 122 -24.45 -29.07 -36.78
CA LEU F 122 -25.31 -29.49 -35.67
C LEU F 122 -24.52 -30.02 -34.47
N GLN F 123 -23.30 -30.50 -34.69
CA GLN F 123 -22.43 -30.97 -33.59
C GLN F 123 -22.26 -29.94 -32.48
N TRP F 124 -22.34 -28.67 -32.83
CA TRP F 124 -22.30 -27.60 -31.84
C TRP F 124 -23.46 -27.68 -30.85
N TYR F 125 -24.63 -28.07 -31.35
CA TYR F 125 -25.83 -28.27 -30.52
C TYR F 125 -25.84 -29.61 -29.80
N VAL F 126 -25.26 -30.64 -30.42
CA VAL F 126 -25.10 -31.92 -29.74
C VAL F 126 -24.28 -31.70 -28.47
N ALA F 127 -23.15 -31.02 -28.63
CA ALA F 127 -22.25 -30.69 -27.54
C ALA F 127 -22.91 -29.73 -26.55
N GLU F 128 -23.44 -28.62 -27.06
CA GLU F 128 -24.05 -27.59 -26.23
C GLU F 128 -25.11 -28.13 -25.27
N GLN F 129 -25.98 -29.00 -25.77
CA GLN F 129 -27.03 -29.60 -24.94
C GLN F 129 -26.50 -30.64 -23.93
N VAL F 130 -25.18 -30.88 -23.92
CA VAL F 130 -24.53 -31.63 -22.83
C VAL F 130 -24.32 -30.71 -21.62
N GLU F 131 -23.88 -29.47 -21.90
CA GLU F 131 -23.64 -28.47 -20.83
C GLU F 131 -24.93 -27.83 -20.30
N GLU F 132 -25.97 -27.79 -21.12
CA GLU F 132 -27.28 -27.26 -20.70
C GLU F 132 -28.01 -28.18 -19.71
N GLU F 133 -27.86 -29.50 -19.90
CA GLU F 133 -28.43 -30.50 -18.98
C GLU F 133 -27.68 -30.51 -17.65
N ALA F 134 -26.36 -30.62 -17.72
CA ALA F 134 -25.50 -30.75 -16.52
C ALA F 134 -25.45 -29.49 -15.67
N SER F 135 -25.74 -28.33 -16.27
CA SER F 135 -25.82 -27.06 -15.52
C SER F 135 -27.18 -26.89 -14.85
N ALA F 136 -28.23 -27.25 -15.57
CA ALA F 136 -29.58 -27.28 -15.01
C ALA F 136 -29.64 -28.30 -13.87
N LEU F 137 -29.27 -29.54 -14.19
CA LEU F 137 -29.30 -30.65 -13.23
C LEU F 137 -28.36 -30.45 -12.04
N ASP F 138 -27.31 -29.64 -12.20
CA ASP F 138 -26.49 -29.27 -11.04
C ASP F 138 -27.37 -28.51 -10.07
N ILE F 139 -28.09 -27.53 -10.59
CA ILE F 139 -28.90 -26.63 -9.76
C ILE F 139 -30.14 -27.33 -9.19
N VAL F 140 -30.76 -28.19 -9.99
CA VAL F 140 -31.91 -29.00 -9.53
C VAL F 140 -31.52 -29.73 -8.25
N GLU F 141 -30.41 -30.46 -8.34
CA GLU F 141 -29.84 -31.19 -7.20
C GLU F 141 -29.59 -30.25 -6.02
N LYS F 142 -28.85 -29.17 -6.24
CA LYS F 142 -28.55 -28.21 -5.18
C LYS F 142 -29.79 -27.70 -4.47
N LEU F 143 -30.88 -27.53 -5.23
CA LEU F 143 -32.13 -27.04 -4.65
C LEU F 143 -32.85 -28.06 -3.76
N ARG F 144 -32.68 -29.34 -4.05
CA ARG F 144 -33.19 -30.40 -3.16
C ARG F 144 -32.39 -30.48 -1.86
N LEU F 145 -31.05 -30.43 -1.99
CA LEU F 145 -30.15 -30.49 -0.83
C LEU F 145 -30.35 -29.30 0.11
N ILE F 146 -30.69 -28.13 -0.46
CA ILE F 146 -30.96 -26.93 0.34
C ILE F 146 -32.29 -27.04 1.08
N GLY F 147 -33.36 -27.26 0.32
CA GLY F 147 -34.71 -27.41 0.87
C GLY F 147 -35.31 -26.10 1.36
N GLU F 148 -35.85 -26.11 2.58
CA GLU F 148 -36.54 -24.95 3.16
C GLU F 148 -35.60 -23.94 3.83
N ASP F 149 -34.33 -24.30 3.98
CA ASP F 149 -33.32 -23.34 4.43
C ASP F 149 -33.29 -22.21 3.41
N LYS F 150 -33.67 -21.00 3.84
CA LYS F 150 -33.73 -19.85 2.94
C LYS F 150 -32.34 -19.26 2.68
N ARG F 151 -31.46 -19.31 3.68
CA ARG F 151 -30.15 -18.67 3.58
C ARG F 151 -29.13 -19.44 2.72
N ALA F 152 -29.35 -20.75 2.57
CA ALA F 152 -28.60 -21.57 1.62
C ALA F 152 -29.18 -21.36 0.21
N LEU F 153 -30.47 -21.00 0.17
CA LEU F 153 -31.13 -20.53 -1.05
C LEU F 153 -30.68 -19.11 -1.42
N LEU F 154 -30.47 -18.25 -0.42
CA LEU F 154 -29.93 -16.89 -0.66
C LEU F 154 -28.44 -16.88 -0.98
N PHE F 155 -27.68 -17.77 -0.34
CA PHE F 155 -26.28 -18.03 -0.71
C PHE F 155 -26.24 -18.38 -2.20
N LEU F 156 -27.09 -19.32 -2.59
CA LEU F 156 -27.17 -19.79 -3.97
C LEU F 156 -27.62 -18.65 -4.89
N ASP F 157 -28.64 -17.92 -4.45
CA ASP F 157 -29.17 -16.77 -5.18
C ASP F 157 -28.02 -15.91 -5.69
N LYS F 158 -27.27 -15.33 -4.76
CA LYS F 158 -26.20 -14.38 -5.10
C LYS F 158 -25.25 -14.95 -6.15
N GLU F 159 -24.94 -16.25 -6.02
CA GLU F 159 -23.96 -16.89 -6.89
C GLU F 159 -24.40 -16.81 -8.36
N LEU F 160 -25.66 -17.16 -8.62
CA LEU F 160 -26.23 -17.11 -9.98
C LEU F 160 -26.20 -15.73 -10.62
N SER F 161 -26.19 -14.67 -9.79
CA SER F 161 -26.03 -13.28 -10.25
C SER F 161 -24.82 -13.06 -11.17
N LEU F 162 -23.76 -13.83 -10.93
CA LEU F 162 -22.47 -13.61 -11.60
C LEU F 162 -22.36 -14.25 -12.99
N ARG F 163 -23.43 -14.86 -13.48
CA ARG F 163 -23.45 -15.33 -14.87
C ARG F 163 -23.53 -14.13 -15.82
N GLN F 164 -23.00 -14.28 -17.03
CA GLN F 164 -23.04 -13.21 -18.03
C GLN F 164 -23.18 -13.72 -19.47
N PHE F 165 -23.44 -12.79 -20.39
CA PHE F 165 -23.79 -13.08 -21.78
C PHE F 165 -22.58 -13.62 -22.53
N THR F 166 -22.73 -14.77 -23.18
CA THR F 166 -21.59 -15.55 -23.71
C THR F 166 -20.78 -14.94 -24.89
N PRO F 167 -21.43 -14.63 -26.03
CA PRO F 167 -20.70 -14.39 -27.30
C PRO F 167 -19.43 -13.54 -27.16
N ALA G 2 25.07 -39.13 30.62
CA ALA G 2 25.18 -38.41 31.93
C ALA G 2 26.60 -37.85 32.15
N SER G 3 26.86 -36.68 31.55
CA SER G 3 27.92 -35.80 32.02
C SER G 3 27.23 -34.64 32.76
N ILE G 4 26.14 -34.12 32.20
CA ILE G 4 25.29 -33.17 32.93
C ILE G 4 24.64 -33.85 34.13
N SER G 5 24.81 -33.27 35.31
CA SER G 5 24.34 -33.90 36.55
C SER G 5 22.83 -33.80 36.71
N GLU G 6 22.26 -34.81 37.37
CA GLU G 6 20.83 -34.80 37.71
C GLU G 6 20.40 -33.51 38.39
N LYS G 7 21.21 -33.05 39.33
CA LYS G 7 20.90 -31.84 40.07
C LYS G 7 20.81 -30.62 39.15
N MET G 8 21.82 -30.48 38.29
CA MET G 8 21.89 -29.34 37.38
C MET G 8 20.68 -29.29 36.47
N VAL G 9 20.24 -30.46 35.99
CA VAL G 9 19.02 -30.58 35.18
C VAL G 9 17.83 -30.08 35.98
N GLU G 10 17.64 -30.67 37.15
CA GLU G 10 16.55 -30.33 38.07
C GLU G 10 16.43 -28.84 38.33
N ALA G 11 17.59 -28.19 38.50
CA ALA G 11 17.68 -26.76 38.73
C ALA G 11 17.28 -25.94 37.48
N LEU G 12 17.70 -26.39 36.30
CA LEU G 12 17.32 -25.73 35.06
C LEU G 12 15.81 -25.87 34.82
N ASN G 13 15.26 -27.05 35.13
CA ASN G 13 13.82 -27.30 34.98
C ASN G 13 12.95 -26.27 35.74
N ARG G 14 13.36 -25.94 36.97
CA ARG G 14 12.77 -24.85 37.73
C ARG G 14 12.87 -23.53 36.96
N GLN G 15 14.07 -23.23 36.46
CA GLN G 15 14.35 -21.97 35.75
C GLN G 15 13.61 -21.83 34.42
N ILE G 16 13.23 -22.95 33.81
CA ILE G 16 12.34 -22.90 32.64
C ILE G 16 10.91 -22.58 33.10
N ASN G 17 10.48 -23.22 34.17
CA ASN G 17 9.15 -22.97 34.74
C ASN G 17 9.06 -21.60 35.40
N ALA G 18 10.21 -21.06 35.81
CA ALA G 18 10.30 -19.71 36.36
C ALA G 18 10.33 -18.65 35.24
N GLU G 19 10.97 -18.98 34.11
CA GLU G 19 10.96 -18.12 32.91
C GLU G 19 9.58 -18.08 32.24
N ILE G 20 8.84 -19.19 32.32
CA ILE G 20 7.48 -19.22 31.77
C ILE G 20 6.49 -18.53 32.70
N TYR G 21 6.65 -18.69 34.02
CA TYR G 21 5.82 -17.92 34.96
C TYR G 21 6.05 -16.42 34.79
N SER G 22 7.31 -16.02 34.59
CA SER G 22 7.62 -14.63 34.33
C SER G 22 6.86 -14.11 33.11
N ALA G 23 6.99 -14.80 31.99
CA ALA G 23 6.28 -14.44 30.75
C ALA G 23 4.78 -14.25 30.94
N TYR G 24 4.13 -15.26 31.53
CA TYR G 24 2.68 -15.22 31.80
C TYR G 24 2.31 -13.97 32.60
N LEU G 25 3.16 -13.63 33.57
CA LEU G 25 2.98 -12.43 34.40
C LEU G 25 2.95 -11.19 33.53
N TYR G 26 3.94 -11.07 32.66
CA TYR G 26 4.00 -9.92 31.77
C TYR G 26 2.73 -9.88 30.93
N LEU G 27 2.24 -11.04 30.50
CA LEU G 27 0.97 -11.13 29.77
C LEU G 27 -0.23 -10.66 30.62
N SER G 28 -0.18 -10.94 31.92
CA SER G 28 -1.21 -10.44 32.85
C SER G 28 -1.20 -8.91 32.93
N MET G 29 0.00 -8.34 33.05
CA MET G 29 0.17 -6.89 33.03
C MET G 29 -0.41 -6.27 31.75
N ALA G 30 -0.22 -6.94 30.62
CA ALA G 30 -0.77 -6.47 29.35
C ALA G 30 -2.26 -6.21 29.46
N SER G 31 -2.98 -7.09 30.15
CA SER G 31 -4.41 -6.91 30.36
C SER G 31 -4.75 -5.82 31.40
N TYR G 32 -3.83 -5.59 32.35
CA TYR G 32 -3.99 -4.51 33.36
C TYR G 32 -3.90 -3.12 32.70
N PHE G 33 -2.88 -2.93 31.88
CA PHE G 33 -2.77 -1.71 31.07
C PHE G 33 -3.90 -1.64 30.03
N ASP G 34 -4.31 -2.80 29.53
CA ASP G 34 -5.41 -2.92 28.57
C ASP G 34 -6.81 -2.70 29.22
N SER G 35 -6.83 -2.39 30.53
CA SER G 35 -8.08 -2.02 31.20
C SER G 35 -8.11 -0.53 31.60
N ILE G 36 -6.95 0.10 31.66
CA ILE G 36 -6.88 1.52 31.99
C ILE G 36 -6.46 2.38 30.81
N GLY G 37 -6.70 1.90 29.60
CA GLY G 37 -6.51 2.69 28.38
C GLY G 37 -5.08 3.14 28.16
N LEU G 38 -4.12 2.22 28.30
CA LEU G 38 -2.74 2.52 28.00
C LEU G 38 -2.18 1.49 27.03
N LYS G 39 -2.45 1.71 25.74
CA LYS G 39 -2.09 0.74 24.71
C LYS G 39 -0.58 0.57 24.52
N GLY G 40 0.17 1.62 24.85
CA GLY G 40 1.62 1.64 24.66
C GLY G 40 2.39 0.83 25.68
N PHE G 41 1.90 0.81 26.91
CA PHE G 41 2.43 -0.09 27.92
C PHE G 41 1.92 -1.51 27.67
N SER G 42 0.72 -1.65 27.12
CA SER G 42 0.25 -2.97 26.67
C SER G 42 1.29 -3.58 25.74
N ASN G 43 1.58 -2.86 24.65
CA ASN G 43 2.59 -3.26 23.66
C ASN G 43 3.89 -3.76 24.29
N TRP G 44 4.44 -2.95 25.17
CA TRP G 44 5.70 -3.27 25.86
C TRP G 44 5.61 -4.59 26.61
N MET G 45 4.48 -4.83 27.26
CA MET G 45 4.26 -6.07 28.02
C MET G 45 4.12 -7.26 27.08
N ARG G 46 3.42 -7.09 25.98
CA ARG G 46 3.27 -8.16 24.99
C ARG G 46 4.62 -8.57 24.39
N VAL G 47 5.52 -7.61 24.20
CA VAL G 47 6.89 -7.90 23.72
C VAL G 47 7.73 -8.63 24.77
N GLN G 48 7.76 -8.11 26.00
CA GLN G 48 8.50 -8.76 27.08
C GLN G 48 8.02 -10.20 27.32
N TRP G 49 6.71 -10.39 27.29
CA TRP G 49 6.13 -11.73 27.37
C TRP G 49 6.88 -12.61 26.38
N GLN G 50 6.83 -12.23 25.12
CA GLN G 50 7.53 -12.96 24.07
C GLN G 50 9.00 -13.23 24.45
N GLU G 51 9.77 -12.17 24.60
CA GLU G 51 11.20 -12.31 24.94
C GLU G 51 11.50 -13.29 26.11
N GLU G 52 10.60 -13.34 27.12
CA GLU G 52 10.78 -14.27 28.24
C GLU G 52 10.38 -15.70 27.88
N LEU G 53 9.46 -15.82 26.92
CA LEU G 53 9.07 -17.13 26.42
C LEU G 53 10.19 -17.70 25.55
N CYS G 54 10.90 -16.82 24.83
CA CYS G 54 12.09 -17.23 24.06
C CYS G 54 13.28 -17.55 24.97
N HIS G 55 13.28 -16.99 26.18
CA HIS G 55 14.25 -17.35 27.22
C HIS G 55 13.94 -18.72 27.87
N ALA G 56 12.77 -19.27 27.58
CA ALA G 56 12.42 -20.62 28.00
C ALA G 56 12.88 -21.62 26.95
N MET G 57 12.58 -21.34 25.69
CA MET G 57 12.93 -22.24 24.59
C MET G 57 14.46 -22.38 24.41
N LYS G 58 15.21 -21.29 24.59
CA LYS G 58 16.67 -21.36 24.50
C LYS G 58 17.18 -22.39 25.52
N MET G 59 16.72 -22.27 26.77
CA MET G 59 17.15 -23.15 27.86
C MET G 59 16.58 -24.56 27.66
N PHE G 60 15.33 -24.60 27.23
CA PHE G 60 14.68 -25.85 26.80
C PHE G 60 15.57 -26.62 25.81
N ASP G 61 16.04 -25.94 24.77
CA ASP G 61 16.90 -26.56 23.76
C ASP G 61 18.24 -27.02 24.34
N PHE G 62 18.83 -26.24 25.24
CA PHE G 62 20.11 -26.63 25.85
C PHE G 62 19.98 -27.91 26.71
N VAL G 63 18.96 -27.97 27.56
CA VAL G 63 18.70 -29.14 28.41
C VAL G 63 18.47 -30.45 27.63
N SER G 64 17.71 -30.37 26.55
CA SER G 64 17.48 -31.52 25.67
C SER G 64 18.76 -31.90 24.93
N GLU G 65 19.48 -30.91 24.40
CA GLU G 65 20.72 -31.17 23.67
C GLU G 65 21.75 -31.88 24.52
N ARG G 66 21.81 -31.51 25.81
CA ARG G 66 22.72 -32.13 26.80
C ARG G 66 22.28 -33.52 27.29
N GLY G 67 21.13 -34.00 26.81
CA GLY G 67 20.61 -35.28 27.21
C GLY G 67 19.79 -35.22 28.49
N GLY G 68 19.17 -34.07 28.75
CA GLY G 68 18.27 -33.93 29.89
C GLY G 68 16.82 -34.18 29.49
N ARG G 69 15.97 -34.47 30.48
CA ARG G 69 14.54 -34.61 30.28
C ARG G 69 13.82 -33.44 30.98
N ILE G 70 12.82 -32.88 30.31
CA ILE G 70 12.17 -31.64 30.76
C ILE G 70 10.73 -31.87 31.20
N PHE G 71 10.47 -31.70 32.51
CA PHE G 71 9.12 -31.82 33.08
C PHE G 71 8.57 -30.43 33.40
N LEU G 72 7.38 -30.12 32.88
CA LEU G 72 6.76 -28.81 33.06
C LEU G 72 5.73 -28.83 34.18
N GLN G 73 5.98 -28.08 35.24
CA GLN G 73 5.03 -27.95 36.34
C GLN G 73 3.90 -26.99 35.98
N ASP G 74 2.86 -26.99 36.81
CA ASP G 74 1.66 -26.18 36.54
C ASP G 74 1.97 -24.72 36.79
N ILE G 75 1.33 -23.83 36.01
CA ILE G 75 1.65 -22.40 36.04
C ILE G 75 0.69 -21.66 36.97
N LYS G 76 1.23 -21.09 38.06
CA LYS G 76 0.45 -20.31 39.05
C LYS G 76 -0.35 -19.17 38.39
N LYS G 77 -1.50 -18.83 38.97
CA LYS G 77 -2.22 -17.61 38.58
C LYS G 77 -1.37 -16.36 38.93
N PRO G 78 -1.18 -15.44 37.97
CA PRO G 78 -0.38 -14.26 38.26
C PRO G 78 -1.21 -13.14 38.88
N ASP G 79 -0.54 -12.10 39.36
CA ASP G 79 -1.22 -10.96 39.99
C ASP G 79 -1.96 -10.12 38.92
N SER G 80 -3.27 -10.11 38.95
CA SER G 80 -4.08 -9.39 37.96
C SER G 80 -4.10 -7.88 38.16
N GLU G 81 -4.13 -7.44 39.41
CA GLU G 81 -4.33 -6.02 39.75
C GLU G 81 -3.08 -5.33 40.29
N TRP G 82 -3.03 -4.02 40.06
CA TRP G 82 -1.99 -3.13 40.60
C TRP G 82 -2.61 -1.74 40.82
N GLU G 83 -2.04 -0.97 41.74
CA GLU G 83 -2.59 0.35 42.09
C GLU G 83 -2.51 1.33 40.91
N SER G 84 -1.28 1.68 40.53
CA SER G 84 -1.04 2.63 39.44
C SER G 84 0.08 2.10 38.53
N PRO G 85 0.17 2.62 37.29
CA PRO G 85 1.27 2.27 36.38
C PRO G 85 2.68 2.25 37.01
N LEU G 86 2.97 3.15 37.95
CA LEU G 86 4.24 3.11 38.68
C LEU G 86 4.38 1.83 39.47
N ALA G 87 3.30 1.43 40.13
CA ALA G 87 3.28 0.18 40.91
C ALA G 87 3.50 -1.07 40.04
N ALA G 88 2.97 -1.04 38.82
CA ALA G 88 3.12 -2.15 37.89
C ALA G 88 4.55 -2.36 37.41
N PHE G 89 5.37 -1.31 37.42
CA PHE G 89 6.77 -1.39 37.02
C PHE G 89 7.74 -1.55 38.19
N GLU G 90 7.36 -1.10 39.38
CA GLU G 90 8.15 -1.39 40.58
C GLU G 90 8.17 -2.89 40.88
N HIS G 91 7.05 -3.56 40.56
CA HIS G 91 6.96 -5.03 40.64
C HIS G 91 7.92 -5.65 39.63
N VAL G 92 7.86 -5.17 38.39
CA VAL G 92 8.73 -5.69 37.33
C VAL G 92 10.21 -5.64 37.75
N TYR G 93 10.68 -4.46 38.16
CA TYR G 93 12.09 -4.29 38.54
C TYR G 93 12.52 -5.21 39.68
N GLU G 94 11.65 -5.40 40.68
CA GLU G 94 11.91 -6.30 41.80
C GLU G 94 12.02 -7.73 41.29
N HIS G 95 11.02 -8.12 40.49
CA HIS G 95 10.93 -9.45 39.90
C HIS G 95 12.24 -9.81 39.21
N GLU G 96 12.65 -8.96 38.27
CA GLU G 96 13.85 -9.23 37.49
C GLU G 96 15.12 -9.32 38.35
N VAL G 97 15.14 -8.61 39.47
CA VAL G 97 16.27 -8.69 40.42
C VAL G 97 16.29 -10.00 41.20
N ASN G 98 15.11 -10.61 41.40
CA ASN G 98 15.06 -11.96 41.93
C ASN G 98 15.58 -12.97 40.90
N VAL G 99 14.96 -12.99 39.72
CA VAL G 99 15.37 -13.89 38.64
C VAL G 99 16.88 -13.85 38.43
N THR G 100 17.45 -12.65 38.44
CA THR G 100 18.89 -12.49 38.27
C THR G 100 19.59 -13.33 39.33
N LYS G 101 19.29 -13.02 40.59
CA LYS G 101 19.84 -13.78 41.70
C LYS G 101 19.63 -15.27 41.44
N ARG G 102 18.40 -15.61 41.07
CA ARG G 102 17.98 -16.97 40.77
C ARG G 102 18.76 -17.63 39.62
N ILE G 103 19.40 -16.82 38.77
CA ILE G 103 20.36 -17.27 37.74
C ILE G 103 21.80 -17.31 38.26
N HIS G 104 22.16 -16.32 39.07
CA HIS G 104 23.48 -16.31 39.70
C HIS G 104 23.67 -17.58 40.53
N GLU G 105 22.63 -17.99 41.25
CA GLU G 105 22.66 -19.26 41.98
C GLU G 105 23.07 -20.41 41.05
N LEU G 106 22.48 -20.45 39.86
CA LEU G 106 22.85 -21.45 38.84
C LEU G 106 24.30 -21.29 38.36
N VAL G 107 24.70 -20.07 38.06
CA VAL G 107 26.10 -19.81 37.70
C VAL G 107 27.06 -20.45 38.71
N GLU G 108 26.73 -20.38 40.00
CA GLU G 108 27.59 -20.97 41.05
C GLU G 108 27.57 -22.50 41.09
N MET G 109 26.39 -23.09 41.00
CA MET G 109 26.25 -24.55 40.99
C MET G 109 27.03 -25.16 39.83
N ALA G 110 27.02 -24.48 38.71
CA ALA G 110 27.81 -24.88 37.56
C ALA G 110 29.31 -24.85 37.88
N MET G 111 29.76 -23.86 38.66
CA MET G 111 31.16 -23.82 39.10
C MET G 111 31.48 -24.85 40.18
N GLN G 112 30.53 -25.11 41.08
CA GLN G 112 30.73 -26.13 42.11
C GLN G 112 30.80 -27.54 41.56
N GLU G 113 29.94 -27.83 40.59
CA GLU G 113 29.96 -29.10 39.89
C GLU G 113 31.09 -29.24 38.83
N LYS G 114 31.74 -28.13 38.48
CA LYS G 114 32.63 -28.07 37.31
C LYS G 114 31.93 -28.39 35.99
N ASP G 115 30.71 -27.85 35.84
CA ASP G 115 29.92 -28.02 34.63
C ASP G 115 30.18 -26.82 33.74
N PHE G 116 31.34 -26.86 33.07
CA PHE G 116 31.83 -25.72 32.30
C PHE G 116 30.95 -25.36 31.12
N ALA G 117 30.21 -26.34 30.58
CA ALA G 117 29.38 -26.11 29.41
C ALA G 117 28.10 -25.37 29.79
N THR G 118 27.41 -25.87 30.83
CA THR G 118 26.23 -25.20 31.36
C THR G 118 26.65 -23.84 31.88
N TYR G 119 27.84 -23.75 32.48
CA TYR G 119 28.35 -22.46 32.94
C TYR G 119 28.40 -21.46 31.79
N ASN G 120 29.11 -21.82 30.73
CA ASN G 120 29.23 -20.98 29.52
C ASN G 120 27.87 -20.56 28.98
N PHE G 121 26.92 -21.48 28.98
CA PHE G 121 25.57 -21.21 28.53
C PHE G 121 24.98 -19.95 29.17
N LEU G 122 24.80 -20.00 30.49
CA LEU G 122 24.12 -18.95 31.24
C LEU G 122 24.74 -17.53 31.11
N GLN G 123 25.94 -17.43 30.59
CA GLN G 123 26.58 -16.12 30.39
C GLN G 123 25.71 -15.21 29.52
N TRP G 124 25.00 -15.82 28.57
CA TRP G 124 23.96 -15.12 27.81
C TRP G 124 22.88 -14.53 28.71
N TYR G 125 22.49 -15.30 29.72
CA TYR G 125 21.45 -14.88 30.68
C TYR G 125 21.96 -13.80 31.66
N VAL G 126 23.17 -13.98 32.16
CA VAL G 126 23.80 -12.96 33.00
C VAL G 126 23.84 -11.62 32.26
N ALA G 127 24.47 -11.62 31.10
CA ALA G 127 24.61 -10.41 30.27
C ALA G 127 23.26 -9.81 29.94
N GLU G 128 22.30 -10.66 29.59
CA GLU G 128 20.93 -10.22 29.27
C GLU G 128 20.31 -9.49 30.44
N GLN G 129 20.32 -10.11 31.60
CA GLN G 129 19.58 -9.59 32.77
C GLN G 129 19.92 -8.15 33.12
N VAL G 130 21.18 -7.76 32.89
CA VAL G 130 21.63 -6.37 33.02
C VAL G 130 20.68 -5.38 32.36
N GLU G 131 20.25 -5.70 31.14
CA GLU G 131 19.33 -4.83 30.38
C GLU G 131 17.89 -4.93 30.86
N GLU G 132 17.49 -6.06 31.40
CA GLU G 132 16.14 -6.21 31.96
C GLU G 132 16.02 -5.43 33.27
N GLU G 133 17.11 -5.34 34.01
CA GLU G 133 17.17 -4.48 35.18
C GLU G 133 17.21 -3.00 34.79
N ALA G 134 17.91 -2.66 33.71
CA ALA G 134 18.07 -1.27 33.28
C ALA G 134 16.85 -0.71 32.57
N SER G 135 16.27 -1.51 31.67
CA SER G 135 15.06 -1.09 30.95
C SER G 135 13.96 -0.79 31.96
N ALA G 136 13.76 -1.72 32.89
CA ALA G 136 12.81 -1.51 33.99
C ALA G 136 13.17 -0.30 34.88
N LEU G 137 14.42 -0.22 35.32
CA LEU G 137 14.85 0.83 36.25
C LEU G 137 14.78 2.23 35.63
N ASP G 138 15.16 2.36 34.36
CA ASP G 138 14.98 3.61 33.63
C ASP G 138 13.50 4.02 33.63
N ILE G 139 12.64 3.08 33.22
CA ILE G 139 11.19 3.27 33.15
C ILE G 139 10.52 3.52 34.51
N VAL G 140 11.09 2.95 35.58
CA VAL G 140 10.69 3.31 36.95
C VAL G 140 11.11 4.76 37.22
N GLU G 141 12.42 5.02 37.31
CA GLU G 141 12.93 6.38 37.57
C GLU G 141 12.17 7.45 36.78
N LYS G 142 11.80 7.11 35.54
CA LYS G 142 10.99 7.98 34.71
C LYS G 142 9.58 8.20 35.28
N LEU G 143 8.86 7.12 35.53
CA LEU G 143 7.48 7.25 36.00
C LEU G 143 7.41 8.05 37.30
N ARG G 144 8.48 8.00 38.10
CA ARG G 144 8.60 8.87 39.28
C ARG G 144 8.63 10.36 38.88
N LEU G 145 9.64 10.74 38.11
CA LEU G 145 9.79 12.10 37.59
C LEU G 145 8.47 12.73 37.11
N ILE G 146 7.63 11.90 36.48
CA ILE G 146 6.34 12.34 35.95
C ILE G 146 5.33 12.60 37.05
N GLY G 147 5.00 11.56 37.83
CA GLY G 147 4.07 11.67 38.96
C GLY G 147 2.60 11.60 38.57
N GLU G 148 1.88 12.71 38.69
CA GLU G 148 0.44 12.77 38.37
C GLU G 148 0.16 13.49 37.05
N ASP G 149 1.22 13.76 36.27
CA ASP G 149 1.08 14.39 34.96
C ASP G 149 0.60 13.36 33.94
N LYS G 150 -0.72 13.31 33.75
CA LYS G 150 -1.33 12.31 32.87
C LYS G 150 -1.06 12.53 31.38
N ARG G 151 -0.59 13.72 31.02
CA ARG G 151 -0.06 13.94 29.69
C ARG G 151 1.26 13.23 29.53
N ALA G 152 2.15 13.46 30.50
CA ALA G 152 3.51 12.89 30.48
C ALA G 152 3.48 11.37 30.60
N LEU G 153 2.38 10.84 31.14
CA LEU G 153 2.09 9.41 31.11
C LEU G 153 1.72 8.99 29.71
N LEU G 154 0.86 9.78 29.08
CA LEU G 154 0.44 9.55 27.71
C LEU G 154 1.52 9.80 26.66
N PHE G 155 2.54 10.59 27.00
CA PHE G 155 3.68 10.78 26.10
C PHE G 155 4.60 9.57 26.18
N LEU G 156 4.80 9.09 27.40
CA LEU G 156 5.57 7.87 27.64
C LEU G 156 4.85 6.63 27.10
N ASP G 157 3.52 6.64 27.13
CA ASP G 157 2.69 5.60 26.50
C ASP G 157 3.11 5.34 25.03
N LYS G 158 3.08 6.39 24.22
CA LYS G 158 3.48 6.32 22.79
C LYS G 158 4.91 5.82 22.55
N GLU G 159 5.86 6.27 23.36
CA GLU G 159 7.26 5.88 23.25
C GLU G 159 7.50 4.37 23.25
N LEU G 160 6.73 3.65 24.07
CA LEU G 160 6.84 2.19 24.21
C LEU G 160 5.84 1.48 23.30
N SER G 161 4.97 2.23 22.64
CA SER G 161 4.17 1.70 21.54
C SER G 161 5.07 1.38 20.36
N LEU G 162 6.29 1.94 20.39
CA LEU G 162 7.35 1.67 19.41
C LEU G 162 8.37 0.61 19.84
N ARG G 163 8.03 -0.27 20.77
CA ARG G 163 8.88 -1.43 21.02
C ARG G 163 8.50 -2.55 20.05
N GLN G 164 9.49 -3.38 19.69
CA GLN G 164 9.25 -4.57 18.89
C GLN G 164 10.21 -5.69 19.25
N PHE G 165 9.93 -6.90 18.77
CA PHE G 165 10.83 -8.06 18.88
C PHE G 165 12.12 -7.86 18.08
N ALA H 2 -18.88 -1.71 25.70
CA ALA H 2 -20.36 -1.92 25.69
C ALA H 2 -20.82 -2.87 24.57
N SER H 3 -22.08 -3.31 24.69
CA SER H 3 -22.70 -4.32 23.83
C SER H 3 -22.13 -5.74 23.98
N ILE H 4 -21.01 -5.89 24.68
CA ILE H 4 -20.44 -7.22 24.92
C ILE H 4 -20.87 -7.72 26.32
N SER H 5 -21.65 -8.80 26.33
CA SER H 5 -22.21 -9.30 27.57
C SER H 5 -21.14 -9.70 28.59
N GLU H 6 -21.50 -9.67 29.87
CA GLU H 6 -20.69 -10.31 30.89
C GLU H 6 -20.46 -11.77 30.46
N LYS H 7 -21.57 -12.48 30.32
CA LYS H 7 -21.59 -13.93 30.05
C LYS H 7 -20.72 -14.31 28.84
N MET H 8 -20.65 -13.41 27.86
CA MET H 8 -19.81 -13.63 26.68
C MET H 8 -18.32 -13.37 26.96
N VAL H 9 -18.02 -12.32 27.73
CA VAL H 9 -16.63 -12.05 28.15
C VAL H 9 -16.08 -13.18 29.03
N GLU H 10 -16.91 -13.64 29.96
CA GLU H 10 -16.50 -14.70 30.89
C GLU H 10 -16.33 -16.05 30.16
N ALA H 11 -17.16 -16.30 29.14
CA ALA H 11 -17.05 -17.51 28.31
C ALA H 11 -15.74 -17.61 27.50
N LEU H 12 -15.40 -16.54 26.77
CA LEU H 12 -14.14 -16.46 26.01
C LEU H 12 -12.92 -16.59 26.93
N ASN H 13 -12.95 -15.94 28.10
CA ASN H 13 -11.87 -16.05 29.08
C ASN H 13 -11.58 -17.49 29.47
N ARG H 14 -12.62 -18.33 29.48
CA ARG H 14 -12.41 -19.75 29.63
C ARG H 14 -11.58 -20.25 28.45
N GLN H 15 -11.99 -19.86 27.24
CA GLN H 15 -11.35 -20.33 26.00
C GLN H 15 -9.91 -19.82 25.84
N ILE H 16 -9.66 -18.53 26.09
CA ILE H 16 -8.29 -18.01 26.12
C ILE H 16 -7.39 -18.86 27.04
N ASN H 17 -7.94 -19.39 28.14
CA ASN H 17 -7.18 -20.29 29.03
C ASN H 17 -7.10 -21.73 28.52
N ALA H 18 -8.18 -22.23 27.91
CA ALA H 18 -8.20 -23.55 27.30
C ALA H 18 -7.22 -23.66 26.13
N GLU H 19 -7.18 -22.65 25.26
CA GLU H 19 -6.24 -22.61 24.12
C GLU H 19 -4.78 -22.41 24.60
N ILE H 20 -4.61 -21.74 25.74
CA ILE H 20 -3.28 -21.61 26.34
C ILE H 20 -2.86 -22.92 26.95
N TYR H 21 -3.83 -23.67 27.49
CA TYR H 21 -3.53 -25.00 27.99
C TYR H 21 -3.13 -25.86 26.81
N SER H 22 -3.96 -25.87 25.77
CA SER H 22 -3.66 -26.58 24.52
C SER H 22 -2.17 -26.44 24.23
N ALA H 23 -1.69 -25.20 24.19
CA ALA H 23 -0.29 -24.92 23.89
C ALA H 23 0.71 -25.63 24.84
N TYR H 24 0.51 -25.48 26.15
CA TYR H 24 1.37 -26.13 27.15
C TYR H 24 1.39 -27.66 27.00
N LEU H 25 0.25 -28.23 26.63
CA LEU H 25 0.13 -29.66 26.30
C LEU H 25 1.05 -29.99 25.14
N TYR H 26 0.83 -29.32 24.00
CA TYR H 26 1.62 -29.55 22.79
C TYR H 26 3.10 -29.31 23.05
N LEU H 27 3.40 -28.41 23.98
CA LEU H 27 4.78 -28.16 24.37
C LEU H 27 5.34 -29.33 25.19
N SER H 28 4.50 -29.94 26.04
CA SER H 28 4.92 -31.12 26.80
C SER H 28 5.21 -32.29 25.87
N MET H 29 4.50 -32.33 24.75
CA MET H 29 4.76 -33.32 23.71
C MET H 29 6.13 -33.10 23.04
N ALA H 30 6.37 -31.88 22.56
CA ALA H 30 7.67 -31.55 21.92
C ALA H 30 8.88 -32.01 22.72
N SER H 31 8.75 -32.06 24.05
CA SER H 31 9.79 -32.61 24.93
C SER H 31 9.81 -34.13 24.87
N TYR H 32 8.64 -34.74 24.82
CA TYR H 32 8.51 -36.18 24.60
C TYR H 32 9.17 -36.60 23.27
N PHE H 33 8.92 -35.85 22.19
CA PHE H 33 9.50 -36.16 20.87
C PHE H 33 11.00 -35.84 20.72
N ASP H 34 11.54 -35.00 21.60
CA ASP H 34 13.00 -34.88 21.73
C ASP H 34 13.55 -36.17 22.31
N SER H 35 12.97 -36.60 23.44
CA SER H 35 13.49 -37.72 24.23
C SER H 35 13.66 -39.00 23.41
N ILE H 36 12.68 -39.32 22.57
CA ILE H 36 12.75 -40.54 21.74
C ILE H 36 13.36 -40.28 20.34
N GLY H 37 13.97 -39.11 20.16
CA GLY H 37 14.82 -38.84 19.01
C GLY H 37 14.17 -38.20 17.80
N LEU H 38 12.84 -38.14 17.78
CA LEU H 38 12.11 -37.63 16.60
C LEU H 38 12.02 -36.10 16.59
N LYS H 39 13.01 -35.47 15.97
CA LYS H 39 13.10 -33.99 15.91
C LYS H 39 12.06 -33.42 14.95
N GLY H 40 11.70 -34.19 13.93
CA GLY H 40 10.69 -33.77 12.95
C GLY H 40 9.30 -33.77 13.52
N PHE H 41 9.00 -34.73 14.39
CA PHE H 41 7.74 -34.72 15.16
C PHE H 41 7.79 -33.60 16.21
N SER H 42 8.93 -33.47 16.88
CA SER H 42 9.13 -32.42 17.89
C SER H 42 9.03 -31.00 17.35
N ASN H 43 9.52 -30.79 16.13
CA ASN H 43 9.35 -29.53 15.41
C ASN H 43 7.86 -29.19 15.20
N TRP H 44 7.11 -30.17 14.70
CA TRP H 44 5.66 -30.06 14.46
C TRP H 44 4.90 -29.58 15.70
N MET H 45 5.31 -30.07 16.86
CA MET H 45 4.73 -29.62 18.13
C MET H 45 5.16 -28.21 18.50
N ARG H 46 6.41 -27.86 18.20
CA ARG H 46 6.91 -26.50 18.46
C ARG H 46 6.26 -25.45 17.56
N VAL H 47 5.77 -25.87 16.39
CA VAL H 47 4.95 -25.00 15.51
C VAL H 47 3.46 -25.11 15.88
N GLN H 48 3.07 -26.21 16.51
CA GLN H 48 1.75 -26.26 17.12
C GLN H 48 1.69 -25.35 18.37
N TRP H 49 2.63 -25.55 19.29
CA TRP H 49 2.78 -24.74 20.49
C TRP H 49 2.74 -23.25 20.20
N GLN H 50 3.41 -22.84 19.12
CA GLN H 50 3.35 -21.46 18.64
C GLN H 50 1.95 -21.09 18.17
N GLU H 51 1.41 -21.89 17.26
CA GLU H 51 0.18 -21.55 16.57
C GLU H 51 -1.07 -21.58 17.47
N GLU H 52 -1.09 -22.45 18.47
CA GLU H 52 -2.19 -22.46 19.46
C GLU H 52 -2.14 -21.24 20.37
N LEU H 53 -0.94 -20.73 20.60
CA LEU H 53 -0.73 -19.54 21.38
C LEU H 53 -1.31 -18.31 20.66
N CYS H 54 -1.13 -18.27 19.34
CA CYS H 54 -1.60 -17.15 18.52
C CYS H 54 -3.11 -17.10 18.34
N HIS H 55 -3.79 -18.22 18.59
CA HIS H 55 -5.24 -18.23 18.64
C HIS H 55 -5.69 -17.48 19.88
N ALA H 56 -5.11 -17.85 21.02
CA ALA H 56 -5.40 -17.18 22.27
C ALA H 56 -5.19 -15.69 22.08
N MET H 57 -4.04 -15.33 21.51
CA MET H 57 -3.70 -13.91 21.32
C MET H 57 -4.52 -13.19 20.25
N LYS H 58 -5.24 -13.93 19.41
CA LYS H 58 -6.21 -13.34 18.48
C LYS H 58 -7.47 -12.97 19.27
N MET H 59 -7.92 -13.91 20.09
CA MET H 59 -9.07 -13.73 20.98
C MET H 59 -8.76 -12.65 22.02
N PHE H 60 -7.64 -12.79 22.72
CA PHE H 60 -7.16 -11.80 23.70
C PHE H 60 -7.36 -10.35 23.26
N ASP H 61 -7.09 -10.09 21.98
CA ASP H 61 -7.22 -8.76 21.40
C ASP H 61 -8.67 -8.43 21.08
N PHE H 62 -9.44 -9.43 20.68
CA PHE H 62 -10.86 -9.27 20.38
C PHE H 62 -11.68 -8.88 21.62
N VAL H 63 -11.43 -9.57 22.73
CA VAL H 63 -12.11 -9.24 23.98
C VAL H 63 -11.79 -7.79 24.37
N SER H 64 -10.52 -7.42 24.33
CA SER H 64 -10.07 -6.14 24.87
C SER H 64 -10.45 -4.96 24.00
N GLU H 65 -10.26 -5.11 22.71
CA GLU H 65 -10.60 -4.07 21.74
C GLU H 65 -12.09 -3.73 21.81
N ARG H 66 -12.90 -4.71 22.17
CA ARG H 66 -14.35 -4.58 22.18
C ARG H 66 -14.92 -4.04 23.49
N GLY H 67 -14.17 -4.12 24.58
CA GLY H 67 -14.62 -3.58 25.88
C GLY H 67 -14.68 -4.52 27.08
N GLY H 68 -14.04 -5.69 26.97
CA GLY H 68 -13.97 -6.64 28.09
C GLY H 68 -12.64 -6.60 28.83
N ARG H 69 -12.63 -7.15 30.04
CA ARG H 69 -11.41 -7.32 30.84
C ARG H 69 -10.94 -8.77 30.78
N ILE H 70 -9.62 -8.97 30.69
CA ILE H 70 -9.08 -10.32 30.67
C ILE H 70 -8.30 -10.57 31.95
N PHE H 71 -8.70 -11.61 32.67
CA PHE H 71 -7.89 -12.18 33.75
C PHE H 71 -7.35 -13.51 33.22
N LEU H 72 -6.27 -13.98 33.82
CA LEU H 72 -5.60 -15.21 33.40
C LEU H 72 -5.48 -16.17 34.58
N GLN H 73 -6.11 -17.33 34.47
CA GLN H 73 -6.09 -18.33 35.56
C GLN H 73 -4.85 -19.21 35.54
N ASP H 74 -4.72 -19.99 36.62
CA ASP H 74 -3.67 -21.00 36.76
C ASP H 74 -3.77 -22.04 35.64
N ILE H 75 -2.63 -22.46 35.10
CA ILE H 75 -2.60 -23.48 34.06
C ILE H 75 -2.03 -24.78 34.60
N LYS H 76 -2.80 -25.85 34.40
CA LYS H 76 -2.58 -27.13 35.07
C LYS H 76 -1.48 -27.87 34.33
N LYS H 77 -0.85 -28.81 35.04
CA LYS H 77 0.21 -29.61 34.45
C LYS H 77 -0.35 -30.48 33.34
N PRO H 78 0.29 -30.48 32.15
CA PRO H 78 -0.14 -31.34 31.05
C PRO H 78 0.52 -32.73 31.12
N ASP H 79 -0.20 -33.76 30.68
CA ASP H 79 0.26 -35.15 30.79
C ASP H 79 1.61 -35.33 30.10
N SER H 80 2.61 -35.77 30.88
CA SER H 80 4.00 -35.84 30.40
C SER H 80 4.33 -37.10 29.59
N GLU H 81 3.71 -38.23 29.94
CA GLU H 81 4.10 -39.53 29.38
C GLU H 81 3.06 -40.20 28.47
N TRP H 82 3.55 -40.78 27.38
CA TRP H 82 2.73 -41.50 26.40
C TRP H 82 3.37 -42.83 26.03
N GLU H 83 2.53 -43.74 25.53
CA GLU H 83 2.99 -45.07 25.10
C GLU H 83 3.79 -45.04 23.80
N SER H 84 3.37 -44.21 22.85
CA SER H 84 3.94 -44.22 21.51
C SER H 84 3.65 -42.93 20.75
N PRO H 85 4.34 -42.71 19.61
CA PRO H 85 3.92 -41.65 18.67
C PRO H 85 2.48 -41.85 18.15
N LEU H 86 1.92 -43.06 18.28
CA LEU H 86 0.51 -43.29 17.98
C LEU H 86 -0.39 -42.86 19.15
N ALA H 87 -0.13 -43.38 20.36
CA ALA H 87 -0.93 -43.02 21.54
C ALA H 87 -0.87 -41.52 21.83
N ALA H 88 0.21 -40.87 21.37
CA ALA H 88 0.36 -39.42 21.45
C ALA H 88 -0.56 -38.68 20.47
N PHE H 89 -0.38 -38.94 19.18
CA PHE H 89 -1.23 -38.31 18.16
C PHE H 89 -2.71 -38.65 18.28
N GLU H 90 -3.04 -39.76 18.95
CA GLU H 90 -4.45 -40.11 19.20
C GLU H 90 -5.02 -39.38 20.42
N HIS H 91 -4.15 -38.88 21.28
CA HIS H 91 -4.56 -37.96 22.34
C HIS H 91 -4.79 -36.55 21.76
N VAL H 92 -3.94 -36.17 20.81
CA VAL H 92 -4.08 -34.90 20.08
C VAL H 92 -5.42 -34.82 19.37
N TYR H 93 -5.81 -35.91 18.69
CA TYR H 93 -7.06 -35.96 17.94
C TYR H 93 -8.29 -35.96 18.85
N GLU H 94 -8.22 -36.64 20.00
CA GLU H 94 -9.30 -36.54 20.99
C GLU H 94 -9.38 -35.13 21.58
N HIS H 95 -8.23 -34.59 21.93
CA HIS H 95 -8.17 -33.26 22.54
C HIS H 95 -8.81 -32.17 21.66
N GLU H 96 -8.35 -32.02 20.42
CA GLU H 96 -8.89 -30.97 19.53
C GLU H 96 -10.33 -31.24 19.07
N VAL H 97 -10.80 -32.48 19.18
CA VAL H 97 -12.23 -32.78 18.95
C VAL H 97 -13.06 -32.13 20.05
N ASN H 98 -12.63 -32.29 21.31
CA ASN H 98 -13.26 -31.59 22.43
C ASN H 98 -13.29 -30.08 22.18
N VAL H 99 -12.13 -29.51 21.86
CA VAL H 99 -12.01 -28.09 21.59
C VAL H 99 -12.97 -27.66 20.48
N THR H 100 -13.04 -28.42 19.40
CA THR H 100 -13.91 -28.07 18.29
C THR H 100 -15.35 -27.90 18.78
N LYS H 101 -15.83 -28.90 19.52
CA LYS H 101 -17.17 -28.88 20.11
C LYS H 101 -17.35 -27.72 21.08
N ARG H 102 -16.34 -27.48 21.92
CA ARG H 102 -16.28 -26.34 22.85
C ARG H 102 -16.47 -25.01 22.12
N ILE H 103 -15.94 -24.93 20.90
CA ILE H 103 -16.14 -23.77 20.03
C ILE H 103 -17.57 -23.73 19.46
N HIS H 104 -18.09 -24.88 19.06
CA HIS H 104 -19.47 -24.97 18.57
C HIS H 104 -20.52 -24.59 19.64
N GLU H 105 -20.14 -24.67 20.91
CA GLU H 105 -20.98 -24.21 22.02
C GLU H 105 -20.94 -22.69 22.18
N LEU H 106 -19.75 -22.09 22.12
CA LEU H 106 -19.60 -20.62 22.18
C LEU H 106 -20.31 -19.93 21.02
N VAL H 107 -20.36 -20.59 19.87
CA VAL H 107 -21.08 -20.08 18.71
C VAL H 107 -22.57 -20.00 19.03
N GLU H 108 -23.13 -21.07 19.60
CA GLU H 108 -24.54 -21.10 19.99
C GLU H 108 -24.86 -20.13 21.14
N MET H 109 -23.85 -19.73 21.92
CA MET H 109 -24.03 -18.67 22.92
C MET H 109 -24.24 -17.32 22.24
N ALA H 110 -23.33 -16.97 21.32
CA ALA H 110 -23.38 -15.70 20.59
C ALA H 110 -24.68 -15.49 19.85
N MET H 111 -25.19 -16.55 19.26
CA MET H 111 -26.45 -16.49 18.54
C MET H 111 -27.63 -16.25 19.47
N GLN H 112 -27.63 -16.90 20.63
CA GLN H 112 -28.76 -16.81 21.58
C GLN H 112 -28.80 -15.46 22.32
N GLU H 113 -27.64 -14.81 22.43
CA GLU H 113 -27.56 -13.44 22.96
C GLU H 113 -27.69 -12.38 21.85
N LYS H 114 -27.54 -12.82 20.60
CA LYS H 114 -27.57 -11.96 19.41
C LYS H 114 -26.28 -11.13 19.28
N ASP H 115 -25.23 -11.64 19.90
CA ASP H 115 -23.91 -11.02 19.87
C ASP H 115 -23.29 -11.27 18.49
N PHE H 116 -23.78 -10.53 17.50
CA PHE H 116 -23.47 -10.82 16.11
C PHE H 116 -21.99 -10.67 15.77
N ALA H 117 -21.36 -9.66 16.37
CA ALA H 117 -19.94 -9.40 16.16
C ALA H 117 -19.09 -10.59 16.56
N THR H 118 -19.37 -11.14 17.74
CA THR H 118 -18.62 -12.30 18.26
C THR H 118 -18.92 -13.56 17.47
N TYR H 119 -20.17 -13.72 17.05
CA TYR H 119 -20.51 -14.82 16.17
C TYR H 119 -19.69 -14.78 14.87
N ASN H 120 -19.58 -13.60 14.25
CA ASN H 120 -18.75 -13.44 13.04
C ASN H 120 -17.30 -13.77 13.29
N PHE H 121 -16.76 -13.22 14.38
CA PHE H 121 -15.37 -13.43 14.80
C PHE H 121 -15.00 -14.91 15.01
N LEU H 122 -15.95 -15.71 15.50
CA LEU H 122 -15.71 -17.13 15.83
C LEU H 122 -15.72 -18.08 14.63
N GLN H 123 -16.09 -17.56 13.45
CA GLN H 123 -16.14 -18.38 12.24
C GLN H 123 -14.76 -18.80 11.76
N TRP H 124 -13.78 -17.93 11.99
CA TRP H 124 -12.37 -18.20 11.72
C TRP H 124 -11.94 -19.49 12.44
N TYR H 125 -12.38 -19.64 13.68
CA TYR H 125 -12.02 -20.77 14.52
C TYR H 125 -12.75 -22.04 14.10
N VAL H 126 -14.03 -21.92 13.75
CA VAL H 126 -14.81 -23.04 13.19
C VAL H 126 -14.15 -23.49 11.89
N ALA H 127 -13.66 -22.54 11.10
CA ALA H 127 -12.94 -22.82 9.85
C ALA H 127 -11.55 -23.41 10.07
N GLU H 128 -10.86 -22.96 11.12
CA GLU H 128 -9.57 -23.53 11.50
C GLU H 128 -9.72 -24.97 12.02
N GLN H 129 -10.69 -25.20 12.91
CA GLN H 129 -10.88 -26.51 13.55
C GLN H 129 -11.22 -27.66 12.58
N VAL H 130 -11.64 -27.31 11.37
CA VAL H 130 -11.78 -28.31 10.30
C VAL H 130 -10.41 -28.85 9.91
N GLU H 131 -9.40 -27.98 9.85
CA GLU H 131 -8.04 -28.36 9.47
C GLU H 131 -7.33 -29.15 10.56
N GLU H 132 -7.39 -28.66 11.79
CA GLU H 132 -6.66 -29.27 12.91
C GLU H 132 -7.10 -30.70 13.20
N GLU H 133 -8.39 -30.99 13.02
CA GLU H 133 -8.90 -32.36 13.14
C GLU H 133 -8.36 -33.22 12.00
N ALA H 134 -8.47 -32.70 10.78
CA ALA H 134 -8.02 -33.41 9.57
C ALA H 134 -6.51 -33.59 9.51
N SER H 135 -5.76 -32.59 9.96
CA SER H 135 -4.30 -32.67 9.95
C SER H 135 -3.82 -33.62 11.04
N ALA H 136 -4.61 -33.75 12.11
CA ALA H 136 -4.36 -34.72 13.17
C ALA H 136 -4.71 -36.13 12.72
N LEU H 137 -5.86 -36.29 12.08
CA LEU H 137 -6.37 -37.62 11.68
C LEU H 137 -5.57 -38.26 10.53
N ASP H 138 -5.08 -37.46 9.58
CA ASP H 138 -4.13 -37.93 8.55
C ASP H 138 -2.92 -38.62 9.19
N ILE H 139 -2.36 -37.96 10.21
CA ILE H 139 -1.16 -38.41 10.96
C ILE H 139 -1.47 -39.43 12.09
N VAL H 140 -2.72 -39.50 12.54
CA VAL H 140 -3.16 -40.64 13.34
C VAL H 140 -3.25 -41.85 12.43
N GLU H 141 -3.97 -41.69 11.32
CA GLU H 141 -4.13 -42.74 10.29
C GLU H 141 -2.81 -43.19 9.66
N LYS H 142 -1.86 -42.27 9.51
CA LYS H 142 -0.57 -42.60 8.90
C LYS H 142 0.38 -43.38 9.82
N LEU H 143 0.06 -43.47 11.11
CA LEU H 143 0.83 -44.32 12.05
C LEU H 143 0.17 -45.70 12.31
N ARG H 144 -1.05 -45.89 11.80
CA ARG H 144 -1.74 -47.18 11.91
C ARG H 144 -1.24 -48.11 10.80
N LEU H 145 -1.13 -47.55 9.59
CA LEU H 145 -0.49 -48.21 8.44
C LEU H 145 0.78 -48.94 8.84
N ILE H 146 1.68 -48.21 9.51
CA ILE H 146 2.97 -48.75 9.92
C ILE H 146 3.14 -48.70 11.44
N GLY H 147 3.65 -47.60 11.97
CA GLY H 147 4.10 -47.57 13.36
C GLY H 147 5.41 -48.33 13.53
N GLU H 148 5.33 -49.66 13.46
CA GLU H 148 6.45 -50.57 13.76
C GLU H 148 7.62 -50.56 12.75
N ASP H 149 7.35 -50.20 11.50
CA ASP H 149 8.44 -49.90 10.57
C ASP H 149 8.99 -48.57 11.05
N LYS H 150 10.23 -48.59 11.55
CA LYS H 150 10.85 -47.39 12.11
C LYS H 150 11.32 -46.48 10.97
N ARG H 151 11.50 -47.06 9.79
CA ARG H 151 11.98 -46.31 8.63
C ARG H 151 10.91 -45.41 8.01
N ALA H 152 9.68 -45.90 7.93
CA ALA H 152 8.53 -45.08 7.51
C ALA H 152 8.22 -44.05 8.61
N LEU H 153 8.51 -44.41 9.86
CA LEU H 153 8.41 -43.48 10.98
C LEU H 153 9.45 -42.36 10.88
N LEU H 154 10.65 -42.69 10.40
CA LEU H 154 11.73 -41.71 10.16
C LEU H 154 11.56 -40.93 8.86
N PHE H 155 10.79 -41.48 7.92
CA PHE H 155 10.44 -40.77 6.69
C PHE H 155 9.32 -39.75 6.96
N LEU H 156 8.38 -40.14 7.83
CA LEU H 156 7.26 -39.28 8.21
C LEU H 156 7.74 -38.07 9.03
N ASP H 157 8.59 -38.31 10.03
CA ASP H 157 9.11 -37.23 10.88
C ASP H 157 9.70 -36.11 10.01
N LYS H 158 10.43 -36.47 8.95
CA LYS H 158 11.09 -35.48 8.09
C LYS H 158 10.09 -34.59 7.33
N GLU H 159 8.98 -35.16 6.90
CA GLU H 159 7.89 -34.38 6.32
C GLU H 159 7.38 -33.32 7.31
N LEU H 160 7.18 -33.71 8.56
CA LEU H 160 6.64 -32.83 9.58
C LEU H 160 7.61 -31.72 9.98
N SER H 161 8.90 -31.96 9.75
CA SER H 161 9.95 -31.00 10.09
C SER H 161 9.95 -29.75 9.18
N LEU H 162 9.34 -29.87 8.00
CA LEU H 162 9.27 -28.75 7.06
C LEU H 162 8.27 -27.66 7.50
N ARG H 163 7.41 -27.98 8.47
CA ARG H 163 6.33 -27.09 8.89
C ARG H 163 6.83 -25.81 9.53
N GLN H 164 6.15 -24.70 9.21
CA GLN H 164 6.52 -23.36 9.70
C GLN H 164 5.25 -22.51 9.91
N SER I 3 39.15 -52.35 -12.98
CA SER I 3 40.14 -52.29 -14.09
C SER I 3 41.50 -51.72 -13.63
N ILE I 4 41.46 -50.69 -12.78
CA ILE I 4 42.69 -50.14 -12.16
C ILE I 4 43.46 -51.27 -11.43
N SER I 5 44.78 -51.17 -11.41
CA SER I 5 45.61 -52.25 -10.86
C SER I 5 45.80 -52.14 -9.35
N GLU I 6 46.07 -53.29 -8.74
CA GLU I 6 46.41 -53.40 -7.33
C GLU I 6 47.65 -52.54 -7.04
N LYS I 7 48.62 -52.66 -7.95
CA LYS I 7 49.87 -51.93 -7.83
C LYS I 7 49.64 -50.43 -7.83
N MET I 8 48.84 -49.96 -8.78
CA MET I 8 48.64 -48.53 -8.98
C MET I 8 48.02 -47.88 -7.73
N VAL I 9 46.95 -48.49 -7.23
CA VAL I 9 46.27 -48.04 -6.01
C VAL I 9 47.27 -47.90 -4.86
N GLU I 10 48.20 -48.84 -4.79
CA GLU I 10 49.28 -48.80 -3.81
C GLU I 10 50.20 -47.61 -4.09
N ALA I 11 50.65 -47.51 -5.35
CA ALA I 11 51.56 -46.43 -5.73
C ALA I 11 50.95 -45.08 -5.39
N LEU I 12 49.76 -44.82 -5.92
CA LEU I 12 49.01 -43.60 -5.61
C LEU I 12 48.92 -43.37 -4.09
N ASN I 13 48.54 -44.40 -3.32
CA ASN I 13 48.44 -44.28 -1.84
C ASN I 13 49.68 -43.74 -1.13
N ARG I 14 50.84 -43.96 -1.73
CA ARG I 14 52.06 -43.35 -1.21
C ARG I 14 52.10 -41.86 -1.56
N GLN I 15 51.60 -41.49 -2.74
CA GLN I 15 51.63 -40.09 -3.18
C GLN I 15 50.52 -39.23 -2.54
N ILE I 16 49.38 -39.82 -2.18
CA ILE I 16 48.43 -39.12 -1.29
C ILE I 16 49.11 -38.85 0.07
N ASN I 17 49.69 -39.89 0.64
CA ASN I 17 50.28 -39.80 1.95
C ASN I 17 51.62 -39.03 1.97
N ALA I 18 52.17 -38.76 0.79
CA ALA I 18 53.37 -37.93 0.65
C ALA I 18 52.94 -36.48 0.57
N GLU I 19 51.96 -36.20 -0.30
CA GLU I 19 51.48 -34.83 -0.51
C GLU I 19 50.84 -34.28 0.78
N ILE I 20 50.34 -35.14 1.67
CA ILE I 20 49.92 -34.67 2.98
C ILE I 20 51.13 -34.27 3.81
N TYR I 21 52.24 -35.02 3.68
CA TYR I 21 53.50 -34.64 4.36
C TYR I 21 54.01 -33.27 3.87
N SER I 22 53.87 -33.00 2.57
CA SER I 22 54.28 -31.71 2.01
C SER I 22 53.61 -30.56 2.77
N ALA I 23 52.30 -30.67 2.93
CA ALA I 23 51.51 -29.67 3.63
C ALA I 23 51.92 -29.52 5.09
N TYR I 24 52.10 -30.64 5.77
CA TYR I 24 52.51 -30.63 7.18
C TYR I 24 53.89 -30.00 7.36
N LEU I 25 54.72 -30.10 6.33
CA LEU I 25 56.06 -29.47 6.33
C LEU I 25 55.92 -27.95 6.23
N TYR I 26 55.32 -27.51 5.13
CA TYR I 26 55.12 -26.08 4.87
C TYR I 26 54.50 -25.39 6.08
N LEU I 27 53.53 -26.05 6.70
CA LEU I 27 52.88 -25.56 7.93
C LEU I 27 53.90 -25.32 9.01
N SER I 28 54.84 -26.25 9.18
CA SER I 28 55.96 -26.05 10.11
C SER I 28 56.77 -24.81 9.71
N MET I 29 56.99 -24.62 8.41
CA MET I 29 57.71 -23.43 7.94
C MET I 29 56.93 -22.16 8.26
N ALA I 30 55.60 -22.24 8.22
CA ALA I 30 54.77 -21.13 8.64
C ALA I 30 55.00 -20.78 10.10
N SER I 31 55.08 -21.80 10.95
CA SER I 31 55.42 -21.64 12.39
C SER I 31 56.83 -21.06 12.62
N TYR I 32 57.76 -21.38 11.72
CA TYR I 32 59.13 -20.80 11.73
C TYR I 32 59.14 -19.34 11.29
N PHE I 33 58.43 -19.06 10.20
CA PHE I 33 58.29 -17.68 9.71
C PHE I 33 57.41 -16.85 10.62
N ASP I 34 56.57 -17.53 11.40
CA ASP I 34 55.82 -16.90 12.48
C ASP I 34 56.75 -16.55 13.65
N SER I 35 57.73 -17.42 13.89
CA SER I 35 58.68 -17.26 15.00
C SER I 35 59.78 -16.22 14.75
N ILE I 36 60.08 -15.92 13.49
CA ILE I 36 60.99 -14.81 13.16
C ILE I 36 60.28 -13.62 12.49
N GLY I 37 59.03 -13.37 12.90
CA GLY I 37 58.31 -12.14 12.58
C GLY I 37 57.85 -11.92 11.15
N LEU I 38 58.21 -12.82 10.25
CA LEU I 38 57.88 -12.66 8.83
C LEU I 38 56.46 -13.16 8.55
N LYS I 39 55.54 -12.21 8.44
CA LYS I 39 54.13 -12.52 8.31
C LYS I 39 53.74 -12.87 6.89
N GLY I 40 54.37 -12.25 5.90
CA GLY I 40 54.08 -12.57 4.51
C GLY I 40 54.51 -13.99 4.16
N PHE I 41 55.70 -14.34 4.59
CA PHE I 41 56.21 -15.69 4.37
C PHE I 41 55.26 -16.67 5.06
N SER I 42 54.82 -16.33 6.27
CA SER I 42 53.84 -17.14 6.99
C SER I 42 52.59 -17.35 6.14
N ASN I 43 52.10 -16.29 5.51
CA ASN I 43 50.92 -16.39 4.67
C ASN I 43 51.12 -17.32 3.48
N TRP I 44 52.23 -17.07 2.77
CA TRP I 44 52.64 -17.85 1.59
C TRP I 44 52.63 -19.34 1.90
N MET I 45 53.25 -19.69 3.02
CA MET I 45 53.26 -21.07 3.50
C MET I 45 51.87 -21.53 3.92
N ARG I 46 51.17 -20.69 4.70
CA ARG I 46 49.79 -20.99 5.12
C ARG I 46 48.90 -21.28 3.92
N VAL I 47 49.09 -20.55 2.83
CA VAL I 47 48.38 -20.84 1.60
C VAL I 47 48.95 -22.08 0.90
N GLN I 48 50.27 -22.30 0.97
CA GLN I 48 50.88 -23.50 0.40
C GLN I 48 50.35 -24.75 1.09
N TRP I 49 50.30 -24.71 2.41
CA TRP I 49 49.77 -25.81 3.21
C TRP I 49 48.36 -26.21 2.76
N GLN I 50 47.50 -25.22 2.48
CA GLN I 50 46.16 -25.47 1.94
C GLN I 50 46.19 -26.09 0.55
N GLU I 51 46.92 -25.45 -0.37
CA GLU I 51 47.00 -25.89 -1.77
C GLU I 51 47.49 -27.32 -1.94
N GLU I 52 48.50 -27.71 -1.16
CA GLU I 52 49.00 -29.10 -1.21
C GLU I 52 47.89 -30.04 -0.73
N LEU I 53 47.29 -29.73 0.42
CA LEU I 53 46.14 -30.50 0.92
C LEU I 53 45.11 -30.83 -0.16
N CYS I 54 44.79 -29.86 -1.02
CA CYS I 54 43.81 -30.06 -2.10
C CYS I 54 44.29 -30.95 -3.24
N HIS I 55 45.60 -30.97 -3.49
CA HIS I 55 46.18 -31.88 -4.49
C HIS I 55 46.09 -33.35 -4.01
N ALA I 56 46.19 -33.57 -2.71
CA ALA I 56 46.01 -34.90 -2.15
C ALA I 56 44.53 -35.28 -2.18
N MET I 57 43.66 -34.30 -2.00
CA MET I 57 42.22 -34.54 -1.99
C MET I 57 41.67 -34.77 -3.38
N LYS I 58 42.20 -34.05 -4.37
CA LYS I 58 41.91 -34.33 -5.76
C LYS I 58 42.31 -35.79 -6.08
N MET I 59 43.47 -36.20 -5.56
CA MET I 59 43.99 -37.55 -5.77
C MET I 59 43.27 -38.61 -4.92
N PHE I 60 42.86 -38.24 -3.72
CA PHE I 60 42.05 -39.08 -2.84
C PHE I 60 40.76 -39.41 -3.56
N ASP I 61 40.11 -38.37 -4.11
CA ASP I 61 38.81 -38.54 -4.74
C ASP I 61 38.93 -39.45 -5.94
N PHE I 62 39.94 -39.18 -6.77
CA PHE I 62 40.20 -39.97 -7.97
C PHE I 62 40.29 -41.47 -7.62
N VAL I 63 41.10 -41.81 -6.62
CA VAL I 63 41.27 -43.21 -6.21
C VAL I 63 39.93 -43.86 -5.84
N SER I 64 39.08 -43.10 -5.16
CA SER I 64 37.73 -43.56 -4.78
C SER I 64 36.77 -43.66 -5.97
N GLU I 65 36.91 -42.76 -6.95
CA GLU I 65 36.13 -42.83 -8.20
C GLU I 65 36.46 -44.07 -9.01
N ARG I 66 37.73 -44.44 -9.10
CA ARG I 66 38.15 -45.62 -9.86
C ARG I 66 37.94 -46.94 -9.10
N GLY I 67 37.44 -46.86 -7.87
CA GLY I 67 37.14 -48.06 -7.11
C GLY I 67 38.36 -48.65 -6.43
N GLY I 68 39.27 -47.78 -6.02
CA GLY I 68 40.40 -48.16 -5.17
C GLY I 68 40.18 -47.67 -3.75
N ARG I 69 40.71 -48.42 -2.77
CA ARG I 69 40.53 -48.11 -1.35
C ARG I 69 41.75 -47.36 -0.83
N ILE I 70 41.50 -46.24 -0.16
CA ILE I 70 42.55 -45.37 0.36
C ILE I 70 42.75 -45.64 1.84
N PHE I 71 43.93 -46.15 2.20
CA PHE I 71 44.36 -46.22 3.60
C PHE I 71 45.23 -45.01 3.87
N LEU I 72 45.29 -44.61 5.13
CA LEU I 72 46.14 -43.50 5.54
C LEU I 72 47.12 -44.01 6.58
N GLN I 73 48.41 -43.87 6.28
CA GLN I 73 49.48 -44.26 7.21
C GLN I 73 49.88 -43.04 8.01
N ASP I 74 50.62 -43.25 9.10
CA ASP I 74 51.02 -42.18 10.01
C ASP I 74 51.88 -41.14 9.32
N ILE I 75 52.00 -39.96 9.92
CA ILE I 75 52.70 -38.85 9.28
C ILE I 75 53.89 -38.39 10.11
N LYS I 76 55.05 -38.33 9.44
CA LYS I 76 56.34 -38.02 10.08
C LYS I 76 56.46 -36.59 10.61
N LYS I 77 57.37 -36.44 11.57
CA LYS I 77 57.66 -35.14 12.17
C LYS I 77 58.46 -34.26 11.20
N PRO I 78 57.89 -33.11 10.78
CA PRO I 78 58.66 -32.22 9.92
C PRO I 78 59.69 -31.43 10.70
N ASP I 79 60.69 -30.91 10.01
CA ASP I 79 61.72 -30.08 10.64
C ASP I 79 61.07 -28.87 11.33
N SER I 80 61.44 -28.61 12.57
CA SER I 80 60.92 -27.45 13.33
C SER I 80 61.80 -26.19 13.25
N GLU I 81 63.02 -26.31 12.69
CA GLU I 81 64.01 -25.24 12.72
C GLU I 81 64.73 -25.11 11.38
N TRP I 82 65.11 -23.88 11.06
CA TRP I 82 66.02 -23.61 9.95
C TRP I 82 67.01 -22.51 10.35
N GLU I 83 68.01 -22.32 9.51
CA GLU I 83 69.03 -21.29 9.75
C GLU I 83 68.53 -19.89 9.41
N SER I 84 67.92 -19.76 8.23
CA SER I 84 67.44 -18.48 7.73
C SER I 84 66.43 -18.72 6.62
N PRO I 85 65.67 -17.67 6.25
CA PRO I 85 64.71 -17.73 5.15
C PRO I 85 65.24 -18.42 3.91
N LEU I 86 66.45 -18.05 3.49
CA LEU I 86 67.07 -18.65 2.31
C LEU I 86 67.22 -20.17 2.47
N ALA I 87 67.65 -20.62 3.65
CA ALA I 87 67.84 -22.06 3.95
C ALA I 87 66.52 -22.84 3.96
N ALA I 88 65.42 -22.15 4.29
CA ALA I 88 64.11 -22.77 4.30
C ALA I 88 63.61 -23.00 2.88
N PHE I 89 63.78 -21.98 2.04
CA PHE I 89 63.35 -22.07 0.64
C PHE I 89 64.25 -22.97 -0.22
N GLU I 90 65.47 -23.24 0.24
CA GLU I 90 66.35 -24.21 -0.43
C GLU I 90 65.85 -25.65 -0.13
N HIS I 91 65.25 -25.83 1.04
CA HIS I 91 64.62 -27.08 1.43
C HIS I 91 63.30 -27.29 0.69
N VAL I 92 62.59 -26.20 0.44
CA VAL I 92 61.38 -26.26 -0.35
C VAL I 92 61.70 -26.68 -1.77
N TYR I 93 62.60 -25.94 -2.41
CA TYR I 93 62.96 -26.19 -3.80
C TYR I 93 63.40 -27.63 -3.96
N GLU I 94 64.29 -28.06 -3.09
CA GLU I 94 64.81 -29.41 -3.16
C GLU I 94 63.68 -30.41 -2.97
N HIS I 95 62.80 -30.13 -1.99
CA HIS I 95 61.69 -31.06 -1.68
C HIS I 95 60.66 -31.20 -2.79
N GLU I 96 60.36 -30.11 -3.49
CA GLU I 96 59.41 -30.18 -4.61
C GLU I 96 60.03 -30.88 -5.83
N VAL I 97 61.36 -30.77 -6.01
CA VAL I 97 62.07 -31.48 -7.09
C VAL I 97 62.01 -33.00 -6.89
N ASN I 98 61.98 -33.43 -5.63
CA ASN I 98 61.83 -34.86 -5.30
C ASN I 98 60.41 -35.33 -5.57
N VAL I 99 59.43 -34.48 -5.27
CA VAL I 99 58.04 -34.74 -5.61
C VAL I 99 57.86 -34.77 -7.14
N THR I 100 58.59 -33.90 -7.87
CA THR I 100 58.51 -33.85 -9.34
C THR I 100 58.84 -35.20 -9.96
N LYS I 101 59.85 -35.85 -9.40
CA LYS I 101 60.31 -37.15 -9.88
C LYS I 101 59.40 -38.28 -9.39
N ARG I 102 58.94 -38.17 -8.15
CA ARG I 102 57.94 -39.07 -7.58
C ARG I 102 56.69 -39.16 -8.46
N ILE I 103 56.34 -38.04 -9.09
CA ILE I 103 55.23 -37.99 -10.07
C ILE I 103 55.62 -38.69 -11.35
N HIS I 104 56.64 -38.17 -12.05
CA HIS I 104 57.12 -38.77 -13.29
C HIS I 104 57.21 -40.29 -13.22
N GLU I 105 57.40 -40.86 -12.02
CA GLU I 105 57.38 -42.32 -11.86
C GLU I 105 56.00 -42.94 -12.02
N LEU I 106 54.99 -42.28 -11.44
CA LEU I 106 53.59 -42.70 -11.59
C LEU I 106 53.15 -42.59 -13.05
N VAL I 107 53.60 -41.54 -13.72
CA VAL I 107 53.30 -41.35 -15.15
C VAL I 107 53.85 -42.52 -15.97
N GLU I 108 55.03 -43.03 -15.59
CA GLU I 108 55.65 -44.19 -16.23
C GLU I 108 54.94 -45.49 -15.88
N MET I 109 54.57 -45.65 -14.61
CA MET I 109 53.83 -46.84 -14.17
C MET I 109 52.47 -46.94 -14.87
N ALA I 110 51.84 -45.79 -15.05
CA ALA I 110 50.52 -45.72 -15.67
C ALA I 110 50.55 -46.11 -17.15
N MET I 111 51.64 -45.79 -17.83
CA MET I 111 51.78 -46.14 -19.23
C MET I 111 52.22 -47.59 -19.42
N GLN I 112 53.10 -48.08 -18.52
CA GLN I 112 53.50 -49.49 -18.54
C GLN I 112 52.32 -50.47 -18.35
N GLU I 113 51.32 -50.03 -17.58
CA GLU I 113 50.10 -50.79 -17.38
C GLU I 113 49.00 -50.48 -18.41
N LYS I 114 49.16 -49.38 -19.16
CA LYS I 114 48.14 -48.86 -20.09
C LYS I 114 46.89 -48.41 -19.34
N ASP I 115 47.14 -47.87 -18.14
CA ASP I 115 46.13 -47.36 -17.24
C ASP I 115 45.83 -45.93 -17.68
N PHE I 116 45.22 -45.79 -18.85
CA PHE I 116 45.18 -44.52 -19.55
C PHE I 116 44.48 -43.44 -18.74
N ALA I 117 43.34 -43.78 -18.17
CA ALA I 117 42.53 -42.86 -17.38
C ALA I 117 43.37 -42.13 -16.31
N THR I 118 44.21 -42.89 -15.63
CA THR I 118 45.18 -42.37 -14.67
C THR I 118 46.18 -41.41 -15.30
N TYR I 119 46.79 -41.84 -16.41
CA TYR I 119 47.82 -41.05 -17.10
C TYR I 119 47.34 -39.64 -17.38
N ASN I 120 46.18 -39.52 -18.02
CA ASN I 120 45.58 -38.20 -18.30
C ASN I 120 45.32 -37.39 -17.05
N PHE I 121 44.88 -38.07 -15.99
CA PHE I 121 44.64 -37.41 -14.71
C PHE I 121 45.92 -36.81 -14.13
N LEU I 122 47.01 -37.55 -14.20
CA LEU I 122 48.27 -37.10 -13.62
C LEU I 122 48.85 -35.90 -14.33
N GLN I 123 48.52 -35.73 -15.61
CA GLN I 123 49.03 -34.58 -16.35
C GLN I 123 48.92 -33.30 -15.51
N TRP I 124 47.76 -33.11 -14.89
CA TRP I 124 47.54 -31.96 -14.02
C TRP I 124 48.67 -31.72 -13.01
N TYR I 125 49.27 -32.80 -12.50
CA TYR I 125 50.39 -32.69 -11.54
C TYR I 125 51.73 -32.47 -12.24
N VAL I 126 51.86 -32.97 -13.47
CA VAL I 126 53.02 -32.67 -14.32
C VAL I 126 52.94 -31.20 -14.76
N ALA I 127 51.72 -30.72 -15.01
CA ALA I 127 51.48 -29.31 -15.32
C ALA I 127 51.68 -28.40 -14.11
N GLU I 128 51.23 -28.86 -12.94
CA GLU I 128 51.34 -28.11 -11.68
C GLU I 128 52.80 -27.88 -11.23
N GLN I 129 53.54 -28.98 -11.05
CA GLN I 129 54.89 -28.95 -10.43
C GLN I 129 55.90 -27.99 -11.07
N VAL I 130 55.77 -27.78 -12.38
CA VAL I 130 56.58 -26.79 -13.11
C VAL I 130 56.46 -25.45 -12.43
N GLU I 131 55.25 -25.07 -12.04
CA GLU I 131 55.02 -23.82 -11.33
C GLU I 131 55.61 -23.81 -9.91
N GLU I 132 55.32 -24.84 -9.12
CA GLU I 132 55.81 -24.94 -7.73
C GLU I 132 57.35 -24.92 -7.67
N GLU I 133 57.99 -25.60 -8.62
CA GLU I 133 59.45 -25.58 -8.77
C GLU I 133 59.96 -24.20 -9.12
N ALA I 134 59.37 -23.62 -10.17
CA ALA I 134 59.81 -22.33 -10.70
C ALA I 134 59.54 -21.20 -9.71
N SER I 135 58.40 -21.24 -9.02
CA SER I 135 58.07 -20.21 -8.02
C SER I 135 58.90 -20.35 -6.74
N ALA I 136 59.36 -21.56 -6.44
CA ALA I 136 60.31 -21.77 -5.35
C ALA I 136 61.67 -21.16 -5.71
N LEU I 137 62.18 -21.58 -6.88
CA LEU I 137 63.47 -21.11 -7.41
C LEU I 137 63.54 -19.59 -7.58
N ASP I 138 62.44 -18.99 -8.06
CA ASP I 138 62.36 -17.53 -8.20
C ASP I 138 62.67 -16.84 -6.89
N ILE I 139 62.15 -17.39 -5.80
CA ILE I 139 62.39 -16.84 -4.47
C ILE I 139 63.79 -17.22 -3.96
N VAL I 140 64.24 -18.44 -4.26
CA VAL I 140 65.58 -18.90 -3.82
C VAL I 140 66.71 -18.06 -4.44
N GLU I 141 66.59 -17.75 -5.72
CA GLU I 141 67.51 -16.84 -6.42
C GLU I 141 67.53 -15.44 -5.82
N LYS I 142 66.33 -14.96 -5.47
CA LYS I 142 66.15 -13.60 -4.95
C LYS I 142 66.65 -13.47 -3.51
N LEU I 143 66.39 -14.49 -2.69
CA LEU I 143 66.83 -14.48 -1.28
C LEU I 143 68.35 -14.53 -1.16
N ARG I 144 69.00 -15.08 -2.17
CA ARG I 144 70.46 -14.99 -2.31
C ARG I 144 70.84 -13.57 -2.72
N LEU I 145 70.31 -13.13 -3.86
CA LEU I 145 70.63 -11.82 -4.43
C LEU I 145 70.39 -10.68 -3.43
N ILE I 146 69.35 -10.78 -2.64
CA ILE I 146 69.08 -9.83 -1.57
C ILE I 146 70.09 -9.99 -0.44
N GLY I 147 70.32 -11.25 -0.05
CA GLY I 147 71.33 -11.56 0.96
C GLY I 147 70.94 -11.01 2.31
N GLU I 148 71.92 -10.45 3.00
CA GLU I 148 71.75 -10.02 4.40
C GLU I 148 70.96 -8.72 4.61
N ASP I 149 70.69 -7.98 3.54
CA ASP I 149 69.95 -6.72 3.67
C ASP I 149 68.51 -7.00 4.12
N LYS I 150 68.13 -6.40 5.25
CA LYS I 150 66.83 -6.64 5.87
C LYS I 150 65.78 -5.77 5.21
N ARG I 151 66.21 -4.59 4.79
CA ARG I 151 65.39 -3.65 4.05
C ARG I 151 64.68 -4.32 2.87
N ALA I 152 65.44 -5.05 2.07
CA ALA I 152 64.89 -5.76 0.89
C ALA I 152 64.17 -7.07 1.27
N LEU I 153 64.57 -7.67 2.39
CA LEU I 153 63.90 -8.88 2.90
C LEU I 153 62.47 -8.59 3.37
N LEU I 154 62.27 -7.47 4.06
CA LEU I 154 60.92 -7.03 4.48
C LEU I 154 60.10 -6.54 3.28
N PHE I 155 60.78 -6.13 2.21
CA PHE I 155 60.14 -5.72 0.95
C PHE I 155 59.50 -6.93 0.24
N LEU I 156 60.26 -8.00 0.12
CA LEU I 156 59.78 -9.27 -0.43
C LEU I 156 58.76 -9.95 0.50
N ASP I 157 58.91 -9.70 1.80
CA ASP I 157 57.94 -10.13 2.81
C ASP I 157 56.53 -9.63 2.49
N LYS I 158 56.40 -8.35 2.15
CA LYS I 158 55.10 -7.79 1.82
C LYS I 158 54.60 -8.32 0.49
N GLU I 159 55.49 -8.49 -0.49
CA GLU I 159 55.10 -9.04 -1.79
C GLU I 159 54.41 -10.42 -1.68
N LEU I 160 54.96 -11.29 -0.84
CA LEU I 160 54.42 -12.63 -0.61
C LEU I 160 53.17 -12.66 0.29
N SER I 161 52.88 -11.54 0.98
CA SER I 161 51.67 -11.42 1.81
C SER I 161 50.40 -11.40 0.96
N LEU I 162 50.54 -11.05 -0.33
CA LEU I 162 49.39 -10.96 -1.23
C LEU I 162 49.09 -12.27 -2.01
N ARG I 163 49.63 -13.39 -1.56
CA ARG I 163 49.31 -14.69 -2.17
C ARG I 163 47.97 -15.23 -1.66
N GLN I 164 47.12 -15.73 -2.55
CA GLN I 164 45.74 -16.12 -2.19
C GLN I 164 45.29 -17.50 -2.75
N PHE I 165 44.01 -17.85 -2.55
CA PHE I 165 43.44 -19.19 -2.86
C PHE I 165 43.99 -20.22 -1.87
N ALA J 2 48.83 -11.44 32.05
CA ALA J 2 50.22 -11.99 32.22
C ALA J 2 50.93 -12.25 30.90
N SER J 3 52.12 -12.85 30.98
CA SER J 3 52.79 -13.48 29.85
C SER J 3 52.46 -14.97 29.90
N ILE J 4 52.27 -15.58 28.75
CA ILE J 4 51.84 -16.98 28.68
C ILE J 4 52.97 -17.91 29.18
N SER J 5 52.62 -18.75 30.15
CA SER J 5 53.60 -19.62 30.80
C SER J 5 54.05 -20.74 29.87
N GLU J 6 55.19 -21.35 30.20
CA GLU J 6 55.76 -22.43 29.39
C GLU J 6 54.93 -23.72 29.50
N LYS J 7 54.17 -23.86 30.59
CA LYS J 7 53.29 -25.00 30.78
C LYS J 7 52.03 -24.94 29.91
N MET J 8 51.49 -23.73 29.70
CA MET J 8 50.35 -23.58 28.79
C MET J 8 50.77 -23.84 27.36
N VAL J 9 51.85 -23.18 26.93
CA VAL J 9 52.38 -23.31 25.57
C VAL J 9 52.55 -24.77 25.17
N GLU J 10 52.94 -25.61 26.11
CA GLU J 10 53.07 -27.04 25.88
C GLU J 10 51.69 -27.76 25.84
N ALA J 11 50.81 -27.39 26.77
CA ALA J 11 49.48 -28.00 26.90
C ALA J 11 48.55 -27.68 25.72
N LEU J 12 48.69 -26.46 25.20
CA LEU J 12 47.98 -26.03 23.99
C LEU J 12 48.60 -26.67 22.74
N ASN J 13 49.92 -26.86 22.76
CA ASN J 13 50.60 -27.61 21.70
C ASN J 13 50.15 -29.08 21.62
N ARG J 14 49.92 -29.70 22.78
CA ARG J 14 49.39 -31.07 22.81
C ARG J 14 48.01 -31.15 22.16
N GLN J 15 47.19 -30.11 22.34
CA GLN J 15 45.86 -30.09 21.76
C GLN J 15 45.86 -29.87 20.26
N ILE J 16 46.57 -28.85 19.80
CA ILE J 16 46.67 -28.59 18.36
C ILE J 16 46.92 -29.91 17.64
N ASN J 17 47.87 -30.69 18.14
CA ASN J 17 48.22 -31.97 17.54
C ASN J 17 47.04 -32.92 17.53
N ALA J 18 46.36 -33.01 18.68
CA ALA J 18 45.19 -33.86 18.85
C ALA J 18 44.08 -33.50 17.88
N GLU J 19 43.85 -32.20 17.69
CA GLU J 19 42.80 -31.75 16.78
C GLU J 19 43.21 -32.09 15.35
N ILE J 20 44.47 -31.87 15.03
CA ILE J 20 45.01 -32.36 13.76
C ILE J 20 44.88 -33.89 13.62
N TYR J 21 45.02 -34.64 14.72
CA TYR J 21 44.76 -36.08 14.71
C TYR J 21 43.28 -36.39 14.52
N SER J 22 42.42 -35.64 15.20
CA SER J 22 40.96 -35.86 15.10
C SER J 22 40.48 -35.64 13.67
N ALA J 23 41.05 -34.65 12.99
CA ALA J 23 40.76 -34.43 11.57
C ALA J 23 41.18 -35.64 10.72
N TYR J 24 42.39 -36.14 10.95
CA TYR J 24 42.92 -37.31 10.25
C TYR J 24 42.00 -38.52 10.45
N LEU J 25 41.74 -38.86 11.71
CA LEU J 25 40.78 -39.91 12.04
C LEU J 25 39.51 -39.86 11.20
N TYR J 26 38.90 -38.68 11.14
CA TYR J 26 37.64 -38.53 10.41
C TYR J 26 37.89 -38.74 8.92
N LEU J 27 39.05 -38.30 8.42
CA LEU J 27 39.39 -38.47 7.01
C LEU J 27 39.56 -39.94 6.63
N SER J 28 40.01 -40.77 7.57
CA SER J 28 40.09 -42.23 7.38
C SER J 28 38.70 -42.84 7.17
N MET J 29 37.74 -42.43 8.00
CA MET J 29 36.35 -42.91 7.90
C MET J 29 35.70 -42.55 6.54
N ALA J 30 36.12 -41.45 5.93
CA ALA J 30 35.68 -41.15 4.58
C ALA J 30 36.07 -42.30 3.66
N SER J 31 37.37 -42.64 3.66
CA SER J 31 37.85 -43.79 2.88
C SER J 31 37.12 -45.10 3.18
N TYR J 32 36.75 -45.30 4.44
CA TYR J 32 35.92 -46.44 4.83
C TYR J 32 34.53 -46.30 4.23
N PHE J 33 33.90 -45.14 4.42
CA PHE J 33 32.51 -44.94 3.97
C PHE J 33 32.41 -44.98 2.45
N ASP J 34 33.46 -44.53 1.78
CA ASP J 34 33.63 -44.81 0.35
C ASP J 34 33.67 -46.32 0.15
N SER J 35 34.55 -47.00 0.87
CA SER J 35 34.74 -48.43 0.70
C SER J 35 33.40 -49.16 0.63
N ILE J 36 32.47 -48.81 1.52
CA ILE J 36 31.11 -49.41 1.54
C ILE J 36 30.00 -48.53 0.95
N GLY J 37 30.38 -47.54 0.15
CA GLY J 37 29.44 -46.84 -0.72
C GLY J 37 28.43 -45.92 -0.06
N LEU J 38 28.80 -45.26 1.04
CA LEU J 38 27.90 -44.29 1.68
C LEU J 38 28.42 -42.84 1.50
N LYS J 39 28.20 -42.30 0.31
CA LYS J 39 28.73 -40.97 -0.09
C LYS J 39 28.27 -39.82 0.82
N GLY J 40 27.11 -39.98 1.44
CA GLY J 40 26.55 -38.96 2.31
C GLY J 40 27.24 -39.02 3.65
N PHE J 41 27.29 -40.20 4.24
CA PHE J 41 28.12 -40.39 5.44
C PHE J 41 29.53 -39.91 5.11
N SER J 42 30.10 -40.41 4.02
CA SER J 42 31.44 -39.99 3.59
C SER J 42 31.61 -38.47 3.63
N ASN J 43 30.72 -37.77 2.91
CA ASN J 43 30.67 -36.30 2.86
C ASN J 43 30.72 -35.65 4.24
N TRP J 44 29.86 -36.12 5.14
CA TRP J 44 29.84 -35.67 6.55
C TRP J 44 31.23 -35.68 7.17
N MET J 45 31.92 -36.82 6.99
CA MET J 45 33.25 -37.02 7.56
C MET J 45 34.24 -36.10 6.89
N ARG J 46 34.09 -35.95 5.57
CA ARG J 46 34.95 -35.04 4.82
C ARG J 46 34.76 -33.59 5.27
N VAL J 47 33.57 -33.25 5.75
CA VAL J 47 33.36 -31.91 6.32
C VAL J 47 33.99 -31.83 7.71
N GLN J 48 33.68 -32.79 8.57
CA GLN J 48 34.22 -32.81 9.95
C GLN J 48 35.74 -32.80 9.94
N TRP J 49 36.33 -33.44 8.94
CA TRP J 49 37.76 -33.33 8.64
C TRP J 49 38.28 -31.89 8.61
N GLN J 50 37.62 -31.02 7.82
CA GLN J 50 38.00 -29.59 7.69
C GLN J 50 37.65 -28.77 8.92
N GLU J 51 36.49 -29.00 9.48
CA GLU J 51 36.06 -28.26 10.67
C GLU J 51 37.00 -28.54 11.84
N GLU J 52 37.38 -29.81 12.05
CA GLU J 52 38.36 -30.14 13.13
C GLU J 52 39.80 -29.77 12.77
N LEU J 53 40.13 -29.75 11.47
CA LEU J 53 41.39 -29.17 11.02
C LEU J 53 41.42 -27.65 11.29
N CYS J 54 40.25 -27.00 11.21
CA CYS J 54 40.15 -25.57 11.42
C CYS J 54 40.22 -25.20 12.90
N HIS J 55 39.78 -26.08 13.79
CA HIS J 55 39.89 -25.83 15.24
C HIS J 55 41.36 -25.72 15.64
N ALA J 56 42.20 -26.51 14.97
CA ALA J 56 43.65 -26.50 15.22
C ALA J 56 44.32 -25.19 14.81
N MET J 57 43.86 -24.57 13.73
CA MET J 57 44.45 -23.31 13.24
C MET J 57 44.06 -22.11 14.11
N LYS J 58 42.86 -22.13 14.67
CA LYS J 58 42.44 -21.14 15.66
C LYS J 58 43.41 -21.10 16.87
N MET J 59 43.76 -22.29 17.36
CA MET J 59 44.71 -22.45 18.45
C MET J 59 46.13 -22.14 18.01
N PHE J 60 46.47 -22.55 16.78
CA PHE J 60 47.77 -22.23 16.17
C PHE J 60 48.04 -20.73 16.16
N ASP J 61 47.03 -19.96 15.73
CA ASP J 61 47.07 -18.50 15.66
C ASP J 61 47.18 -17.85 17.04
N PHE J 62 46.41 -18.39 17.99
CA PHE J 62 46.38 -17.84 19.34
C PHE J 62 47.77 -17.91 19.96
N VAL J 63 48.37 -19.10 19.94
CA VAL J 63 49.72 -19.30 20.49
C VAL J 63 50.73 -18.28 19.94
N SER J 64 50.88 -18.22 18.61
CA SER J 64 51.83 -17.26 18.00
C SER J 64 51.44 -15.77 18.23
N GLU J 65 50.14 -15.50 18.35
CA GLU J 65 49.69 -14.18 18.78
C GLU J 65 50.11 -13.93 20.23
N ARG J 66 49.96 -14.94 21.07
CA ARG J 66 50.42 -14.86 22.48
C ARG J 66 51.95 -14.94 22.62
N GLY J 67 52.66 -15.25 21.54
CA GLY J 67 54.12 -15.11 21.52
C GLY J 67 54.91 -16.39 21.77
N GLY J 68 54.22 -17.52 21.98
CA GLY J 68 54.86 -18.81 22.11
C GLY J 68 55.11 -19.39 20.73
N ARG J 69 55.74 -20.57 20.69
CA ARG J 69 56.16 -21.21 19.44
C ARG J 69 55.56 -22.61 19.28
N ILE J 70 55.02 -22.88 18.08
CA ILE J 70 54.20 -24.06 17.84
C ILE J 70 54.99 -25.18 17.18
N PHE J 71 55.54 -26.06 18.00
CA PHE J 71 56.27 -27.23 17.52
C PHE J 71 55.28 -28.31 17.09
N LEU J 72 55.43 -28.83 15.87
CA LEU J 72 54.55 -29.86 15.35
C LEU J 72 55.18 -31.25 15.48
N GLN J 73 54.63 -32.07 16.39
CA GLN J 73 55.04 -33.47 16.54
C GLN J 73 54.33 -34.32 15.50
N ASP J 74 54.85 -35.54 15.32
CA ASP J 74 54.31 -36.50 14.35
C ASP J 74 52.85 -36.86 14.69
N ILE J 75 52.21 -37.59 13.77
CA ILE J 75 50.78 -37.96 13.90
C ILE J 75 50.58 -39.47 13.70
N LYS J 76 49.85 -40.07 14.65
CA LYS J 76 49.59 -41.52 14.65
C LYS J 76 48.74 -41.98 13.46
N LYS J 77 48.92 -43.24 13.08
CA LYS J 77 48.05 -43.87 12.09
C LYS J 77 46.67 -44.08 12.72
N PRO J 78 45.62 -43.56 12.06
CA PRO J 78 44.25 -43.72 12.56
C PRO J 78 43.68 -45.06 12.17
N ASP J 79 42.74 -45.60 12.96
CA ASP J 79 42.09 -46.88 12.63
C ASP J 79 41.60 -46.78 11.19
N SER J 80 41.72 -47.87 10.44
CA SER J 80 41.29 -47.88 9.04
C SER J 80 39.97 -48.61 8.80
N GLU J 81 39.53 -49.42 9.76
CA GLU J 81 38.37 -50.29 9.58
C GLU J 81 37.45 -50.36 10.78
N TRP J 82 36.16 -50.56 10.51
CA TRP J 82 35.14 -50.61 11.54
C TRP J 82 34.15 -51.68 11.23
N GLU J 83 33.47 -52.19 12.26
CA GLU J 83 32.49 -53.26 12.08
C GLU J 83 31.36 -52.86 11.15
N SER J 84 30.78 -51.68 11.39
CA SER J 84 29.55 -51.22 10.72
C SER J 84 29.50 -49.70 10.65
N PRO J 85 28.50 -49.12 9.95
CA PRO J 85 28.29 -47.67 10.06
C PRO J 85 27.89 -47.19 11.47
N LEU J 86 27.09 -47.97 12.21
CA LEU J 86 26.78 -47.65 13.62
C LEU J 86 28.03 -47.58 14.46
N ALA J 87 28.73 -48.71 14.60
CA ALA J 87 29.94 -48.81 15.41
C ALA J 87 31.03 -47.83 14.97
N ALA J 88 30.90 -47.29 13.75
CA ALA J 88 31.77 -46.23 13.26
C ALA J 88 31.52 -44.89 13.93
N PHE J 89 30.28 -44.63 14.31
CA PHE J 89 29.91 -43.38 14.99
C PHE J 89 29.98 -43.48 16.50
N GLU J 90 29.88 -44.68 17.04
CA GLU J 90 30.12 -44.91 18.45
C GLU J 90 31.56 -44.56 18.77
N HIS J 91 32.45 -44.79 17.80
CA HIS J 91 33.85 -44.38 17.90
C HIS J 91 33.99 -42.86 17.88
N VAL J 92 33.16 -42.19 17.08
CA VAL J 92 33.17 -40.72 17.01
C VAL J 92 32.67 -40.07 18.30
N TYR J 93 31.58 -40.59 18.86
CA TYR J 93 31.05 -40.07 20.13
C TYR J 93 32.07 -40.26 21.25
N GLU J 94 32.45 -41.51 21.51
CA GLU J 94 33.52 -41.80 22.46
C GLU J 94 34.62 -40.75 22.30
N HIS J 95 35.12 -40.61 21.08
CA HIS J 95 36.30 -39.80 20.81
C HIS J 95 36.12 -38.36 21.18
N GLU J 96 35.02 -37.75 20.76
CA GLU J 96 34.81 -36.32 21.04
C GLU J 96 34.56 -36.09 22.54
N VAL J 97 33.90 -37.05 23.21
CA VAL J 97 33.80 -37.03 24.67
C VAL J 97 35.19 -36.90 25.32
N ASN J 98 36.14 -37.70 24.84
CA ASN J 98 37.51 -37.66 25.34
C ASN J 98 38.26 -36.38 24.96
N VAL J 99 37.95 -35.85 23.79
CA VAL J 99 38.42 -34.51 23.42
C VAL J 99 37.84 -33.48 24.38
N THR J 100 36.54 -33.60 24.67
CA THR J 100 35.83 -32.64 25.52
C THR J 100 36.40 -32.62 26.94
N LYS J 101 36.67 -33.80 27.48
CA LYS J 101 37.34 -33.93 28.76
C LYS J 101 38.76 -33.35 28.72
N ARG J 102 39.42 -33.52 27.58
CA ARG J 102 40.75 -32.97 27.35
C ARG J 102 40.71 -31.44 27.34
N ILE J 103 39.65 -30.87 26.82
CA ILE J 103 39.46 -29.41 26.87
C ILE J 103 39.26 -28.95 28.31
N HIS J 104 38.28 -29.54 29.00
CA HIS J 104 37.95 -29.16 30.38
C HIS J 104 39.16 -29.17 31.33
N GLU J 105 40.24 -29.84 30.92
CA GLU J 105 41.50 -29.82 31.66
C GLU J 105 42.29 -28.56 31.40
N LEU J 106 42.49 -28.22 30.12
CA LEU J 106 43.12 -26.97 29.72
C LEU J 106 42.38 -25.75 30.29
N VAL J 107 41.06 -25.86 30.41
CA VAL J 107 40.26 -24.82 31.05
C VAL J 107 40.69 -24.68 32.50
N GLU J 108 40.76 -25.82 33.21
CA GLU J 108 41.20 -25.82 34.61
C GLU J 108 42.64 -25.32 34.81
N MET J 109 43.50 -25.49 33.81
CA MET J 109 44.89 -25.02 33.90
C MET J 109 44.95 -23.49 33.91
N ALA J 110 44.25 -22.86 32.98
CA ALA J 110 44.16 -21.40 32.91
C ALA J 110 43.60 -20.79 34.21
N MET J 111 42.65 -21.46 34.85
CA MET J 111 42.07 -21.01 36.13
C MET J 111 43.09 -21.04 37.28
N GLN J 112 44.03 -21.99 37.23
CA GLN J 112 45.10 -22.13 38.24
C GLN J 112 46.28 -21.16 38.02
N GLU J 113 46.68 -20.96 36.77
CA GLU J 113 47.73 -19.99 36.42
C GLU J 113 47.16 -18.56 36.25
N LYS J 114 45.85 -18.41 36.45
CA LYS J 114 45.15 -17.12 36.36
C LYS J 114 45.37 -16.42 35.02
N ASP J 115 45.45 -17.25 33.97
CA ASP J 115 45.59 -16.81 32.60
C ASP J 115 44.18 -16.56 32.12
N PHE J 116 43.66 -15.39 32.45
CA PHE J 116 42.28 -15.05 32.11
C PHE J 116 42.12 -14.92 30.61
N ALA J 117 43.18 -14.53 29.92
CA ALA J 117 43.17 -14.49 28.46
C ALA J 117 42.80 -15.84 27.88
N THR J 118 43.45 -16.90 28.37
CA THR J 118 43.28 -18.23 27.79
C THR J 118 41.96 -18.92 28.19
N TYR J 119 41.56 -18.75 29.45
CA TYR J 119 40.26 -19.22 29.93
C TYR J 119 39.19 -18.69 28.99
N ASN J 120 39.33 -17.42 28.66
CA ASN J 120 38.40 -16.71 27.79
C ASN J 120 38.42 -17.29 26.38
N PHE J 121 39.61 -17.51 25.85
CA PHE J 121 39.77 -18.09 24.51
C PHE J 121 39.19 -19.51 24.40
N LEU J 122 39.28 -20.27 25.49
CA LEU J 122 38.84 -21.67 25.49
C LEU J 122 37.32 -21.87 25.58
N GLN J 123 36.58 -20.86 26.04
CA GLN J 123 35.13 -20.99 26.14
C GLN J 123 34.51 -21.38 24.80
N TRP J 124 35.09 -20.89 23.71
CA TRP J 124 34.59 -21.24 22.36
C TRP J 124 34.59 -22.74 22.14
N TYR J 125 35.62 -23.42 22.65
CA TYR J 125 35.74 -24.88 22.48
C TYR J 125 34.74 -25.57 23.42
N VAL J 126 34.73 -25.16 24.68
CA VAL J 126 33.69 -25.62 25.63
C VAL J 126 32.29 -25.59 25.02
N ALA J 127 31.94 -24.50 24.34
CA ALA J 127 30.61 -24.33 23.74
C ALA J 127 30.43 -25.24 22.53
N GLU J 128 31.45 -25.25 21.66
CA GLU J 128 31.47 -26.04 20.43
C GLU J 128 31.25 -27.52 20.72
N GLN J 129 32.09 -28.06 21.59
CA GLN J 129 32.08 -29.50 21.93
C GLN J 129 30.72 -30.03 22.37
N VAL J 130 29.85 -29.11 22.80
CA VAL J 130 28.46 -29.42 23.14
C VAL J 130 27.70 -29.83 21.88
N GLU J 131 28.04 -29.25 20.73
CA GLU J 131 27.42 -29.61 19.44
C GLU J 131 28.01 -30.90 18.83
N GLU J 132 29.29 -31.17 19.09
CA GLU J 132 29.96 -32.32 18.50
C GLU J 132 29.37 -33.58 19.11
N GLU J 133 29.25 -33.56 20.43
CA GLU J 133 28.65 -34.64 21.21
C GLU J 133 27.15 -34.83 20.94
N ALA J 134 26.43 -33.73 20.72
CA ALA J 134 25.01 -33.80 20.43
C ALA J 134 24.78 -34.31 19.02
N SER J 135 25.42 -33.65 18.05
CA SER J 135 25.41 -34.04 16.62
C SER J 135 25.75 -35.50 16.41
N ALA J 136 26.79 -35.96 17.10
CA ALA J 136 27.26 -37.34 16.99
C ALA J 136 26.25 -38.29 17.60
N LEU J 137 25.96 -38.05 18.88
CA LEU J 137 25.02 -38.88 19.65
C LEU J 137 23.69 -39.06 18.92
N ASP J 138 23.23 -38.01 18.24
CA ASP J 138 21.95 -38.06 17.51
C ASP J 138 22.05 -38.97 16.29
N ILE J 139 23.24 -39.02 15.69
CA ILE J 139 23.46 -39.95 14.60
C ILE J 139 23.57 -41.38 15.13
N VAL J 140 24.26 -41.53 16.27
CA VAL J 140 24.42 -42.85 16.89
C VAL J 140 23.06 -43.42 17.31
N GLU J 141 22.24 -42.63 17.97
CA GLU J 141 20.92 -43.07 18.45
C GLU J 141 20.00 -43.43 17.29
N LYS J 142 20.06 -42.67 16.21
CA LYS J 142 19.24 -42.97 15.06
C LYS J 142 19.69 -44.21 14.34
N LEU J 143 20.98 -44.52 14.39
CA LEU J 143 21.48 -45.76 13.77
C LEU J 143 21.05 -47.04 14.49
N ARG J 144 20.98 -47.00 15.83
CA ARG J 144 20.44 -48.11 16.62
C ARG J 144 18.95 -48.29 16.34
N LEU J 145 18.24 -47.18 16.20
CA LEU J 145 16.83 -47.22 15.82
C LEU J 145 16.65 -47.89 14.46
N ILE J 146 17.58 -47.61 13.56
CA ILE J 146 17.58 -48.15 12.21
C ILE J 146 18.05 -49.62 12.17
N GLY J 147 19.19 -49.92 12.78
CA GLY J 147 19.70 -51.30 12.84
C GLY J 147 20.02 -51.94 11.50
N GLU J 148 19.28 -53.00 11.14
CA GLU J 148 19.50 -53.75 9.90
C GLU J 148 18.52 -53.44 8.77
N ASP J 149 17.91 -52.26 8.79
CA ASP J 149 17.06 -51.81 7.68
C ASP J 149 17.88 -50.90 6.79
N LYS J 150 18.37 -51.44 5.68
CA LYS J 150 19.26 -50.70 4.81
C LYS J 150 18.55 -49.56 4.07
N ARG J 151 17.26 -49.72 3.81
CA ARG J 151 16.51 -48.65 3.16
C ARG J 151 16.46 -47.39 4.03
N ALA J 152 16.59 -47.56 5.35
CA ALA J 152 16.70 -46.42 6.30
C ALA J 152 18.12 -45.88 6.34
N LEU J 153 19.09 -46.78 6.49
CA LEU J 153 20.50 -46.43 6.41
C LEU J 153 20.79 -45.64 5.14
N LEU J 154 20.05 -45.94 4.08
CA LEU J 154 20.15 -45.20 2.83
C LEU J 154 19.36 -43.92 2.86
N PHE J 155 18.19 -43.93 3.49
CA PHE J 155 17.41 -42.71 3.69
C PHE J 155 18.23 -41.73 4.51
N LEU J 156 18.82 -42.25 5.59
CA LEU J 156 19.64 -41.45 6.48
C LEU J 156 20.85 -40.91 5.72
N ASP J 157 21.57 -41.81 5.04
CA ASP J 157 22.76 -41.43 4.26
C ASP J 157 22.56 -40.13 3.51
N LYS J 158 21.42 -39.99 2.83
CA LYS J 158 21.17 -38.80 1.98
C LYS J 158 21.12 -37.47 2.75
N GLU J 159 20.67 -37.54 4.00
CA GLU J 159 20.67 -36.37 4.87
C GLU J 159 22.09 -35.81 5.12
N LEU J 160 23.02 -36.70 5.47
CA LEU J 160 24.41 -36.30 5.80
C LEU J 160 25.19 -35.86 4.55
N SER J 161 24.62 -36.09 3.37
CA SER J 161 25.15 -35.57 2.14
C SER J 161 24.78 -34.09 1.93
N LEU J 162 24.02 -33.50 2.85
CA LEU J 162 23.66 -32.08 2.76
C LEU J 162 24.57 -31.16 3.59
N ARG J 163 25.21 -31.70 4.63
CA ARG J 163 26.16 -30.93 5.42
C ARG J 163 27.11 -30.19 4.48
N GLN J 164 27.53 -28.98 4.86
CA GLN J 164 28.29 -28.11 3.93
C GLN J 164 29.59 -27.44 4.37
N PHE J 165 29.76 -27.13 5.65
CA PHE J 165 30.83 -26.19 6.05
C PHE J 165 32.24 -26.75 5.83
N SER K 3 22.82 -4.12 43.73
CA SER K 3 23.36 -5.27 42.92
C SER K 3 24.83 -4.99 42.55
N ILE K 4 25.08 -3.90 41.82
CA ILE K 4 26.45 -3.41 41.65
C ILE K 4 26.89 -2.81 42.98
N SER K 5 27.98 -3.34 43.54
CA SER K 5 28.48 -2.88 44.82
C SER K 5 28.97 -1.44 44.73
N GLU K 6 29.44 -0.91 45.86
CA GLU K 6 30.06 0.40 45.87
C GLU K 6 31.50 0.32 45.34
N LYS K 7 32.21 -0.75 45.68
CA LYS K 7 33.63 -0.88 45.35
C LYS K 7 33.91 -1.08 43.86
N MET K 8 32.95 -1.67 43.12
CA MET K 8 33.09 -1.82 41.67
C MET K 8 33.05 -0.46 40.98
N VAL K 9 32.05 0.34 41.36
CA VAL K 9 31.90 1.71 40.83
C VAL K 9 33.24 2.44 40.97
N GLU K 10 33.84 2.35 42.16
CA GLU K 10 35.13 2.99 42.46
C GLU K 10 36.25 2.49 41.54
N ALA K 11 36.37 1.17 41.45
CA ALA K 11 37.44 0.54 40.68
C ALA K 11 37.27 0.71 39.16
N LEU K 12 36.01 0.77 38.72
CA LEU K 12 35.70 0.98 37.31
C LEU K 12 35.96 2.42 36.88
N ASN K 13 35.40 3.38 37.64
CA ASN K 13 35.65 4.81 37.38
C ASN K 13 37.13 5.15 37.24
N ARG K 14 37.97 4.48 38.02
CA ARG K 14 39.42 4.58 37.86
C ARG K 14 39.88 4.08 36.50
N GLN K 15 39.34 2.94 36.08
CA GLN K 15 39.70 2.33 34.79
C GLN K 15 39.08 3.06 33.59
N ILE K 16 37.91 3.67 33.73
CA ILE K 16 37.45 4.63 32.71
C ILE K 16 38.52 5.71 32.56
N ASN K 17 39.00 6.22 33.69
CA ASN K 17 40.02 7.25 33.68
C ASN K 17 41.42 6.78 33.25
N ALA K 18 41.76 5.53 33.56
CA ALA K 18 43.01 4.94 33.07
C ALA K 18 43.01 4.85 31.54
N GLU K 19 41.87 4.46 30.94
CA GLU K 19 41.77 4.30 29.48
C GLU K 19 41.81 5.65 28.77
N ILE K 20 41.23 6.66 29.42
CA ILE K 20 41.25 8.03 28.90
C ILE K 20 42.65 8.63 28.95
N TYR K 21 43.40 8.34 30.02
CA TYR K 21 44.80 8.72 30.08
C TYR K 21 45.55 8.05 28.94
N SER K 22 45.36 6.73 28.83
CA SER K 22 45.95 5.96 27.75
C SER K 22 45.83 6.75 26.45
N ALA K 23 44.60 7.12 26.09
CA ALA K 23 44.32 7.83 24.86
C ALA K 23 45.09 9.13 24.81
N TYR K 24 44.99 9.93 25.87
CA TYR K 24 45.73 11.18 25.95
C TYR K 24 47.23 10.92 25.72
N LEU K 25 47.75 9.85 26.31
CA LEU K 25 49.16 9.45 26.09
C LEU K 25 49.46 9.17 24.63
N TYR K 26 48.59 8.40 23.95
CA TYR K 26 48.80 8.07 22.53
C TYR K 26 48.72 9.29 21.61
N LEU K 27 47.90 10.28 21.99
CA LEU K 27 47.86 11.55 21.27
C LEU K 27 49.21 12.25 21.41
N SER K 28 49.79 12.18 22.60
CA SER K 28 51.10 12.77 22.87
C SER K 28 52.24 12.04 22.14
N MET K 29 51.94 10.87 21.58
CA MET K 29 52.85 10.18 20.65
C MET K 29 52.53 10.50 19.18
N ALA K 30 51.29 10.91 18.91
CA ALA K 30 50.93 11.47 17.59
C ALA K 30 51.64 12.80 17.37
N SER K 31 51.65 13.62 18.41
CA SER K 31 52.38 14.87 18.38
C SER K 31 53.87 14.62 18.16
N TYR K 32 54.42 13.59 18.80
CA TYR K 32 55.84 13.27 18.70
C TYR K 32 56.25 12.90 17.26
N PHE K 33 55.49 11.98 16.66
CA PHE K 33 55.82 11.47 15.33
C PHE K 33 55.55 12.48 14.20
N ASP K 34 54.79 13.53 14.49
CA ASP K 34 54.66 14.71 13.61
C ASP K 34 55.99 15.46 13.49
N SER K 35 56.52 15.86 14.64
CA SER K 35 57.69 16.74 14.72
C SER K 35 58.94 16.17 14.04
N ILE K 36 59.06 14.84 14.00
CA ILE K 36 60.16 14.18 13.27
C ILE K 36 59.75 13.74 11.85
N GLY K 37 58.51 14.06 11.47
CA GLY K 37 58.05 13.92 10.09
C GLY K 37 57.77 12.49 9.69
N LEU K 38 57.07 11.75 10.55
CA LEU K 38 56.64 10.38 10.25
C LEU K 38 55.10 10.28 10.30
N LYS K 39 54.48 10.41 9.12
CA LYS K 39 53.02 10.58 9.00
C LYS K 39 52.26 9.25 9.10
N GLY K 40 53.00 8.14 9.09
CA GLY K 40 52.42 6.80 9.26
C GLY K 40 52.52 6.29 10.69
N PHE K 41 53.55 6.72 11.41
CA PHE K 41 53.65 6.45 12.84
C PHE K 41 52.72 7.39 13.60
N SER K 42 52.55 8.60 13.08
CA SER K 42 51.64 9.58 13.67
C SER K 42 50.21 9.15 13.54
N ASN K 43 49.84 8.75 12.32
CA ASN K 43 48.52 8.22 11.99
C ASN K 43 48.09 7.13 12.95
N TRP K 44 48.92 6.10 13.04
CA TRP K 44 48.65 4.93 13.86
C TRP K 44 48.14 5.36 15.23
N MET K 45 48.96 6.19 15.86
CA MET K 45 48.71 6.68 17.21
C MET K 45 47.42 7.47 17.27
N ARG K 46 47.12 8.23 16.21
CA ARG K 46 45.82 8.93 16.10
C ARG K 46 44.65 7.94 16.03
N VAL K 47 44.83 6.82 15.33
CA VAL K 47 43.80 5.78 15.31
C VAL K 47 43.78 5.04 16.64
N GLN K 48 44.95 4.84 17.25
CA GLN K 48 45.01 4.27 18.60
C GLN K 48 44.38 5.22 19.62
N TRP K 49 44.53 6.51 19.38
CA TRP K 49 43.90 7.55 20.19
C TRP K 49 42.38 7.43 20.16
N GLN K 50 41.83 7.17 18.99
CA GLN K 50 40.38 7.00 18.82
C GLN K 50 39.86 5.71 19.47
N GLU K 51 40.72 4.70 19.55
CA GLU K 51 40.34 3.35 20.00
C GLU K 51 40.36 3.18 21.51
N GLU K 52 41.43 3.63 22.16
CA GLU K 52 41.50 3.51 23.62
C GLU K 52 40.54 4.50 24.25
N LEU K 53 40.12 5.50 23.47
CA LEU K 53 39.03 6.38 23.87
C LEU K 53 37.69 5.67 23.73
N CYS K 54 37.54 4.90 22.65
CA CYS K 54 36.33 4.09 22.46
C CYS K 54 36.05 3.27 23.71
N HIS K 55 37.07 2.56 24.18
CA HIS K 55 36.94 1.68 25.35
C HIS K 55 36.23 2.36 26.49
N ALA K 56 36.66 3.59 26.76
CA ALA K 56 36.18 4.34 27.91
C ALA K 56 34.68 4.62 27.85
N MET K 57 34.13 4.83 26.65
CA MET K 57 32.68 4.99 26.49
C MET K 57 31.92 3.64 26.55
N LYS K 58 32.61 2.54 26.22
CA LYS K 58 32.01 1.21 26.37
C LYS K 58 31.86 0.88 27.84
N MET K 59 32.87 1.23 28.63
CA MET K 59 32.83 1.09 30.07
C MET K 59 31.88 2.10 30.74
N PHE K 60 31.96 3.37 30.30
CA PHE K 60 31.07 4.45 30.72
C PHE K 60 29.60 4.05 30.61
N ASP K 61 29.23 3.51 29.45
CA ASP K 61 27.85 3.10 29.21
C ASP K 61 27.42 1.92 30.08
N PHE K 62 28.36 1.04 30.43
CA PHE K 62 28.07 -0.09 31.33
C PHE K 62 27.60 0.38 32.69
N VAL K 63 28.44 1.18 33.36
CA VAL K 63 28.14 1.67 34.72
C VAL K 63 26.74 2.29 34.81
N SER K 64 26.46 3.25 33.92
CA SER K 64 25.15 3.90 33.87
C SER K 64 23.99 2.94 33.56
N GLU K 65 24.29 1.79 32.96
CA GLU K 65 23.29 0.72 32.72
C GLU K 65 23.14 -0.16 33.96
N ARG K 66 24.20 -0.19 34.78
CA ARG K 66 24.15 -0.83 36.11
C ARG K 66 23.64 0.14 37.20
N GLY K 67 23.33 1.38 36.83
CA GLY K 67 22.69 2.33 37.75
C GLY K 67 23.63 3.20 38.56
N GLY K 68 24.94 2.97 38.45
CA GLY K 68 25.95 3.77 39.15
C GLY K 68 26.21 5.11 38.49
N ARG K 69 27.10 5.90 39.09
CA ARG K 69 27.44 7.23 38.60
C ARG K 69 28.91 7.32 38.24
N ILE K 70 29.19 8.18 37.26
CA ILE K 70 30.54 8.40 36.76
C ILE K 70 30.95 9.81 37.10
N PHE K 71 32.02 9.93 37.88
CA PHE K 71 32.65 11.23 38.15
C PHE K 71 34.00 11.22 37.47
N LEU K 72 34.30 12.29 36.73
CA LEU K 72 35.49 12.32 35.88
C LEU K 72 36.64 13.02 36.60
N GLN K 73 37.75 12.32 36.75
CA GLN K 73 38.93 12.89 37.42
C GLN K 73 39.92 13.48 36.44
N ASP K 74 40.78 14.36 36.96
CA ASP K 74 41.71 15.11 36.15
C ASP K 74 42.69 14.17 35.41
N ILE K 75 43.10 14.57 34.22
CA ILE K 75 44.02 13.79 33.40
C ILE K 75 45.44 14.31 33.59
N LYS K 76 46.34 13.43 33.96
CA LYS K 76 47.76 13.78 34.12
C LYS K 76 48.37 14.16 32.77
N LYS K 77 49.40 15.01 32.82
CA LYS K 77 50.17 15.33 31.63
C LYS K 77 50.98 14.09 31.26
N PRO K 78 50.97 13.70 29.98
CA PRO K 78 51.85 12.65 29.49
C PRO K 78 53.21 13.20 29.10
N ASP K 79 54.26 12.39 29.24
CA ASP K 79 55.61 12.81 28.81
C ASP K 79 55.68 12.97 27.29
N SER K 80 56.14 14.15 26.86
CA SER K 80 56.00 14.59 25.47
C SER K 80 57.17 14.24 24.55
N GLU K 81 58.21 13.61 25.09
CA GLU K 81 59.44 13.37 24.31
C GLU K 81 59.95 11.95 24.48
N TRP K 82 60.59 11.44 23.42
CA TRP K 82 61.16 10.09 23.40
C TRP K 82 62.49 10.06 22.68
N GLU K 83 63.27 9.02 22.98
CA GLU K 83 64.61 8.88 22.41
C GLU K 83 64.57 8.51 20.92
N SER K 84 63.60 7.71 20.51
CA SER K 84 63.56 7.21 19.12
C SER K 84 62.15 6.80 18.68
N PRO K 85 62.01 6.28 17.45
CA PRO K 85 60.80 5.52 17.13
C PRO K 85 60.73 4.20 17.92
N LEU K 86 61.88 3.54 18.08
CA LEU K 86 61.95 2.28 18.83
C LEU K 86 61.61 2.45 20.32
N ALA K 87 62.11 3.52 20.92
CA ALA K 87 61.87 3.82 22.33
C ALA K 87 60.40 4.15 22.61
N ALA K 88 59.75 4.80 21.63
CA ALA K 88 58.35 5.22 21.78
C ALA K 88 57.35 4.06 21.77
N PHE K 89 57.70 2.96 21.10
CA PHE K 89 56.84 1.76 21.05
C PHE K 89 57.12 0.77 22.19
N GLU K 90 58.31 0.83 22.78
CA GLU K 90 58.60 0.07 24.00
C GLU K 90 57.81 0.66 25.18
N HIS K 91 57.63 1.98 25.17
CA HIS K 91 56.75 2.65 26.14
C HIS K 91 55.27 2.31 25.90
N VAL K 92 54.89 2.05 24.65
CA VAL K 92 53.53 1.58 24.35
C VAL K 92 53.31 0.17 24.90
N TYR K 93 54.23 -0.73 24.57
CA TYR K 93 54.17 -2.11 25.04
C TYR K 93 53.92 -2.16 26.55
N GLU K 94 54.85 -1.59 27.32
CA GLU K 94 54.80 -1.64 28.79
C GLU K 94 53.51 -1.03 29.36
N HIS K 95 52.99 0.01 28.72
CA HIS K 95 51.79 0.69 29.21
C HIS K 95 50.52 -0.14 29.04
N GLU K 96 50.41 -0.86 27.92
CA GLU K 96 49.29 -1.77 27.72
C GLU K 96 49.41 -3.02 28.62
N VAL K 97 50.64 -3.52 28.83
CA VAL K 97 50.86 -4.65 29.76
C VAL K 97 50.37 -4.28 31.17
N ASN K 98 50.66 -3.05 31.59
CA ASN K 98 50.15 -2.54 32.87
C ASN K 98 48.62 -2.52 32.87
N VAL K 99 48.03 -1.88 31.87
CA VAL K 99 46.57 -1.82 31.71
C VAL K 99 45.95 -3.23 31.58
N THR K 100 46.69 -4.18 31.01
CA THR K 100 46.24 -5.57 30.91
C THR K 100 46.12 -6.19 32.30
N LYS K 101 47.18 -6.05 33.08
CA LYS K 101 47.19 -6.50 34.46
C LYS K 101 46.07 -5.77 35.21
N ARG K 102 46.05 -4.46 35.08
CA ARG K 102 45.01 -3.60 35.68
C ARG K 102 43.58 -4.07 35.32
N ILE K 103 43.41 -4.59 34.11
CA ILE K 103 42.16 -5.23 33.71
C ILE K 103 41.98 -6.52 34.49
N HIS K 104 42.98 -7.40 34.40
CA HIS K 104 42.96 -8.68 35.11
C HIS K 104 42.59 -8.52 36.60
N GLU K 105 43.06 -7.44 37.22
CA GLU K 105 42.73 -7.21 38.63
C GLU K 105 41.23 -7.07 38.83
N LEU K 106 40.59 -6.24 37.99
CA LEU K 106 39.14 -6.00 38.10
C LEU K 106 38.34 -7.28 37.94
N VAL K 107 38.85 -8.21 37.13
CA VAL K 107 38.21 -9.52 36.96
C VAL K 107 38.24 -10.33 38.28
N GLU K 108 39.41 -10.37 38.93
CA GLU K 108 39.53 -11.06 40.22
C GLU K 108 38.58 -10.42 41.23
N MET K 109 38.62 -9.09 41.29
CA MET K 109 37.72 -8.31 42.14
C MET K 109 36.27 -8.70 41.86
N ALA K 110 35.90 -8.76 40.58
CA ALA K 110 34.55 -9.12 40.15
C ALA K 110 34.09 -10.48 40.70
N MET K 111 35.01 -11.44 40.74
CA MET K 111 34.68 -12.80 41.18
C MET K 111 34.35 -12.83 42.67
N GLN K 112 35.22 -12.27 43.49
CA GLN K 112 35.05 -12.30 44.96
C GLN K 112 33.75 -11.62 45.45
N GLU K 113 33.28 -10.61 44.72
CA GLU K 113 32.02 -9.95 45.04
C GLU K 113 30.81 -10.60 44.36
N LYS K 114 31.06 -11.54 43.45
CA LYS K 114 30.02 -12.26 42.69
C LYS K 114 29.11 -11.30 41.89
N ASP K 115 29.77 -10.43 41.14
CA ASP K 115 29.09 -9.61 40.14
C ASP K 115 29.43 -10.22 38.77
N PHE K 116 28.63 -11.21 38.38
CA PHE K 116 28.88 -11.96 37.16
C PHE K 116 28.60 -11.13 35.91
N ALA K 117 27.77 -10.10 36.06
CA ALA K 117 27.55 -9.15 34.99
C ALA K 117 28.86 -8.48 34.59
N THR K 118 29.56 -7.95 35.59
CA THR K 118 30.81 -7.20 35.38
C THR K 118 31.96 -8.13 35.00
N TYR K 119 31.98 -9.32 35.58
CA TYR K 119 32.94 -10.33 35.20
C TYR K 119 32.77 -10.69 33.74
N ASN K 120 31.52 -10.98 33.37
CA ASN K 120 31.18 -11.31 32.00
C ASN K 120 31.42 -10.14 31.06
N PHE K 121 30.95 -8.96 31.46
CA PHE K 121 31.12 -7.74 30.67
C PHE K 121 32.59 -7.47 30.35
N LEU K 122 33.46 -7.72 31.32
CA LEU K 122 34.88 -7.40 31.19
C LEU K 122 35.60 -8.27 30.15
N GLN K 123 35.20 -9.53 30.07
CA GLN K 123 35.88 -10.50 29.21
C GLN K 123 36.32 -9.91 27.87
N TRP K 124 35.44 -9.12 27.26
CA TRP K 124 35.75 -8.34 26.05
C TRP K 124 37.13 -7.68 26.12
N TYR K 125 37.45 -7.08 27.27
CA TYR K 125 38.73 -6.38 27.45
C TYR K 125 39.90 -7.36 27.60
N VAL K 126 39.71 -8.39 28.42
CA VAL K 126 40.70 -9.43 28.60
C VAL K 126 41.20 -9.92 27.24
N ALA K 127 40.25 -10.20 26.35
CA ALA K 127 40.54 -10.64 24.97
C ALA K 127 41.28 -9.56 24.15
N GLU K 128 40.69 -8.36 24.10
CA GLU K 128 41.25 -7.19 23.40
C GLU K 128 42.72 -6.96 23.75
N GLN K 129 43.08 -7.16 25.01
CA GLN K 129 44.45 -6.94 25.48
C GLN K 129 45.45 -7.90 24.84
N VAL K 130 44.99 -9.08 24.44
CA VAL K 130 45.84 -10.00 23.69
C VAL K 130 46.26 -9.34 22.38
N GLU K 131 45.32 -8.69 21.70
CA GLU K 131 45.62 -7.96 20.47
C GLU K 131 46.47 -6.70 20.73
N GLU K 132 46.13 -5.94 21.76
CA GLU K 132 46.86 -4.70 22.07
C GLU K 132 48.31 -4.97 22.44
N GLU K 133 48.54 -5.95 23.31
CA GLU K 133 49.91 -6.34 23.70
C GLU K 133 50.69 -6.77 22.48
N ALA K 134 50.08 -7.65 21.69
CA ALA K 134 50.73 -8.30 20.56
C ALA K 134 50.81 -7.47 19.29
N SER K 135 49.95 -6.46 19.14
CA SER K 135 50.05 -5.52 18.01
C SER K 135 51.27 -4.65 18.19
N ALA K 136 51.40 -4.09 19.38
CA ALA K 136 52.56 -3.26 19.73
C ALA K 136 53.86 -4.08 19.74
N LEU K 137 53.82 -5.27 20.33
CA LEU K 137 55.01 -6.12 20.42
C LEU K 137 55.54 -6.59 19.05
N ASP K 138 54.65 -6.75 18.07
CA ASP K 138 55.05 -7.06 16.69
C ASP K 138 55.91 -5.91 16.18
N ILE K 139 55.40 -4.70 16.36
CA ILE K 139 56.03 -3.47 15.88
C ILE K 139 57.33 -3.23 16.64
N VAL K 140 57.30 -3.33 17.96
CA VAL K 140 58.49 -3.19 18.80
C VAL K 140 59.65 -4.04 18.29
N GLU K 141 59.39 -5.33 18.07
CA GLU K 141 60.37 -6.26 17.55
C GLU K 141 60.82 -5.86 16.13
N LYS K 142 59.89 -5.36 15.33
CA LYS K 142 60.15 -5.05 13.90
C LYS K 142 61.13 -3.89 13.73
N LEU K 143 61.11 -2.94 14.66
CA LEU K 143 62.06 -1.84 14.67
C LEU K 143 63.45 -2.33 15.02
N ARG K 144 63.53 -3.26 15.97
CA ARG K 144 64.82 -3.86 16.40
C ARG K 144 65.50 -4.63 15.28
N LEU K 145 64.70 -5.21 14.39
CA LEU K 145 65.20 -5.91 13.21
C LEU K 145 65.82 -4.90 12.24
N ILE K 146 65.03 -3.89 11.89
CA ILE K 146 65.53 -2.78 11.10
C ILE K 146 66.78 -2.25 11.77
N GLY K 147 66.63 -1.91 13.05
CA GLY K 147 67.72 -1.37 13.86
C GLY K 147 67.99 0.06 13.51
N GLU K 148 68.55 0.27 12.32
CA GLU K 148 69.04 1.58 11.90
C GLU K 148 68.35 2.15 10.66
N ASP K 149 68.73 1.68 9.48
CA ASP K 149 68.52 2.48 8.28
C ASP K 149 67.07 2.77 7.97
N LYS K 150 66.78 4.06 7.84
CA LYS K 150 65.41 4.58 7.81
C LYS K 150 64.68 4.12 6.54
N ARG K 151 65.44 3.70 5.53
CA ARG K 151 64.89 3.06 4.34
C ARG K 151 63.84 2.00 4.70
N ALA K 152 64.17 1.18 5.70
CA ALA K 152 63.22 0.20 6.22
C ALA K 152 62.23 0.84 7.18
N LEU K 153 62.67 1.89 7.88
CA LEU K 153 61.78 2.67 8.73
C LEU K 153 60.67 3.36 7.93
N LEU K 154 61.00 3.86 6.74
CA LEU K 154 60.03 4.59 5.88
C LEU K 154 59.10 3.63 5.14
N PHE K 155 59.60 2.41 4.90
CA PHE K 155 58.77 1.31 4.43
C PHE K 155 57.76 0.98 5.52
N LEU K 156 58.27 0.78 6.73
CA LEU K 156 57.43 0.48 7.88
C LEU K 156 56.49 1.64 8.19
N ASP K 157 56.91 2.87 7.88
CA ASP K 157 56.09 4.08 8.10
C ASP K 157 54.86 4.12 7.20
N LYS K 158 55.09 4.00 5.90
CA LYS K 158 54.00 3.98 4.93
C LYS K 158 53.08 2.80 5.19
N GLU K 159 53.67 1.70 5.65
CA GLU K 159 52.90 0.52 6.05
C GLU K 159 51.91 0.87 7.16
N LEU K 160 52.39 1.56 8.20
CA LEU K 160 51.54 1.98 9.31
C LEU K 160 50.59 3.14 9.02
N SER K 161 50.67 3.73 7.82
CA SER K 161 49.79 4.85 7.45
C SER K 161 48.46 4.37 6.86
N LEU K 162 48.22 3.06 6.91
CA LEU K 162 47.02 2.45 6.33
C LEU K 162 46.01 2.01 7.40
N ARG K 163 46.34 2.25 8.67
CA ARG K 163 45.45 1.84 9.76
C ARG K 163 44.24 2.76 9.82
N GLN K 164 43.09 2.18 10.13
CA GLN K 164 41.82 2.89 10.09
C GLN K 164 40.95 2.55 11.30
N PHE K 165 39.99 3.42 11.62
CA PHE K 165 39.10 3.18 12.75
C PHE K 165 37.73 2.65 12.29
N THR K 166 37.16 1.70 13.06
CA THR K 166 35.81 1.15 12.80
C THR K 166 34.71 2.23 12.70
N SER L 3 57.13 30.31 8.33
CA SER L 3 57.60 31.41 9.21
C SER L 3 56.63 31.79 10.35
N ILE L 4 55.94 30.81 10.92
CA ILE L 4 54.97 31.05 12.01
C ILE L 4 55.66 31.52 13.31
N SER L 5 55.08 32.52 13.98
CA SER L 5 55.68 33.10 15.20
C SER L 5 55.49 32.19 16.43
N GLU L 6 56.41 32.32 17.40
CA GLU L 6 56.41 31.50 18.61
C GLU L 6 55.24 31.80 19.55
N LYS L 7 54.83 33.05 19.59
CA LYS L 7 53.71 33.43 20.46
C LYS L 7 52.40 32.85 19.98
N MET L 8 52.27 32.65 18.66
CA MET L 8 51.11 31.97 18.09
C MET L 8 51.08 30.50 18.47
N VAL L 9 52.21 29.83 18.29
CA VAL L 9 52.34 28.41 18.62
C VAL L 9 51.91 28.16 20.07
N GLU L 10 52.31 29.06 20.97
CA GLU L 10 51.90 28.99 22.38
C GLU L 10 50.40 29.26 22.53
N ALA L 11 49.95 30.37 21.94
CA ALA L 11 48.56 30.85 22.10
C ALA L 11 47.51 29.84 21.65
N LEU L 12 47.86 29.05 20.63
CA LEU L 12 46.97 28.01 20.13
C LEU L 12 46.88 26.81 21.08
N ASN L 13 48.01 26.39 21.64
CA ASN L 13 48.04 25.23 22.54
C ASN L 13 47.21 25.40 23.80
N ARG L 14 46.93 26.65 24.17
CA ARG L 14 45.95 26.96 25.22
C ARG L 14 44.50 26.76 24.73
N GLN L 15 44.25 27.10 23.47
CA GLN L 15 42.93 26.90 22.85
C GLN L 15 42.65 25.43 22.52
N ILE L 16 43.66 24.70 22.04
CA ILE L 16 43.50 23.25 21.82
C ILE L 16 43.14 22.60 23.16
N ASN L 17 43.94 22.90 24.17
CA ASN L 17 43.73 22.36 25.52
C ASN L 17 42.37 22.75 26.10
N ALA L 18 41.95 23.98 25.85
CA ALA L 18 40.65 24.47 26.31
C ALA L 18 39.49 23.83 25.52
N GLU L 19 39.72 23.53 24.25
CA GLU L 19 38.77 22.75 23.44
C GLU L 19 38.69 21.31 23.98
N ILE L 20 39.84 20.71 24.28
CA ILE L 20 39.87 19.36 24.88
C ILE L 20 39.20 19.36 26.27
N TYR L 21 39.22 20.50 26.95
CA TYR L 21 38.48 20.65 28.21
C TYR L 21 36.99 20.76 27.96
N SER L 22 36.59 21.58 26.98
CA SER L 22 35.15 21.79 26.73
C SER L 22 34.44 20.46 26.55
N ALA L 23 34.99 19.64 25.66
CA ALA L 23 34.53 18.26 25.48
C ALA L 23 34.40 17.56 26.84
N TYR L 24 35.52 17.52 27.58
CA TYR L 24 35.56 16.87 28.88
C TYR L 24 34.41 17.38 29.74
N LEU L 25 34.17 18.69 29.71
CA LEU L 25 33.03 19.29 30.42
C LEU L 25 31.73 18.69 29.94
N TYR L 26 31.55 18.71 28.62
CA TYR L 26 30.32 18.19 28.00
C TYR L 26 30.11 16.69 28.30
N LEU L 27 31.20 15.96 28.48
CA LEU L 27 31.11 14.56 28.87
C LEU L 27 30.46 14.43 30.26
N SER L 28 30.95 15.21 31.22
CA SER L 28 30.43 15.17 32.58
C SER L 28 28.95 15.52 32.66
N MET L 29 28.53 16.41 31.75
CA MET L 29 27.12 16.75 31.62
C MET L 29 26.36 15.51 31.18
N ALA L 30 26.90 14.83 30.18
CA ALA L 30 26.31 13.56 29.73
C ALA L 30 26.15 12.62 30.92
N SER L 31 27.19 12.52 31.74
CA SER L 31 27.14 11.71 32.95
C SER L 31 26.11 12.23 33.97
N TYR L 32 25.95 13.55 34.04
CA TYR L 32 24.88 14.15 34.85
C TYR L 32 23.49 13.76 34.33
N PHE L 33 23.22 14.06 33.06
CA PHE L 33 21.92 13.80 32.43
C PHE L 33 21.60 12.32 32.39
N ASP L 34 22.66 11.51 32.26
CA ASP L 34 22.54 10.06 32.34
C ASP L 34 21.82 9.75 33.65
N SER L 35 22.49 10.11 34.76
CA SER L 35 22.02 9.83 36.13
C SER L 35 20.53 10.15 36.29
N ILE L 36 20.13 11.36 35.93
CA ILE L 36 18.74 11.79 36.08
C ILE L 36 17.80 11.24 34.99
N GLY L 37 18.29 10.33 34.15
CA GLY L 37 17.43 9.54 33.25
C GLY L 37 17.02 10.17 31.94
N LEU L 38 17.73 11.23 31.53
CA LEU L 38 17.41 11.92 30.28
C LEU L 38 18.35 11.48 29.18
N LYS L 39 17.84 10.60 28.30
CA LYS L 39 18.66 9.96 27.29
C LYS L 39 18.97 10.90 26.14
N GLY L 40 18.01 11.73 25.78
CA GLY L 40 18.20 12.70 24.71
C GLY L 40 19.18 13.79 25.07
N PHE L 41 19.05 14.32 26.28
CA PHE L 41 19.95 15.37 26.79
C PHE L 41 21.36 14.85 27.02
N SER L 42 21.47 13.57 27.37
CA SER L 42 22.77 12.94 27.48
C SER L 42 23.34 12.70 26.08
N ASN L 43 22.49 12.26 25.14
CA ASN L 43 22.90 12.02 23.73
C ASN L 43 23.38 13.28 23.01
N TRP L 44 22.77 14.42 23.32
CA TRP L 44 23.20 15.71 22.78
C TRP L 44 24.64 15.98 23.25
N MET L 45 24.85 15.84 24.56
CA MET L 45 26.15 16.13 25.14
C MET L 45 27.27 15.25 24.59
N ARG L 46 26.98 13.98 24.38
CA ARG L 46 27.96 13.06 23.85
C ARG L 46 28.38 13.50 22.45
N VAL L 47 27.40 13.80 21.59
CA VAL L 47 27.69 14.25 20.24
C VAL L 47 28.56 15.50 20.28
N GLN L 48 28.26 16.40 21.21
CA GLN L 48 29.02 17.63 21.39
C GLN L 48 30.41 17.31 21.97
N TRP L 49 30.47 16.37 22.91
CA TRP L 49 31.75 15.85 23.38
C TRP L 49 32.64 15.48 22.20
N GLN L 50 32.06 14.86 21.19
CA GLN L 50 32.76 14.55 19.94
C GLN L 50 33.16 15.81 19.17
N GLU L 51 32.16 16.61 18.77
CA GLU L 51 32.40 17.80 17.91
C GLU L 51 33.31 18.89 18.53
N GLU L 52 33.55 18.84 19.84
CA GLU L 52 34.57 19.70 20.47
C GLU L 52 35.97 19.04 20.39
N LEU L 53 36.00 17.72 20.47
CA LEU L 53 37.19 16.96 20.15
C LEU L 53 37.61 17.12 18.68
N CYS L 54 36.64 17.44 17.80
CA CYS L 54 36.95 17.77 16.40
C CYS L 54 37.68 19.11 16.29
N HIS L 55 37.09 20.13 16.91
CA HIS L 55 37.66 21.49 16.87
C HIS L 55 39.10 21.51 17.40
N ALA L 56 39.47 20.50 18.19
CA ALA L 56 40.83 20.37 18.71
C ALA L 56 41.78 19.77 17.69
N MET L 57 41.34 18.70 17.04
CA MET L 57 42.20 17.97 16.09
C MET L 57 42.36 18.72 14.76
N LYS L 58 41.44 19.62 14.44
CA LYS L 58 41.61 20.49 13.30
C LYS L 58 42.85 21.34 13.56
N MET L 59 42.82 22.06 14.68
CA MET L 59 43.90 22.96 15.10
C MET L 59 45.18 22.22 15.50
N PHE L 60 45.04 20.97 15.90
CA PHE L 60 46.21 20.09 16.07
C PHE L 60 46.93 19.97 14.73
N ASP L 61 46.18 19.68 13.68
CA ASP L 61 46.73 19.50 12.34
C ASP L 61 47.30 20.78 11.76
N PHE L 62 46.68 21.90 12.10
CA PHE L 62 47.11 23.20 11.58
C PHE L 62 48.50 23.57 12.07
N VAL L 63 48.69 23.55 13.39
CA VAL L 63 49.99 23.86 13.98
C VAL L 63 51.07 22.92 13.44
N SER L 64 50.77 21.62 13.41
CA SER L 64 51.72 20.61 12.92
C SER L 64 52.07 20.78 11.45
N GLU L 65 51.13 21.27 10.64
CA GLU L 65 51.35 21.52 9.21
C GLU L 65 52.24 22.76 9.00
N ARG L 66 52.04 23.79 9.83
CA ARG L 66 52.74 25.07 9.68
C ARG L 66 54.22 25.08 10.14
N GLY L 67 54.59 24.22 11.07
CA GLY L 67 55.99 24.10 11.53
C GLY L 67 56.22 24.07 13.03
N GLY L 68 55.18 24.34 13.82
CA GLY L 68 55.26 24.36 15.29
C GLY L 68 55.22 22.98 15.95
N ARG L 69 54.91 22.98 17.25
CA ARG L 69 54.89 21.76 18.06
C ARG L 69 53.71 21.77 19.05
N ILE L 70 53.19 20.59 19.38
CA ILE L 70 52.00 20.45 20.23
C ILE L 70 52.34 19.78 21.57
N PHE L 71 52.38 20.57 22.64
CA PHE L 71 52.60 20.03 23.99
C PHE L 71 51.27 20.03 24.76
N LEU L 72 50.91 18.86 25.30
CA LEU L 72 49.58 18.63 25.87
C LEU L 72 49.54 18.73 27.40
N GLN L 73 48.92 19.79 27.91
CA GLN L 73 48.86 20.02 29.36
C GLN L 73 47.81 19.16 30.05
N ASP L 74 47.81 19.18 31.38
CA ASP L 74 46.82 18.47 32.17
C ASP L 74 45.42 19.03 31.93
N ILE L 75 44.41 18.20 32.17
CA ILE L 75 43.00 18.59 32.01
C ILE L 75 42.36 18.71 33.38
N LYS L 76 41.69 19.82 33.63
CA LYS L 76 40.98 20.03 34.90
C LYS L 76 39.72 19.16 34.99
N LYS L 77 39.49 18.60 36.17
CA LYS L 77 38.19 18.00 36.46
C LYS L 77 37.08 19.03 36.24
N PRO L 78 35.90 18.60 35.77
CA PRO L 78 34.79 19.53 35.56
C PRO L 78 33.80 19.56 36.73
N ASP L 79 32.81 20.44 36.62
CA ASP L 79 31.63 20.38 37.50
C ASP L 79 30.92 19.07 37.19
N SER L 80 30.62 18.30 38.21
CA SER L 80 29.89 17.06 38.03
C SER L 80 28.59 17.06 38.84
N GLU L 81 28.00 18.26 39.01
CA GLU L 81 26.67 18.41 39.63
C GLU L 81 26.01 19.69 39.13
N TRP L 82 24.70 19.62 38.87
CA TRP L 82 23.91 20.77 38.46
C TRP L 82 22.50 20.70 38.98
N GLU L 83 21.91 21.88 39.21
CA GLU L 83 20.60 22.01 39.87
C GLU L 83 19.41 21.46 39.07
N SER L 84 19.54 21.44 37.75
CA SER L 84 18.44 21.02 36.89
C SER L 84 18.96 20.88 35.47
N PRO L 85 18.04 20.59 34.52
CA PRO L 85 18.44 20.71 33.12
C PRO L 85 18.82 22.16 32.81
N LEU L 86 17.91 23.07 33.13
CA LEU L 86 18.06 24.50 32.84
C LEU L 86 19.33 25.09 33.46
N ALA L 87 19.63 24.72 34.70
CA ALA L 87 20.86 25.15 35.33
C ALA L 87 22.02 24.68 34.50
N ALA L 88 22.00 23.41 34.13
CA ALA L 88 23.08 22.80 33.36
C ALA L 88 23.31 23.48 32.01
N PHE L 89 22.24 23.88 31.33
CA PHE L 89 22.36 24.59 30.04
C PHE L 89 22.72 26.08 30.14
N GLU L 90 22.51 26.68 31.32
CA GLU L 90 23.01 28.03 31.59
C GLU L 90 24.48 28.04 31.96
N HIS L 91 25.06 26.85 32.11
CA HIS L 91 26.51 26.70 32.22
C HIS L 91 27.13 26.47 30.84
N VAL L 92 26.40 25.80 29.96
CA VAL L 92 26.84 25.58 28.58
C VAL L 92 26.98 26.92 27.86
N TYR L 93 25.87 27.66 27.79
CA TYR L 93 25.82 28.94 27.06
C TYR L 93 26.84 29.96 27.57
N GLU L 94 27.04 30.00 28.88
CA GLU L 94 27.98 30.94 29.49
C GLU L 94 29.44 30.56 29.24
N HIS L 95 29.72 29.26 29.06
CA HIS L 95 31.07 28.79 28.77
C HIS L 95 31.48 29.09 27.32
N GLU L 96 30.58 28.82 26.37
CA GLU L 96 30.86 29.08 24.95
C GLU L 96 31.11 30.57 24.69
N VAL L 97 30.42 31.44 25.44
CA VAL L 97 30.65 32.88 25.37
C VAL L 97 32.09 33.22 25.76
N ASN L 98 32.63 32.48 26.73
CA ASN L 98 34.04 32.64 27.09
C ASN L 98 34.98 32.20 25.98
N VAL L 99 34.66 31.07 25.37
CA VAL L 99 35.44 30.56 24.25
C VAL L 99 35.37 31.52 23.07
N THR L 100 34.16 32.01 22.78
CA THR L 100 33.95 32.95 21.65
C THR L 100 34.86 34.16 21.78
N LYS L 101 34.88 34.77 22.96
CA LYS L 101 35.78 35.88 23.24
C LYS L 101 37.24 35.45 23.15
N ARG L 102 37.53 34.24 23.62
CA ARG L 102 38.89 33.67 23.56
C ARG L 102 39.43 33.57 22.13
N ILE L 103 38.55 33.32 21.16
CA ILE L 103 38.92 33.26 19.74
C ILE L 103 39.29 34.67 19.24
N HIS L 104 38.38 35.62 19.46
CA HIS L 104 38.56 37.03 19.06
C HIS L 104 39.91 37.62 19.49
N GLU L 105 40.44 37.14 20.62
CA GLU L 105 41.77 37.53 21.08
C GLU L 105 42.87 36.97 20.19
N LEU L 106 42.73 35.71 19.80
CA LEU L 106 43.65 35.08 18.86
C LEU L 106 43.56 35.72 17.47
N VAL L 107 42.34 36.10 17.07
CA VAL L 107 42.10 36.78 15.79
C VAL L 107 42.84 38.13 15.78
N GLU L 108 42.61 38.95 16.80
CA GLU L 108 43.26 40.25 16.94
C GLU L 108 44.79 40.13 17.15
N MET L 109 45.24 38.96 17.61
CA MET L 109 46.66 38.67 17.74
C MET L 109 47.33 38.39 16.38
N ALA L 110 46.61 37.70 15.49
CA ALA L 110 47.14 37.33 14.17
C ALA L 110 47.24 38.53 13.21
N MET L 111 46.29 39.46 13.30
CA MET L 111 46.28 40.67 12.46
C MET L 111 47.52 41.51 12.72
N GLN L 112 47.85 41.63 14.01
CA GLN L 112 49.00 42.41 14.47
C GLN L 112 50.32 41.73 14.14
N GLU L 113 50.35 40.40 14.29
CA GLU L 113 51.53 39.63 13.89
C GLU L 113 51.57 39.42 12.36
N LYS L 114 50.50 39.82 11.68
CA LYS L 114 50.44 39.77 10.21
C LYS L 114 50.68 38.35 9.72
N ASP L 115 50.15 37.41 10.50
CA ASP L 115 50.30 35.98 10.28
C ASP L 115 49.04 35.52 9.53
N PHE L 116 48.86 36.08 8.33
CA PHE L 116 47.57 36.00 7.61
C PHE L 116 47.04 34.58 7.47
N ALA L 117 47.96 33.65 7.20
CA ALA L 117 47.62 32.23 7.10
C ALA L 117 46.71 31.78 8.24
N THR L 118 47.12 32.13 9.46
CA THR L 118 46.39 31.78 10.67
C THR L 118 45.12 32.61 10.81
N TYR L 119 45.20 33.92 10.56
CA TYR L 119 43.99 34.75 10.65
C TYR L 119 42.87 34.05 9.93
N ASN L 120 43.17 33.67 8.68
CA ASN L 120 42.21 32.98 7.84
C ASN L 120 41.68 31.73 8.52
N PHE L 121 42.60 30.82 8.86
CA PHE L 121 42.26 29.54 9.47
C PHE L 121 41.19 29.66 10.55
N LEU L 122 41.35 30.63 11.43
CA LEU L 122 40.47 30.81 12.59
C LEU L 122 39.07 31.26 12.19
N GLN L 123 38.91 31.77 10.97
CA GLN L 123 37.60 32.24 10.51
C GLN L 123 36.54 31.13 10.45
N TRP L 124 36.98 29.87 10.37
CA TRP L 124 36.06 28.75 10.51
C TRP L 124 35.54 28.67 11.93
N TYR L 125 36.44 28.75 12.90
CA TYR L 125 36.06 28.74 14.31
C TYR L 125 35.22 29.98 14.62
N VAL L 126 35.62 31.11 14.05
CA VAL L 126 34.90 32.36 14.28
C VAL L 126 33.45 32.15 13.92
N ALA L 127 33.21 31.66 12.70
CA ALA L 127 31.86 31.39 12.21
C ALA L 127 31.20 30.31 13.05
N GLU L 128 31.92 29.21 13.27
CA GLU L 128 31.45 28.08 14.10
C GLU L 128 30.79 28.53 15.42
N GLN L 129 31.45 29.41 16.16
CA GLN L 129 30.94 29.83 17.47
C GLN L 129 29.64 30.65 17.40
N VAL L 130 29.30 31.17 16.23
CA VAL L 130 27.98 31.75 16.06
C VAL L 130 26.93 30.62 16.22
N GLU L 131 27.24 29.42 15.74
CA GLU L 131 26.34 28.26 15.86
C GLU L 131 26.28 27.62 17.26
N GLU L 132 27.39 27.68 18.00
CA GLU L 132 27.46 27.10 19.35
C GLU L 132 26.66 27.93 20.36
N GLU L 133 26.73 29.25 20.23
CA GLU L 133 25.96 30.14 21.07
C GLU L 133 24.47 29.98 20.84
N ALA L 134 23.99 30.33 19.66
CA ALA L 134 22.54 30.35 19.39
C ALA L 134 21.85 28.98 19.54
N SER L 135 22.57 27.88 19.28
CA SER L 135 22.06 26.52 19.52
C SER L 135 21.70 26.34 20.97
N ALA L 136 22.70 26.61 21.82
CA ALA L 136 22.55 26.58 23.28
C ALA L 136 21.41 27.51 23.70
N LEU L 137 21.53 28.79 23.37
CA LEU L 137 20.54 29.79 23.79
C LEU L 137 19.11 29.39 23.42
N ASP L 138 18.93 28.78 22.24
CA ASP L 138 17.62 28.25 21.83
C ASP L 138 17.14 27.14 22.79
N ILE L 139 18.09 26.37 23.32
CA ILE L 139 17.75 25.33 24.31
C ILE L 139 17.62 25.92 25.73
N VAL L 140 18.45 26.91 26.05
CA VAL L 140 18.34 27.62 27.33
C VAL L 140 17.00 28.32 27.45
N GLU L 141 16.64 29.08 26.41
CA GLU L 141 15.37 29.83 26.37
C GLU L 141 14.15 28.92 26.44
N LYS L 142 14.18 27.80 25.73
CA LYS L 142 13.05 26.87 25.72
C LYS L 142 12.83 26.16 27.06
N LEU L 143 13.91 25.88 27.78
CA LEU L 143 13.80 25.27 29.11
C LEU L 143 13.12 26.21 30.10
N ARG L 144 13.49 27.49 30.02
CA ARG L 144 12.85 28.55 30.80
C ARG L 144 11.36 28.61 30.48
N LEU L 145 11.00 28.51 29.21
CA LEU L 145 9.60 28.45 28.79
C LEU L 145 8.92 27.20 29.37
N ILE L 146 9.64 26.08 29.31
CA ILE L 146 9.13 24.80 29.81
C ILE L 146 9.02 24.77 31.33
N GLY L 147 10.15 25.00 32.00
CA GLY L 147 10.18 25.15 33.44
C GLY L 147 9.90 23.85 34.14
N GLU L 148 8.72 23.75 34.76
CA GLU L 148 8.36 22.62 35.62
C GLU L 148 7.43 21.59 34.98
N ASP L 149 7.02 21.82 33.74
CA ASP L 149 6.22 20.82 33.01
C ASP L 149 7.11 19.61 32.62
N LYS L 150 6.98 18.52 33.38
CA LYS L 150 7.74 17.27 33.14
C LYS L 150 7.48 16.67 31.78
N ARG L 151 6.28 16.92 31.28
CA ARG L 151 5.84 16.42 30.00
C ARG L 151 6.62 17.01 28.82
N ALA L 152 6.68 18.34 28.76
CA ALA L 152 7.42 19.04 27.71
C ALA L 152 8.91 18.76 27.82
N LEU L 153 9.41 18.61 29.06
CA LEU L 153 10.82 18.32 29.33
C LEU L 153 11.29 17.02 28.67
N LEU L 154 10.36 16.08 28.49
CA LEU L 154 10.63 14.83 27.77
C LEU L 154 10.35 14.97 26.26
N PHE L 155 9.43 15.87 25.90
CA PHE L 155 9.18 16.23 24.49
C PHE L 155 10.45 16.83 23.90
N LEU L 156 11.08 17.74 24.64
CA LEU L 156 12.38 18.28 24.24
C LEU L 156 13.44 17.17 24.22
N ASP L 157 13.48 16.39 25.29
CA ASP L 157 14.44 15.26 25.40
C ASP L 157 14.49 14.45 24.12
N LYS L 158 13.34 14.03 23.61
CA LYS L 158 13.29 13.27 22.36
C LYS L 158 13.92 14.02 21.19
N GLU L 159 13.55 15.28 21.03
CA GLU L 159 14.12 16.12 19.97
C GLU L 159 15.64 16.11 19.99
N LEU L 160 16.23 16.20 21.18
CA LEU L 160 17.69 16.24 21.32
C LEU L 160 18.34 14.89 21.06
N SER L 161 17.55 13.81 21.15
CA SER L 161 18.04 12.46 20.87
C SER L 161 18.44 12.34 19.41
N LEU L 162 17.63 12.91 18.52
CA LEU L 162 17.85 12.92 17.08
C LEU L 162 19.24 13.40 16.61
N ARG L 163 19.90 14.24 17.40
CA ARG L 163 21.18 14.84 17.00
C ARG L 163 22.27 13.80 16.68
N GLN L 164 22.81 13.90 15.47
CA GLN L 164 23.86 13.00 15.03
C GLN L 164 25.07 13.79 14.63
N PHE L 165 26.22 13.26 15.00
CA PHE L 165 27.52 13.90 14.85
C PHE L 165 27.88 14.12 13.37
N THR L 166 28.37 15.32 13.05
CA THR L 166 28.92 15.62 11.70
C THR L 166 30.00 14.61 11.31
MG MG M . -31.12 -24.72 -27.34
MG MG N . 53.08 -30.69 -4.71
#